data_6O82
#
_entry.id   6O82
#
_cell.length_a   182.061
_cell.length_b   114.616
_cell.length_c   125.967
_cell.angle_alpha   90.000
_cell.angle_beta   90.000
_cell.angle_gamma   90.000
#
_symmetry.space_group_name_H-M   'P 21 21 2'
#
loop_
_entity.id
_entity.type
_entity.pdbx_description
1 polymer 'Ubiquitin-activating enzyme E1 1'
2 polymer 'Ubiquitin-60S ribosomal protein L40'
3 non-polymer 'MAGNESIUM ION'
4 non-polymer 'PYROPHOSPHATE 2-'
5 non-polymer 'SULFATE ION'
6 non-polymer 1,2-ETHANEDIOL
7 non-polymer "5'-deoxy-5'-(sulfamoylamino)adenosine"
8 water water
#
loop_
_entity_poly.entity_id
_entity_poly.type
_entity_poly.pdbx_seq_one_letter_code
_entity_poly.pdbx_strand_id
1 'polypeptide(L)'
;SNTIDEGLYSRQLYVLGHEAMKQMSQSNVLIIGCKGLGVEIAKNVCLAGVKSVTLYDPQPTRIEDLSSQYFLTEDDIGVP
RAKVTVSKLAELNQYVPVSVVDELSTEYLKNFKCVVVTETSLTKQLEINDFTHKNHIAYIAADSRGLFGSIFCDFGENFI
CTDTDGNEPLTGMIASITDDGVVTMLEETRHGLENGDFVKFTEVKGMPGLNDGTPRKVEVKGPYTFSIGSVKDLGSAGYN
GVFTQVKVPTKISFKSLRESLKDPEYVYPDFGKMMRPPQYHIAFQALSAFADAHEGSLPRPRNDIDAAEFFEFCKKIAST
LQFDVELDEKLIKEISYQARGDLVAMSAFLGGAVAQEVLKATTSKFYPLKQYFYFDSLESLPSSVTISEETCKPRGCRYD
GQIAVFGSEFQEKIASLSTFLVGAGAIGCEMLKNWAMMGVATGESGHISVTDMDSIEKSNLNRQFLFRPRDVGKLKSECA
STAVSIMNPSLTGKITSYQERVGPESEGIFGDEFFEKLSLVTNALDNVEARMYVDRRCVFFEKPLLESGTLGTKGNTQVV
VPHLTESYGSSQDPPEKSFPICTLKNFPNRIEHTIAWARDLFEGLFKQPIDNVNMYLSSPNFLETSLKTSSNPREVLENI
RDYLVTEKPLSFEECIMWARLQFDKFFNNNIQQLLFNFPKDSVTSTGQPFWSGPKRAPTPLSFDIHNREHFDFIVAAASL
YAFNYGLKSETDPAIYERVLAGYNPPPFAPKSGIKIQVNENEEAPETAANKDKQELKSIADSLPPPSSLVGFRLTPAEFE
KDDDSNHHIDFITAASNLRAMNYDITPADRFKTKFVAGKIVPAMCTSTAVVSGLVCLELVKLVDGKKKIEEYKNGFFNLA
IGLFTFSDPIASPKMKVNGKEIDKIWDRYNLPDCTLQELIDYFQKEEGLEVTMLSSGVSLLYANFQPPKKLAERLPLKIS
ELVEQITKKKLEPFRKHLVLEICCDDANGEDVEVPFICIKL
;
A,C
2 'polypeptide(L)' MQIFVKTLTGKTITLEVESSDTIDNVKSKIQDKEGIPPDQQRLIFAGKQLEDGRTLSDYNIQKESTLHLVLRLCGG B,D
#
loop_
_chem_comp.id
_chem_comp.type
_chem_comp.name
_chem_comp.formula
EDO non-polymer 1,2-ETHANEDIOL 'C2 H6 O2'
JZU non-polymer 5'-deoxy-5'-(sulfamoylamino)adenosine 'C10 H15 N7 O5 S'
MG non-polymer 'MAGNESIUM ION' 'Mg 2'
POP non-polymer 'PYROPHOSPHATE 2-' 'H2 O7 P2 -2'
SO4 non-polymer 'SULFATE ION' 'O4 S -2'
#
# COMPACT_ATOMS: atom_id res chain seq x y z
N THR A 3 -9.97 -3.12 40.73
CA THR A 3 -10.93 -2.22 41.38
C THR A 3 -12.26 -2.25 40.63
N ILE A 4 -12.20 -2.37 39.32
CA ILE A 4 -13.40 -2.37 38.47
C ILE A 4 -13.96 -3.78 38.39
N ASP A 5 -15.26 -3.91 38.66
CA ASP A 5 -15.91 -5.21 38.57
C ASP A 5 -15.95 -5.69 37.13
N GLU A 6 -14.97 -6.49 36.73
CA GLU A 6 -14.91 -6.99 35.36
C GLU A 6 -16.02 -7.98 35.06
N GLY A 7 -16.61 -8.60 36.09
CA GLY A 7 -17.69 -9.53 35.85
C GLY A 7 -18.94 -8.85 35.31
N LEU A 8 -19.20 -7.62 35.76
CA LEU A 8 -20.33 -6.85 35.27
C LEU A 8 -20.01 -6.08 33.99
N TYR A 9 -18.83 -5.45 33.95
CA TYR A 9 -18.50 -4.49 32.90
C TYR A 9 -17.69 -5.10 31.76
N SER A 10 -17.61 -6.43 31.69
CA SER A 10 -16.76 -7.08 30.69
C SER A 10 -16.94 -6.49 29.30
N ARG A 11 -18.15 -6.63 28.74
CA ARG A 11 -18.38 -6.21 27.37
C ARG A 11 -18.17 -4.72 27.18
N GLN A 12 -18.51 -3.92 28.20
CA GLN A 12 -18.32 -2.48 28.11
C GLN A 12 -16.85 -2.09 28.24
N LEU A 13 -16.09 -2.83 29.05
CA LEU A 13 -14.67 -2.54 29.18
C LEU A 13 -13.95 -2.70 27.85
N TYR A 14 -14.38 -3.66 27.03
CA TYR A 14 -13.77 -3.85 25.71
C TYR A 14 -14.06 -2.70 24.76
N VAL A 15 -14.92 -1.76 25.14
CA VAL A 15 -15.17 -0.57 24.34
C VAL A 15 -14.47 0.65 24.92
N LEU A 16 -14.59 0.86 26.23
CA LEU A 16 -14.10 2.07 26.87
C LEU A 16 -12.71 1.93 27.48
N GLY A 17 -12.35 0.73 27.96
CA GLY A 17 -11.08 0.53 28.60
C GLY A 17 -11.13 0.82 30.10
N HIS A 18 -10.16 0.25 30.81
CA HIS A 18 -10.11 0.40 32.26
C HIS A 18 -9.88 1.85 32.67
N GLU A 19 -8.92 2.52 32.03
CA GLU A 19 -8.61 3.90 32.38
C GLU A 19 -9.84 4.78 32.26
N ALA A 20 -10.58 4.65 31.17
CA ALA A 20 -11.77 5.47 30.97
C ALA A 20 -12.80 5.24 32.08
N MET A 21 -13.03 3.97 32.43
CA MET A 21 -14.03 3.67 33.46
C MET A 21 -13.56 4.09 34.84
N LYS A 22 -12.24 4.10 35.07
CA LYS A 22 -11.72 4.64 36.33
C LYS A 22 -12.06 6.11 36.46
N GLN A 23 -11.95 6.87 35.37
CA GLN A 23 -12.31 8.28 35.41
C GLN A 23 -13.82 8.45 35.57
N MET A 24 -14.61 7.56 34.96
CA MET A 24 -16.06 7.62 35.14
C MET A 24 -16.45 7.43 36.59
N SER A 25 -15.78 6.51 37.29
CA SER A 25 -16.11 6.23 38.69
C SER A 25 -15.77 7.38 39.61
N GLN A 26 -15.25 8.48 39.09
CA GLN A 26 -14.94 9.67 39.88
C GLN A 26 -15.74 10.88 39.42
N SER A 27 -16.79 10.68 38.61
CA SER A 27 -17.50 11.77 37.95
C SER A 27 -18.98 11.69 38.31
N ASN A 28 -19.44 12.63 39.13
CA ASN A 28 -20.87 12.78 39.39
C ASN A 28 -21.54 13.44 38.19
N VAL A 29 -22.78 13.04 37.93
CA VAL A 29 -23.54 13.54 36.79
C VAL A 29 -24.88 14.07 37.29
N LEU A 30 -25.25 15.26 36.84
CA LEU A 30 -26.54 15.85 37.13
C LEU A 30 -27.41 15.80 35.89
N ILE A 31 -28.66 15.40 36.07
CA ILE A 31 -29.61 15.26 34.97
C ILE A 31 -30.86 16.05 35.32
N ILE A 32 -31.17 17.07 34.53
CA ILE A 32 -32.38 17.87 34.70
C ILE A 32 -33.47 17.28 33.81
N GLY A 33 -34.67 17.14 34.36
CA GLY A 33 -35.77 16.56 33.62
C GLY A 33 -35.80 15.05 33.67
N CYS A 34 -36.91 14.48 34.15
CA CYS A 34 -37.06 13.03 34.22
C CYS A 34 -38.27 12.57 33.43
N LYS A 35 -38.41 13.08 32.20
CA LYS A 35 -39.38 12.55 31.25
C LYS A 35 -38.70 11.44 30.44
N GLY A 36 -39.27 11.08 29.29
CA GLY A 36 -38.72 9.98 28.51
C GLY A 36 -37.25 10.17 28.17
N LEU A 37 -36.87 11.37 27.73
CA LEU A 37 -35.49 11.60 27.31
C LEU A 37 -34.54 11.54 28.49
N GLY A 38 -34.87 12.20 29.60
CA GLY A 38 -33.98 12.24 30.73
C GLY A 38 -33.80 10.89 31.39
N VAL A 39 -34.89 10.11 31.48
CA VAL A 39 -34.80 8.81 32.13
C VAL A 39 -33.99 7.85 31.28
N GLU A 40 -34.04 8.00 29.95
CA GLU A 40 -33.21 7.18 29.09
C GLU A 40 -31.73 7.52 29.26
N ILE A 41 -31.41 8.82 29.33
CA ILE A 41 -30.04 9.24 29.57
C ILE A 41 -29.56 8.71 30.91
N ALA A 42 -30.38 8.86 31.95
CA ALA A 42 -29.99 8.42 33.28
C ALA A 42 -29.82 6.90 33.32
N LYS A 43 -30.68 6.16 32.64
CA LYS A 43 -30.56 4.70 32.60
C LYS A 43 -29.19 4.29 32.07
N ASN A 44 -28.84 4.77 30.87
CA ASN A 44 -27.56 4.38 30.26
C ASN A 44 -26.39 4.82 31.11
N VAL A 45 -26.45 6.03 31.66
CA VAL A 45 -25.35 6.53 32.49
C VAL A 45 -25.20 5.67 33.75
N CYS A 46 -26.31 5.27 34.36
CA CYS A 46 -26.24 4.39 35.53
C CYS A 46 -25.60 3.05 35.16
N LEU A 47 -26.10 2.42 34.10
CA LEU A 47 -25.50 1.17 33.63
C LEU A 47 -24.03 1.36 33.29
N ALA A 48 -23.68 2.52 32.74
CA ALA A 48 -22.31 2.74 32.28
C ALA A 48 -21.32 2.69 33.43
N GLY A 49 -21.69 3.23 34.59
CA GLY A 49 -20.85 3.13 35.78
C GLY A 49 -20.14 4.41 36.16
N VAL A 50 -20.85 5.54 36.08
CA VAL A 50 -20.32 6.80 36.59
C VAL A 50 -20.29 6.72 38.11
N LYS A 51 -19.85 7.79 38.77
CA LYS A 51 -19.77 7.78 40.23
C LYS A 51 -21.16 7.84 40.85
N SER A 52 -22.01 8.73 40.36
CA SER A 52 -23.35 8.89 40.92
C SER A 52 -24.18 9.73 39.96
N VAL A 53 -25.50 9.65 40.12
CA VAL A 53 -26.45 10.38 39.29
C VAL A 53 -27.39 11.14 40.21
N THR A 54 -27.59 12.42 39.94
CA THR A 54 -28.50 13.26 40.70
C THR A 54 -29.60 13.75 39.76
N LEU A 55 -30.85 13.57 40.18
CA LEU A 55 -32.01 13.91 39.38
C LEU A 55 -32.66 15.19 39.90
N TYR A 56 -33.22 15.97 38.98
CA TYR A 56 -33.95 17.18 39.32
C TYR A 56 -35.13 17.33 38.36
N ASP A 57 -36.34 17.13 38.87
CA ASP A 57 -37.55 17.38 38.10
C ASP A 57 -38.73 17.50 39.06
N PRO A 58 -38.96 18.68 39.65
CA PRO A 58 -40.08 18.83 40.58
C PRO A 58 -41.44 18.78 39.91
N GLN A 59 -41.52 19.00 38.61
CA GLN A 59 -42.81 19.03 37.93
C GLN A 59 -43.56 17.72 38.20
N PRO A 60 -44.86 17.78 38.46
CA PRO A 60 -45.61 16.56 38.80
C PRO A 60 -45.86 15.68 37.59
N THR A 61 -46.08 14.41 37.86
CA THR A 61 -46.29 13.42 36.82
C THR A 61 -47.67 13.61 36.18
N ARG A 62 -47.69 13.79 34.87
CA ARG A 62 -48.92 13.81 34.09
C ARG A 62 -49.06 12.50 33.31
N ILE A 63 -50.30 12.21 32.90
CA ILE A 63 -50.58 10.94 32.25
C ILE A 63 -49.79 10.83 30.94
N GLU A 64 -49.71 11.93 30.18
CA GLU A 64 -49.03 11.88 28.88
C GLU A 64 -47.53 11.60 29.03
N ASP A 65 -46.97 11.81 30.21
CA ASP A 65 -45.55 11.53 30.40
C ASP A 65 -45.23 10.06 30.19
N LEU A 66 -46.22 9.18 30.40
CA LEU A 66 -46.02 7.75 30.22
C LEU A 66 -45.93 7.33 28.76
N SER A 67 -46.04 8.26 27.81
CA SER A 67 -45.88 7.91 26.40
C SER A 67 -44.47 7.45 26.08
N SER A 68 -43.48 7.84 26.88
CA SER A 68 -42.10 7.40 26.68
C SER A 68 -41.35 7.12 27.96
N GLN A 69 -41.78 7.66 29.10
CA GLN A 69 -41.10 7.46 30.37
C GLN A 69 -41.60 6.17 31.00
N TYR A 70 -40.76 5.14 30.99
CA TYR A 70 -41.16 3.77 31.31
C TYR A 70 -41.02 3.44 32.79
N PHE A 71 -40.58 4.38 33.63
CA PHE A 71 -40.48 4.15 35.07
C PHE A 71 -41.58 4.88 35.83
N LEU A 72 -42.66 5.27 35.16
CA LEU A 72 -43.78 5.95 35.78
C LEU A 72 -45.05 5.18 35.51
N THR A 73 -45.82 4.91 36.56
CA THR A 73 -47.11 4.25 36.47
C THR A 73 -48.22 5.26 36.66
N GLU A 74 -49.45 4.83 36.38
CA GLU A 74 -50.60 5.71 36.55
C GLU A 74 -50.91 5.98 38.02
N ASP A 75 -50.40 5.14 38.93
CA ASP A 75 -50.50 5.42 40.36
C ASP A 75 -49.60 6.57 40.79
N ASP A 76 -48.66 6.99 39.95
CA ASP A 76 -47.70 8.03 40.29
C ASP A 76 -48.11 9.41 39.81
N ILE A 77 -49.28 9.54 39.18
CA ILE A 77 -49.72 10.83 38.68
C ILE A 77 -49.82 11.82 39.83
N GLY A 78 -49.31 13.03 39.62
CA GLY A 78 -49.26 14.06 40.62
C GLY A 78 -47.96 14.09 41.41
N VAL A 79 -47.27 12.96 41.54
CA VAL A 79 -46.03 12.87 42.28
C VAL A 79 -44.90 13.42 41.41
N PRO A 80 -44.00 14.24 41.95
CA PRO A 80 -42.87 14.73 41.14
C PRO A 80 -42.12 13.57 40.49
N ARG A 81 -41.71 13.78 39.24
CA ARG A 81 -41.17 12.69 38.45
C ARG A 81 -39.82 12.20 38.99
N ALA A 82 -38.99 13.12 39.48
CA ALA A 82 -37.68 12.73 39.98
C ALA A 82 -37.80 11.77 41.16
N LYS A 83 -38.67 12.11 42.12
CA LYS A 83 -38.81 11.27 43.31
C LYS A 83 -39.47 9.94 43.01
N VAL A 84 -40.19 9.82 41.90
CA VAL A 84 -40.74 8.53 41.51
C VAL A 84 -39.73 7.71 40.73
N THR A 85 -38.85 8.38 39.97
CA THR A 85 -37.92 7.67 39.09
C THR A 85 -36.68 7.19 39.82
N VAL A 86 -36.26 7.91 40.86
CA VAL A 86 -35.01 7.57 41.55
C VAL A 86 -35.05 6.13 42.06
N SER A 87 -36.20 5.70 42.57
CA SER A 87 -36.31 4.36 43.12
C SER A 87 -35.93 3.31 42.09
N LYS A 88 -36.38 3.49 40.85
CA LYS A 88 -36.18 2.47 39.82
C LYS A 88 -34.87 2.61 39.08
N LEU A 89 -34.25 3.80 39.10
CA LEU A 89 -32.91 3.96 38.54
C LEU A 89 -31.84 3.41 39.47
N ALA A 90 -32.07 3.49 40.78
CA ALA A 90 -31.12 2.96 41.75
C ALA A 90 -31.00 1.44 41.65
N GLU A 91 -31.99 0.77 41.07
CA GLU A 91 -31.97 -0.68 40.95
C GLU A 91 -31.14 -1.16 39.77
N LEU A 92 -30.76 -0.27 38.86
CA LEU A 92 -30.05 -0.69 37.65
C LEU A 92 -28.63 -1.13 37.97
N ASN A 93 -27.89 -0.33 38.74
CA ASN A 93 -26.47 -0.58 38.98
C ASN A 93 -26.18 -0.30 40.45
N GLN A 94 -25.84 -1.35 41.19
CA GLN A 94 -25.58 -1.22 42.62
C GLN A 94 -24.42 -0.28 42.89
N TYR A 95 -23.50 -0.12 41.94
CA TYR A 95 -22.33 0.73 42.14
C TYR A 95 -22.60 2.20 41.87
N VAL A 96 -23.80 2.56 41.43
CA VAL A 96 -24.11 3.94 41.07
C VAL A 96 -25.24 4.45 41.95
N PRO A 97 -24.95 5.11 43.06
CA PRO A 97 -26.05 5.70 43.85
C PRO A 97 -26.80 6.75 43.06
N VAL A 98 -28.12 6.78 43.25
CA VAL A 98 -28.98 7.75 42.60
C VAL A 98 -29.77 8.49 43.68
N SER A 99 -29.85 9.81 43.53
CA SER A 99 -30.51 10.65 44.51
C SER A 99 -31.29 11.75 43.79
N VAL A 100 -32.09 12.47 44.56
CA VAL A 100 -32.90 13.57 44.05
C VAL A 100 -32.45 14.85 44.73
N VAL A 101 -32.62 15.97 44.03
CA VAL A 101 -32.36 17.30 44.57
C VAL A 101 -33.57 18.16 44.25
N ASP A 102 -34.07 18.89 45.24
CA ASP A 102 -35.26 19.71 45.06
C ASP A 102 -34.93 21.14 44.65
N GLU A 103 -33.76 21.63 45.02
CA GLU A 103 -33.33 23.00 44.71
C GLU A 103 -32.08 22.96 43.86
N LEU A 104 -32.00 23.86 42.88
CA LEU A 104 -30.83 23.99 42.02
C LEU A 104 -30.12 25.30 42.35
N SER A 105 -28.92 25.20 42.89
CA SER A 105 -28.06 26.35 43.16
C SER A 105 -26.94 26.38 42.13
N THR A 106 -26.61 27.58 41.66
CA THR A 106 -25.54 27.72 40.68
C THR A 106 -24.24 27.16 41.21
N GLU A 107 -23.91 27.44 42.47
CA GLU A 107 -22.70 26.90 43.08
C GLU A 107 -22.81 25.40 43.32
N TYR A 108 -24.03 24.87 43.46
CA TYR A 108 -24.21 23.43 43.62
C TYR A 108 -23.80 22.66 42.37
N LEU A 109 -23.75 23.31 41.21
CA LEU A 109 -23.32 22.63 39.99
C LEU A 109 -21.86 22.22 40.06
N LYS A 110 -21.04 22.85 40.90
CA LYS A 110 -19.62 22.52 40.98
C LYS A 110 -19.37 21.11 41.48
N ASN A 111 -20.41 20.39 41.89
CA ASN A 111 -20.25 19.00 42.34
C ASN A 111 -20.22 18.00 41.21
N PHE A 112 -20.55 18.41 39.99
CA PHE A 112 -20.72 17.49 38.87
C PHE A 112 -19.71 17.80 37.78
N LYS A 113 -19.15 16.74 37.19
CA LYS A 113 -18.28 16.89 36.03
C LYS A 113 -19.06 17.11 34.75
N CYS A 114 -20.35 16.79 34.74
CA CYS A 114 -21.18 16.97 33.56
C CYS A 114 -22.62 17.16 33.99
N VAL A 115 -23.30 18.11 33.35
CA VAL A 115 -24.69 18.44 33.64
C VAL A 115 -25.50 18.26 32.36
N VAL A 116 -26.49 17.37 32.40
CA VAL A 116 -27.39 17.15 31.26
C VAL A 116 -28.67 17.91 31.52
N VAL A 117 -29.08 18.73 30.55
CA VAL A 117 -30.22 19.62 30.68
C VAL A 117 -31.27 19.22 29.65
N THR A 118 -32.46 18.86 30.14
CA THR A 118 -33.58 18.55 29.27
C THR A 118 -34.82 19.28 29.77
N GLU A 119 -35.81 19.40 28.88
CA GLU A 119 -37.09 20.03 29.23
C GLU A 119 -36.88 21.36 29.93
N THR A 120 -35.97 22.17 29.40
CA THR A 120 -35.59 23.43 30.00
C THR A 120 -35.59 24.53 28.95
N SER A 121 -36.09 25.70 29.32
CA SER A 121 -36.17 26.82 28.40
C SER A 121 -34.77 27.31 28.03
N LEU A 122 -34.68 27.98 26.88
CA LEU A 122 -33.40 28.52 26.44
C LEU A 122 -32.86 29.53 27.45
N THR A 123 -33.74 30.35 28.02
CA THR A 123 -33.30 31.33 29.01
C THR A 123 -32.59 30.65 30.18
N LYS A 124 -33.18 29.60 30.73
CA LYS A 124 -32.54 28.87 31.81
C LYS A 124 -31.30 28.13 31.34
N GLN A 125 -31.31 27.62 30.11
CA GLN A 125 -30.12 26.98 29.56
C GLN A 125 -28.94 27.95 29.56
N LEU A 126 -29.13 29.13 28.97
CA LEU A 126 -28.06 30.12 28.93
C LEU A 126 -27.57 30.44 30.33
N GLU A 127 -28.48 30.53 31.29
CA GLU A 127 -28.08 30.81 32.67
C GLU A 127 -27.20 29.71 33.23
N ILE A 128 -27.52 28.45 32.91
CA ILE A 128 -26.74 27.32 33.40
C ILE A 128 -25.41 27.23 32.66
N ASN A 129 -25.46 27.35 31.34
CA ASN A 129 -24.24 27.16 30.54
C ASN A 129 -23.25 28.29 30.79
N ASP A 130 -23.74 29.51 30.99
CA ASP A 130 -22.84 30.62 31.33
C ASP A 130 -21.95 30.24 32.51
N PHE A 131 -22.52 29.60 33.53
CA PHE A 131 -21.75 29.22 34.70
C PHE A 131 -20.85 28.02 34.44
N THR A 132 -21.43 26.93 33.92
CA THR A 132 -20.63 25.73 33.66
C THR A 132 -19.47 26.02 32.73
N HIS A 133 -19.69 26.87 31.72
CA HIS A 133 -18.63 27.18 30.77
C HIS A 133 -17.48 27.91 31.44
N LYS A 134 -17.76 28.65 32.52
CA LYS A 134 -16.73 29.39 33.23
C LYS A 134 -16.09 28.59 34.36
N ASN A 135 -16.71 27.50 34.80
CA ASN A 135 -16.25 26.77 35.97
C ASN A 135 -15.88 25.33 35.64
N HIS A 136 -15.52 25.06 34.38
CA HIS A 136 -14.93 23.78 33.99
C HIS A 136 -15.91 22.63 34.25
N ILE A 137 -17.15 22.80 33.80
CA ILE A 137 -18.20 21.80 33.94
C ILE A 137 -18.78 21.53 32.57
N ALA A 138 -18.79 20.26 32.17
CA ALA A 138 -19.33 19.88 30.87
C ALA A 138 -20.84 20.12 30.84
N TYR A 139 -21.34 20.58 29.70
CA TYR A 139 -22.74 20.92 29.54
C TYR A 139 -23.30 20.17 28.33
N ILE A 140 -24.46 19.54 28.51
CA ILE A 140 -25.15 18.85 27.43
C ILE A 140 -26.63 19.15 27.54
N ALA A 141 -27.25 19.58 26.44
CA ALA A 141 -28.67 19.91 26.41
C ALA A 141 -29.31 19.19 25.24
N ALA A 142 -30.36 18.42 25.52
CA ALA A 142 -31.07 17.68 24.48
C ALA A 142 -32.57 17.82 24.72
N ASP A 143 -33.34 17.64 23.66
CA ASP A 143 -34.79 17.73 23.73
C ASP A 143 -35.41 16.90 22.62
N SER A 144 -36.51 16.22 22.96
CA SER A 144 -37.25 15.37 22.03
C SER A 144 -38.60 16.03 21.78
N ARG A 145 -38.82 16.46 20.53
CA ARG A 145 -40.05 17.16 20.15
C ARG A 145 -40.63 16.42 18.93
N GLY A 146 -41.55 15.50 19.19
CA GLY A 146 -42.15 14.75 18.10
C GLY A 146 -41.10 14.01 17.30
N LEU A 147 -41.17 14.13 15.99
CA LEU A 147 -40.20 13.53 15.10
C LEU A 147 -38.94 14.38 14.93
N PHE A 148 -38.69 15.30 15.85
CA PHE A 148 -37.54 16.19 15.79
C PHE A 148 -36.77 16.12 17.09
N GLY A 149 -35.44 16.21 16.99
CA GLY A 149 -34.58 16.17 18.16
C GLY A 149 -33.38 17.07 17.99
N SER A 150 -32.79 17.45 19.11
CA SER A 150 -31.62 18.32 19.12
C SER A 150 -30.72 17.95 20.28
N ILE A 151 -29.41 18.09 20.05
CA ILE A 151 -28.40 17.89 21.08
C ILE A 151 -27.38 19.02 20.98
N PHE A 152 -26.95 19.54 22.13
CA PHE A 152 -25.89 20.53 22.18
C PHE A 152 -24.85 20.12 23.21
N CYS A 153 -23.59 20.20 22.84
CA CYS A 153 -22.49 19.83 23.72
C CYS A 153 -21.53 21.01 23.88
N ASP A 154 -21.05 21.19 25.10
CA ASP A 154 -20.07 22.24 25.42
C ASP A 154 -19.21 21.70 26.56
N PHE A 155 -18.06 21.12 26.21
CA PHE A 155 -17.16 20.54 27.19
C PHE A 155 -16.03 21.50 27.58
N GLY A 156 -16.21 22.79 27.32
CA GLY A 156 -15.18 23.76 27.62
C GLY A 156 -14.27 24.04 26.43
N GLU A 157 -13.59 25.18 26.49
CA GLU A 157 -12.76 25.63 25.38
C GLU A 157 -11.33 25.11 25.46
N ASN A 158 -11.06 24.15 26.34
CA ASN A 158 -9.74 23.51 26.41
C ASN A 158 -9.89 22.03 26.70
N PHE A 159 -10.83 21.38 26.05
CA PHE A 159 -11.08 19.96 26.23
C PHE A 159 -10.04 19.15 25.46
N ILE A 160 -9.36 18.24 26.17
CA ILE A 160 -8.32 17.40 25.58
C ILE A 160 -8.93 16.03 25.32
N CYS A 161 -9.06 15.66 24.05
CA CYS A 161 -9.51 14.33 23.66
C CYS A 161 -8.29 13.45 23.41
N THR A 162 -8.24 12.31 24.09
CA THR A 162 -7.08 11.42 24.01
C THR A 162 -7.27 10.30 23.00
N ASP A 163 -8.48 10.08 22.51
CA ASP A 163 -8.74 9.08 21.48
C ASP A 163 -9.87 9.61 20.61
N THR A 164 -9.57 9.95 19.36
CA THR A 164 -10.51 10.66 18.50
C THR A 164 -11.28 9.73 17.57
N ASP A 165 -11.15 8.41 17.71
CA ASP A 165 -11.87 7.51 16.83
C ASP A 165 -12.17 6.15 17.47
N GLY A 166 -11.55 5.85 18.60
CA GLY A 166 -11.79 4.58 19.26
C GLY A 166 -11.23 3.36 18.58
N ASN A 167 -10.50 3.53 17.47
CA ASN A 167 -9.87 2.41 16.81
C ASN A 167 -8.60 1.99 17.54
N GLU A 168 -8.33 0.70 17.52
CA GLU A 168 -7.07 0.20 18.06
C GLU A 168 -5.92 0.76 17.21
N PRO A 169 -4.74 0.96 17.80
CA PRO A 169 -3.61 1.45 17.01
C PRO A 169 -3.25 0.48 15.89
N LEU A 170 -3.03 1.02 14.71
CA LEU A 170 -2.60 0.21 13.58
C LEU A 170 -1.20 -0.35 13.85
N THR A 171 -0.91 -1.50 13.23
CA THR A 171 0.38 -2.14 13.39
C THR A 171 0.58 -3.13 12.25
N GLY A 172 1.83 -3.38 11.90
CA GLY A 172 2.13 -4.28 10.81
C GLY A 172 3.61 -4.56 10.71
N MET A 173 3.93 -5.64 10.00
CA MET A 173 5.30 -6.08 9.83
C MET A 173 5.95 -5.39 8.65
N ILE A 174 7.19 -4.94 8.84
CA ILE A 174 7.92 -4.19 7.83
C ILE A 174 8.87 -5.14 7.10
N ALA A 175 9.13 -4.82 5.83
CA ALA A 175 10.10 -5.55 5.02
C ALA A 175 11.42 -4.80 4.90
N SER A 176 11.36 -3.50 4.60
CA SER A 176 12.57 -2.73 4.38
C SER A 176 12.27 -1.25 4.65
N ILE A 177 13.35 -0.51 4.93
CA ILE A 177 13.30 0.93 5.10
C ILE A 177 14.52 1.52 4.40
N THR A 178 14.30 2.40 3.44
CA THR A 178 15.41 3.08 2.78
C THR A 178 15.95 4.18 3.67
N ASP A 179 17.16 4.65 3.33
CA ASP A 179 17.80 5.69 4.13
C ASP A 179 17.02 6.99 4.08
N ASP A 180 16.31 7.26 2.98
CA ASP A 180 15.47 8.45 2.90
C ASP A 180 14.13 8.27 3.62
N GLY A 181 13.82 7.06 4.08
CA GLY A 181 12.68 6.87 4.96
C GLY A 181 11.46 6.21 4.35
N VAL A 182 11.64 5.44 3.28
CA VAL A 182 10.52 4.78 2.61
C VAL A 182 10.32 3.41 3.25
N VAL A 183 9.22 3.27 3.99
CA VAL A 183 8.88 2.00 4.64
C VAL A 183 8.01 1.20 3.68
N THR A 184 8.45 -0.02 3.37
CA THR A 184 7.72 -0.94 2.51
C THR A 184 7.16 -2.07 3.38
N MET A 185 5.85 -2.24 3.35
CA MET A 185 5.22 -3.28 4.15
C MET A 185 5.58 -4.66 3.62
N LEU A 186 5.32 -5.67 4.46
CA LEU A 186 5.72 -7.04 4.16
C LEU A 186 4.64 -7.74 3.35
N GLU A 187 5.06 -8.39 2.27
CA GLU A 187 4.20 -9.28 1.49
C GLU A 187 2.82 -8.67 1.24
N GLU A 188 2.83 -7.50 0.62
CA GLU A 188 1.60 -6.83 0.20
C GLU A 188 0.61 -6.71 1.35
N THR A 189 1.09 -6.26 2.49
CA THR A 189 0.28 -6.05 3.69
C THR A 189 -0.01 -4.56 3.82
N ARG A 190 -1.29 -4.19 3.86
CA ARG A 190 -1.67 -2.80 3.95
C ARG A 190 -1.44 -2.26 5.35
N HIS A 191 -0.88 -1.05 5.43
CA HIS A 191 -0.62 -0.42 6.71
C HIS A 191 -1.86 0.28 7.26
N GLY A 192 -2.74 0.77 6.40
CA GLY A 192 -3.98 1.39 6.83
C GLY A 192 -3.83 2.81 7.35
N LEU A 193 -2.62 3.37 7.33
CA LEU A 193 -2.36 4.69 7.86
C LEU A 193 -2.90 5.77 6.92
N GLU A 194 -3.03 6.99 7.48
CA GLU A 194 -3.35 8.18 6.73
C GLU A 194 -2.23 9.19 6.91
N ASN A 195 -2.11 10.12 5.96
CA ASN A 195 -1.19 11.23 6.12
C ASN A 195 -1.40 11.89 7.47
N GLY A 196 -0.30 12.15 8.18
CA GLY A 196 -0.35 12.83 9.45
C GLY A 196 -0.36 11.92 10.65
N ASP A 197 -0.48 10.61 10.45
CA ASP A 197 -0.39 9.68 11.57
C ASP A 197 1.05 9.54 12.04
N PHE A 198 1.20 9.02 13.26
CA PHE A 198 2.50 8.81 13.88
C PHE A 198 2.68 7.33 14.19
N VAL A 199 3.90 6.84 14.01
CA VAL A 199 4.22 5.43 14.19
C VAL A 199 5.55 5.29 14.91
N LYS A 200 5.61 4.34 15.84
CA LYS A 200 6.86 3.88 16.45
C LYS A 200 7.31 2.61 15.75
N PHE A 201 8.53 2.17 16.08
CA PHE A 201 9.10 1.00 15.46
C PHE A 201 9.73 0.09 16.51
N THR A 202 9.88 -1.19 16.14
CA THR A 202 10.52 -2.17 16.99
C THR A 202 11.04 -3.30 16.10
N GLU A 203 12.19 -3.85 16.48
CA GLU A 203 12.82 -4.97 15.78
C GLU A 203 13.32 -4.60 14.39
N VAL A 204 13.46 -3.31 14.10
CA VAL A 204 14.01 -2.89 12.82
C VAL A 204 15.51 -3.20 12.80
N LYS A 205 15.95 -3.96 11.80
CA LYS A 205 17.34 -4.31 11.65
C LYS A 205 18.08 -3.26 10.83
N GLY A 206 19.34 -3.03 11.19
CA GLY A 206 20.16 -2.06 10.49
C GLY A 206 19.93 -0.62 10.87
N MET A 207 18.96 -0.34 11.74
CA MET A 207 18.62 1.03 12.14
C MET A 207 18.25 1.02 13.61
N PRO A 208 19.23 0.79 14.49
CA PRO A 208 18.91 0.61 15.92
C PRO A 208 18.19 1.79 16.53
N GLY A 209 18.63 3.02 16.24
CA GLY A 209 18.02 4.19 16.82
C GLY A 209 16.55 4.35 16.50
N LEU A 210 16.06 3.65 15.46
CA LEU A 210 14.68 3.80 15.05
C LEU A 210 13.72 3.10 16.00
N ASN A 211 14.20 2.12 16.76
CA ASN A 211 13.35 1.35 17.67
C ASN A 211 13.20 2.00 19.03
N ASP A 212 13.74 3.21 19.22
CA ASP A 212 13.73 3.84 20.54
C ASP A 212 12.36 4.32 20.97
N GLY A 213 11.39 4.35 20.07
CA GLY A 213 10.03 4.73 20.42
C GLY A 213 9.66 6.17 20.18
N THR A 214 10.51 6.94 19.51
CA THR A 214 10.15 8.31 19.15
C THR A 214 9.16 8.29 18.00
N PRO A 215 7.96 8.88 18.15
CA PRO A 215 7.01 8.90 17.03
C PRO A 215 7.52 9.72 15.86
N ARG A 216 7.09 9.31 14.66
CA ARG A 216 7.49 9.99 13.43
C ARG A 216 6.27 10.15 12.54
N LYS A 217 5.98 11.39 12.14
CA LYS A 217 4.85 11.65 11.26
C LYS A 217 5.02 10.88 9.96
N VAL A 218 3.90 10.44 9.41
CA VAL A 218 3.89 9.53 8.26
C VAL A 218 3.32 10.26 7.04
N GLU A 219 3.88 9.95 5.88
CA GLU A 219 3.36 10.39 4.59
C GLU A 219 3.07 9.16 3.76
N VAL A 220 1.80 8.96 3.40
CA VAL A 220 1.37 7.75 2.72
C VAL A 220 1.73 7.86 1.24
N LYS A 221 2.54 6.92 0.76
CA LYS A 221 2.88 6.84 -0.65
C LYS A 221 2.02 5.85 -1.42
N GLY A 222 1.33 4.95 -0.72
CA GLY A 222 0.51 3.94 -1.35
C GLY A 222 -0.06 3.01 -0.30
N PRO A 223 -0.88 2.05 -0.73
CA PRO A 223 -1.47 1.12 0.24
C PRO A 223 -0.44 0.30 1.00
N TYR A 224 0.73 0.06 0.41
CA TYR A 224 1.74 -0.80 1.01
C TYR A 224 3.04 -0.05 1.34
N THR A 225 3.04 1.27 1.24
CA THR A 225 4.25 2.05 1.43
C THR A 225 3.93 3.39 2.06
N PHE A 226 4.85 3.89 2.87
CA PHE A 226 4.74 5.22 3.43
C PHE A 226 6.12 5.71 3.79
N SER A 227 6.24 7.02 4.00
CA SER A 227 7.52 7.65 4.30
C SER A 227 7.49 8.27 5.69
N ILE A 228 8.65 8.26 6.34
CA ILE A 228 8.81 8.86 7.67
C ILE A 228 9.85 9.96 7.68
N GLY A 229 10.43 10.30 6.54
CA GLY A 229 11.47 11.31 6.47
C GLY A 229 12.86 10.70 6.55
N SER A 230 13.85 11.58 6.41
CA SER A 230 15.25 11.13 6.38
C SER A 230 15.60 10.34 7.63
N VAL A 231 16.29 9.22 7.42
CA VAL A 231 16.83 8.43 8.52
C VAL A 231 18.27 8.06 8.18
N LYS A 232 18.94 8.89 7.39
CA LYS A 232 20.34 8.65 7.04
C LYS A 232 21.23 8.72 8.26
N ASP A 233 20.92 9.61 9.20
CA ASP A 233 21.67 9.76 10.44
C ASP A 233 21.55 8.57 11.36
N LEU A 234 21.02 7.45 10.88
CA LEU A 234 20.63 6.34 11.73
C LEU A 234 20.88 4.98 11.11
N GLY A 235 21.20 4.91 9.83
CA GLY A 235 21.48 3.65 9.16
C GLY A 235 21.40 3.81 7.66
N SER A 236 21.99 2.84 6.96
CA SER A 236 21.97 2.85 5.50
C SER A 236 20.77 2.11 4.92
N ALA A 237 20.25 1.11 5.63
CA ALA A 237 19.10 0.35 5.15
C ALA A 237 18.44 -0.37 6.32
N GLY A 238 17.14 -0.16 6.47
CA GLY A 238 16.38 -0.89 7.46
C GLY A 238 15.83 -2.19 6.89
N TYR A 239 15.72 -3.20 7.76
CA TYR A 239 15.22 -4.50 7.35
C TYR A 239 14.32 -5.06 8.45
N ASN A 240 13.21 -5.65 8.04
CA ASN A 240 12.27 -6.28 8.97
C ASN A 240 11.74 -5.27 9.97
N GLY A 241 11.11 -5.76 11.04
CA GLY A 241 10.59 -4.91 12.09
C GLY A 241 9.08 -4.78 12.03
N VAL A 242 8.57 -3.99 12.97
CA VAL A 242 7.13 -3.81 13.15
C VAL A 242 6.86 -2.36 13.52
N PHE A 243 5.96 -1.72 12.80
CA PHE A 243 5.52 -0.38 13.17
C PHE A 243 4.25 -0.47 14.01
N THR A 244 4.07 0.52 14.89
CA THR A 244 2.88 0.64 15.71
C THR A 244 2.43 2.09 15.69
N GLN A 245 1.15 2.31 15.40
CA GLN A 245 0.61 3.66 15.38
C GLN A 245 0.67 4.28 16.76
N VAL A 246 0.98 5.58 16.80
CA VAL A 246 0.96 6.37 18.02
C VAL A 246 -0.21 7.33 17.90
N LYS A 247 -1.23 7.12 18.74
CA LYS A 247 -2.41 7.97 18.69
C LYS A 247 -2.12 9.30 19.37
N VAL A 248 -2.42 10.39 18.68
CA VAL A 248 -2.13 11.74 19.16
C VAL A 248 -3.38 12.32 19.79
N PRO A 249 -3.27 13.07 20.88
CA PRO A 249 -4.44 13.79 21.42
C PRO A 249 -4.70 15.07 20.66
N THR A 250 -5.91 15.60 20.84
CA THR A 250 -6.32 16.85 20.22
C THR A 250 -7.05 17.69 21.24
N LYS A 251 -6.74 19.00 21.26
CA LYS A 251 -7.51 19.93 22.05
C LYS A 251 -8.74 20.37 21.27
N ILE A 252 -9.91 20.25 21.89
CA ILE A 252 -11.18 20.63 21.28
C ILE A 252 -11.72 21.81 22.05
N SER A 253 -11.85 22.96 21.38
CA SER A 253 -12.35 24.18 22.00
C SER A 253 -13.82 24.33 21.65
N PHE A 254 -14.69 24.23 22.66
CA PHE A 254 -16.12 24.38 22.49
C PHE A 254 -16.52 25.83 22.76
N LYS A 255 -17.47 26.33 21.98
CA LYS A 255 -18.09 27.61 22.25
C LYS A 255 -19.22 27.43 23.26
N SER A 256 -19.51 28.50 23.99
CA SER A 256 -20.63 28.45 24.93
C SER A 256 -21.95 28.51 24.17
N LEU A 257 -23.02 28.14 24.87
CA LEU A 257 -24.35 28.18 24.27
C LEU A 257 -24.71 29.60 23.81
N ARG A 258 -24.23 30.61 24.52
CA ARG A 258 -24.60 31.99 24.21
C ARG A 258 -23.92 32.48 22.93
N GLU A 259 -22.61 32.25 22.81
CA GLU A 259 -21.88 32.75 21.66
C GLU A 259 -22.02 31.87 20.44
N SER A 260 -22.31 30.58 20.61
CA SER A 260 -22.56 29.70 19.48
C SER A 260 -23.98 29.82 18.95
N LEU A 261 -24.88 30.39 19.73
CA LEU A 261 -26.26 30.57 19.27
C LEU A 261 -26.32 31.39 17.99
N LYS A 262 -25.34 32.27 17.78
CA LYS A 262 -25.29 33.11 16.58
C LYS A 262 -24.60 32.41 15.42
N ASP A 263 -23.50 31.72 15.69
CA ASP A 263 -22.72 31.01 14.68
C ASP A 263 -22.60 29.55 15.09
N PRO A 264 -23.68 28.78 15.01
CA PRO A 264 -23.64 27.40 15.48
C PRO A 264 -22.86 26.50 14.53
N GLU A 265 -22.13 25.56 15.11
CA GLU A 265 -21.40 24.55 14.35
C GLU A 265 -22.23 23.27 14.36
N TYR A 266 -22.63 22.81 13.17
CA TYR A 266 -23.56 21.70 13.04
C TYR A 266 -22.86 20.38 12.83
N VAL A 267 -23.44 19.33 13.39
CA VAL A 267 -23.13 17.95 13.01
C VAL A 267 -24.32 17.44 12.20
N TYR A 268 -24.06 17.10 10.94
CA TYR A 268 -25.14 16.70 10.04
C TYR A 268 -25.37 15.20 10.13
N PRO A 269 -26.53 14.75 10.61
CA PRO A 269 -26.81 13.30 10.60
C PRO A 269 -27.24 12.77 9.25
N ASP A 270 -27.56 13.63 8.29
CA ASP A 270 -28.05 13.19 6.98
C ASP A 270 -27.61 14.22 5.95
N PHE A 271 -26.63 13.85 5.11
CA PHE A 271 -26.20 14.75 4.05
C PHE A 271 -27.25 14.91 2.96
N GLY A 272 -28.34 14.15 3.02
CA GLY A 272 -29.48 14.39 2.16
C GLY A 272 -30.43 15.46 2.66
N LYS A 273 -30.24 15.92 3.89
CA LYS A 273 -31.05 16.96 4.50
C LYS A 273 -30.17 18.09 4.99
N MET A 274 -29.16 18.46 4.19
CA MET A 274 -28.14 19.41 4.64
C MET A 274 -28.73 20.77 4.99
N MET A 275 -29.87 21.13 4.40
CA MET A 275 -30.44 22.46 4.56
C MET A 275 -31.36 22.58 5.77
N ARG A 276 -31.55 21.51 6.55
CA ARG A 276 -32.54 21.51 7.61
C ARG A 276 -31.99 21.98 8.96
N PRO A 277 -30.79 21.59 9.35
CA PRO A 277 -30.29 21.98 10.69
C PRO A 277 -30.41 23.47 10.94
N PRO A 278 -30.10 24.31 9.95
CA PRO A 278 -30.30 25.76 10.18
C PRO A 278 -31.75 26.10 10.48
N GLN A 279 -32.69 25.55 9.72
CA GLN A 279 -34.11 25.76 10.01
C GLN A 279 -34.45 25.31 11.42
N TYR A 280 -33.88 24.17 11.84
CA TYR A 280 -34.20 23.62 13.17
C TYR A 280 -33.56 24.45 14.28
N HIS A 281 -32.37 25.00 14.03
CA HIS A 281 -31.74 25.88 15.01
C HIS A 281 -32.68 27.01 15.39
N ILE A 282 -33.36 27.59 14.41
CA ILE A 282 -34.31 28.67 14.67
C ILE A 282 -35.57 28.13 15.32
N ALA A 283 -36.02 26.96 14.88
CA ALA A 283 -37.34 26.45 15.31
C ALA A 283 -37.32 26.03 16.78
N PHE A 284 -36.23 25.43 17.25
CA PHE A 284 -36.16 25.03 18.65
C PHE A 284 -36.09 26.23 19.58
N GLN A 285 -35.43 27.32 19.15
CA GLN A 285 -35.46 28.54 19.93
C GLN A 285 -36.85 29.14 19.96
N ALA A 286 -37.52 29.19 18.80
CA ALA A 286 -38.88 29.70 18.74
C ALA A 286 -39.82 28.86 19.58
N LEU A 287 -39.50 27.58 19.77
CA LEU A 287 -40.30 26.73 20.63
C LEU A 287 -40.22 27.17 22.08
N SER A 288 -39.06 27.67 22.49
CA SER A 288 -38.88 28.13 23.87
C SER A 288 -39.46 29.52 24.08
N ALA A 289 -39.47 30.35 23.03
CA ALA A 289 -40.14 31.64 23.10
C ALA A 289 -41.65 31.46 23.22
N PHE A 290 -42.22 30.54 22.45
CA PHE A 290 -43.63 30.23 22.57
C PHE A 290 -43.96 29.79 24.00
N ALA A 291 -43.11 28.96 24.59
CA ALA A 291 -43.35 28.51 25.97
C ALA A 291 -43.39 29.70 26.92
N ASP A 292 -42.38 30.57 26.85
CA ASP A 292 -42.34 31.72 27.74
C ASP A 292 -43.55 32.62 27.55
N ALA A 293 -44.13 32.63 26.35
CA ALA A 293 -45.29 33.48 26.09
C ALA A 293 -46.57 32.87 26.62
N HIS A 294 -46.75 31.56 26.46
CA HIS A 294 -47.97 30.88 26.85
C HIS A 294 -47.78 30.09 28.15
N GLU A 295 -47.02 30.63 29.10
CA GLU A 295 -46.90 30.04 30.43
C GLU A 295 -46.32 28.62 30.37
N GLY A 296 -45.19 28.49 29.69
CA GLY A 296 -44.49 27.22 29.62
C GLY A 296 -45.19 26.15 28.82
N SER A 297 -46.22 26.50 28.05
CA SER A 297 -46.96 25.53 27.25
C SER A 297 -46.45 25.55 25.81
N LEU A 298 -46.29 24.38 25.23
CA LEU A 298 -45.91 24.26 23.83
C LEU A 298 -47.13 24.28 22.93
N PRO A 299 -46.95 24.53 21.63
CA PRO A 299 -48.10 24.53 20.72
C PRO A 299 -48.90 23.25 20.86
N ARG A 300 -50.21 23.36 20.63
CA ARG A 300 -51.09 22.21 20.73
C ARG A 300 -50.96 21.34 19.48
N PRO A 301 -51.22 20.04 19.60
CA PRO A 301 -50.95 19.13 18.47
C PRO A 301 -51.68 19.57 17.21
N ARG A 302 -50.90 19.86 16.17
CA ARG A 302 -51.43 20.14 14.84
C ARG A 302 -52.37 21.35 14.85
N ASN A 303 -52.09 22.32 15.72
CA ASN A 303 -52.91 23.52 15.84
C ASN A 303 -52.35 24.61 14.93
N ASP A 304 -53.20 25.12 14.03
CA ASP A 304 -52.73 26.10 13.06
C ASP A 304 -52.49 27.46 13.71
N ILE A 305 -53.38 27.87 14.61
CA ILE A 305 -53.20 29.17 15.27
C ILE A 305 -51.87 29.22 16.01
N ASP A 306 -51.59 28.17 16.80
CA ASP A 306 -50.30 28.11 17.50
C ASP A 306 -49.15 28.05 16.53
N ALA A 307 -49.34 27.42 15.36
CA ALA A 307 -48.26 27.32 14.38
C ALA A 307 -47.96 28.68 13.76
N ALA A 308 -49.00 29.47 13.47
CA ALA A 308 -48.79 30.80 12.91
C ALA A 308 -48.01 31.68 13.88
N GLU A 309 -48.40 31.67 15.16
CA GLU A 309 -47.67 32.44 16.16
C GLU A 309 -46.25 31.93 16.31
N PHE A 310 -46.07 30.61 16.25
CA PHE A 310 -44.73 30.03 16.30
C PHE A 310 -43.89 30.50 15.12
N PHE A 311 -44.44 30.38 13.90
CA PHE A 311 -43.72 30.81 12.71
C PHE A 311 -43.31 32.28 12.79
N GLU A 312 -44.11 33.10 13.48
CA GLU A 312 -43.73 34.50 13.66
C GLU A 312 -42.53 34.64 14.58
N PHE A 313 -42.48 33.85 15.65
CA PHE A 313 -41.30 33.85 16.51
C PHE A 313 -40.05 33.51 15.72
N CYS A 314 -40.14 32.53 14.81
CA CYS A 314 -38.99 32.18 13.99
C CYS A 314 -38.52 33.38 13.17
N LYS A 315 -39.45 34.15 12.60
CA LYS A 315 -39.08 35.36 11.89
C LYS A 315 -38.33 36.33 12.79
N LYS A 316 -38.85 36.56 13.99
CA LYS A 316 -38.20 37.49 14.91
C LYS A 316 -36.83 36.99 15.33
N ILE A 317 -36.72 35.70 15.62
CA ILE A 317 -35.43 35.13 16.02
C ILE A 317 -34.46 35.13 14.85
N ALA A 318 -34.94 34.80 13.64
CA ALA A 318 -34.07 34.83 12.48
C ALA A 318 -33.50 36.22 12.26
N SER A 319 -34.28 37.26 12.55
CA SER A 319 -33.80 38.63 12.43
C SER A 319 -32.89 39.00 13.58
N THR A 320 -33.24 38.60 14.80
CA THR A 320 -32.42 38.92 15.96
C THR A 320 -31.04 38.29 15.85
N LEU A 321 -30.97 37.07 15.31
CA LEU A 321 -29.71 36.38 15.12
C LEU A 321 -29.03 36.73 13.79
N GLN A 322 -29.64 37.58 12.98
CA GLN A 322 -29.08 37.96 11.68
C GLN A 322 -28.88 36.73 10.80
N PHE A 323 -29.84 35.81 10.84
CA PHE A 323 -29.77 34.57 10.09
C PHE A 323 -30.15 34.83 8.64
N ASP A 324 -29.14 34.83 7.75
CA ASP A 324 -29.37 35.02 6.33
C ASP A 324 -29.84 33.70 5.73
N VAL A 325 -31.10 33.38 5.99
CA VAL A 325 -31.69 32.12 5.54
C VAL A 325 -33.17 32.35 5.28
N GLU A 326 -33.65 31.79 4.17
CA GLU A 326 -35.07 31.84 3.82
C GLU A 326 -35.77 30.67 4.51
N LEU A 327 -36.65 30.99 5.46
CA LEU A 327 -37.28 29.96 6.27
C LEU A 327 -38.21 29.10 5.44
N ASP A 328 -38.17 27.79 5.69
CA ASP A 328 -39.09 26.84 5.08
C ASP A 328 -40.33 26.76 5.97
N GLU A 329 -41.41 27.42 5.55
CA GLU A 329 -42.60 27.53 6.38
C GLU A 329 -43.17 26.16 6.72
N LYS A 330 -43.38 25.33 5.71
CA LYS A 330 -44.02 24.03 5.93
C LYS A 330 -43.19 23.18 6.90
N LEU A 331 -41.86 23.20 6.76
CA LEU A 331 -41.01 22.42 7.64
C LEU A 331 -41.04 22.96 9.06
N ILE A 332 -40.89 24.26 9.23
CA ILE A 332 -40.85 24.87 10.56
C ILE A 332 -42.17 24.64 11.28
N LYS A 333 -43.29 24.92 10.60
CA LYS A 333 -44.59 24.71 11.21
C LYS A 333 -44.78 23.27 11.64
N GLU A 334 -44.14 22.32 10.95
CA GLU A 334 -44.27 20.91 11.31
C GLU A 334 -43.71 20.65 12.71
N ILE A 335 -42.71 21.43 13.13
CA ILE A 335 -42.16 21.28 14.47
C ILE A 335 -43.16 21.77 15.52
N SER A 336 -43.89 22.84 15.19
CA SER A 336 -44.94 23.32 16.09
C SER A 336 -46.08 22.32 16.21
N TYR A 337 -46.52 21.79 15.06
CA TYR A 337 -47.58 20.78 15.08
C TYR A 337 -47.22 19.61 16.00
N GLN A 338 -45.97 19.17 15.95
CA GLN A 338 -45.52 18.02 16.73
C GLN A 338 -44.86 18.41 18.03
N ALA A 339 -44.98 19.68 18.44
CA ALA A 339 -44.24 20.16 19.60
C ALA A 339 -44.47 19.29 20.83
N ARG A 340 -45.72 18.89 21.07
CA ARG A 340 -46.06 18.09 22.23
C ARG A 340 -45.91 16.59 22.00
N GLY A 341 -45.25 16.19 20.91
CA GLY A 341 -45.03 14.77 20.67
C GLY A 341 -43.92 14.22 21.54
N ASP A 342 -44.18 13.05 22.12
CA ASP A 342 -43.24 12.38 23.04
C ASP A 342 -43.15 10.92 22.61
N LEU A 343 -42.22 10.63 21.71
CA LEU A 343 -42.05 9.30 21.12
C LEU A 343 -40.90 8.58 21.80
N VAL A 344 -41.14 7.34 22.23
CA VAL A 344 -40.10 6.58 22.91
C VAL A 344 -38.92 6.32 21.98
N ALA A 345 -39.20 6.08 20.70
CA ALA A 345 -38.12 5.86 19.74
C ALA A 345 -37.19 7.06 19.69
N MET A 346 -37.73 8.27 19.71
CA MET A 346 -36.90 9.47 19.68
C MET A 346 -36.08 9.60 20.96
N SER A 347 -36.65 9.21 22.11
CA SER A 347 -35.91 9.28 23.35
C SER A 347 -34.82 8.22 23.42
N ALA A 348 -35.09 7.03 22.89
CA ALA A 348 -34.05 6.00 22.80
C ALA A 348 -32.89 6.49 21.94
N PHE A 349 -33.20 6.99 20.75
CA PHE A 349 -32.17 7.47 19.83
C PHE A 349 -31.34 8.58 20.46
N LEU A 350 -32.01 9.68 20.87
CA LEU A 350 -31.29 10.79 21.47
C LEU A 350 -30.69 10.39 22.82
N GLY A 351 -31.45 9.64 23.62
CA GLY A 351 -30.96 9.29 24.95
C GLY A 351 -29.69 8.46 24.90
N GLY A 352 -29.62 7.49 23.99
CA GLY A 352 -28.40 6.72 23.83
C GLY A 352 -27.23 7.58 23.40
N ALA A 353 -27.46 8.48 22.45
CA ALA A 353 -26.39 9.36 21.97
C ALA A 353 -25.94 10.31 23.07
N VAL A 354 -26.87 10.97 23.75
CA VAL A 354 -26.50 11.88 24.83
C VAL A 354 -25.72 11.14 25.91
N ALA A 355 -26.18 9.94 26.27
CA ALA A 355 -25.49 9.17 27.29
C ALA A 355 -24.03 8.95 26.90
N GLN A 356 -23.78 8.61 25.64
CA GLN A 356 -22.40 8.44 25.17
C GLN A 356 -21.63 9.75 25.28
N GLU A 357 -22.26 10.88 24.95
CA GLU A 357 -21.59 12.17 25.08
C GLU A 357 -21.23 12.46 26.52
N VAL A 358 -22.04 12.01 27.47
CA VAL A 358 -21.72 12.20 28.88
C VAL A 358 -20.46 11.43 29.24
N LEU A 359 -20.31 10.22 28.70
CA LEU A 359 -19.10 9.45 28.96
C LEU A 359 -17.88 10.09 28.30
N LYS A 360 -18.07 10.69 27.12
CA LYS A 360 -16.97 11.40 26.47
C LYS A 360 -16.46 12.53 27.36
N ALA A 361 -17.37 13.30 27.95
CA ALA A 361 -16.96 14.42 28.79
C ALA A 361 -16.20 13.95 30.03
N THR A 362 -16.53 12.76 30.55
CA THR A 362 -15.93 12.26 31.78
C THR A 362 -14.75 11.33 31.54
N THR A 363 -14.47 10.95 30.30
CA THR A 363 -13.34 10.08 30.00
C THR A 363 -12.31 10.70 29.07
N SER A 364 -12.67 11.74 28.31
CA SER A 364 -11.79 12.30 27.29
C SER A 364 -11.53 11.29 26.17
N LYS A 365 -12.46 10.36 25.96
CA LYS A 365 -12.34 9.33 24.95
C LYS A 365 -13.45 9.50 23.92
N PHE A 366 -13.08 9.35 22.63
CA PHE A 366 -13.99 9.52 21.50
C PHE A 366 -14.21 10.99 21.20
N TYR A 367 -14.55 11.30 19.96
CA TYR A 367 -14.71 12.69 19.52
C TYR A 367 -16.13 13.15 19.81
N PRO A 368 -16.34 14.19 20.61
CA PRO A 368 -17.70 14.60 20.96
C PRO A 368 -18.38 15.37 19.82
N LEU A 369 -19.70 15.43 19.91
CA LEU A 369 -20.47 16.26 18.99
C LEU A 369 -20.06 17.72 19.16
N LYS A 370 -19.80 18.38 18.04
CA LYS A 370 -19.23 19.74 18.02
C LYS A 370 -19.99 20.54 16.96
N GLN A 371 -21.07 21.24 17.36
CA GLN A 371 -21.63 21.23 18.72
C GLN A 371 -23.15 21.05 18.71
N TYR A 372 -23.77 21.31 17.57
CA TYR A 372 -25.23 21.25 17.43
C TYR A 372 -25.61 20.06 16.56
N PHE A 373 -26.39 19.15 17.12
CA PHE A 373 -26.85 17.96 16.42
C PHE A 373 -28.37 18.05 16.31
N TYR A 374 -28.86 18.43 15.12
CA TYR A 374 -30.28 18.54 14.86
C TYR A 374 -30.72 17.39 13.95
N PHE A 375 -31.80 16.73 14.33
CA PHE A 375 -32.21 15.48 13.70
C PHE A 375 -33.71 15.48 13.45
N ASP A 376 -34.13 14.74 12.43
CA ASP A 376 -35.55 14.50 12.19
C ASP A 376 -35.73 13.15 11.54
N SER A 377 -36.87 12.54 11.81
CA SER A 377 -37.31 11.33 11.11
C SER A 377 -38.68 11.61 10.50
N LEU A 378 -38.79 12.72 9.78
CA LEU A 378 -40.09 13.19 9.32
C LEU A 378 -40.73 12.22 8.34
N GLU A 379 -39.94 11.34 7.71
CA GLU A 379 -40.52 10.31 6.87
C GLU A 379 -41.38 9.32 7.66
N SER A 380 -41.27 9.33 8.99
CA SER A 380 -42.07 8.45 9.83
C SER A 380 -43.50 8.96 10.03
N LEU A 381 -43.79 10.19 9.61
CA LEU A 381 -45.12 10.75 9.78
C LEU A 381 -46.12 9.96 8.94
N PRO A 382 -47.18 9.40 9.54
CA PRO A 382 -48.11 8.58 8.75
C PRO A 382 -48.81 9.38 7.65
N SER A 383 -49.18 8.66 6.59
CA SER A 383 -49.92 9.25 5.49
C SER A 383 -51.18 8.49 5.12
N SER A 384 -51.40 7.31 5.69
CA SER A 384 -52.60 6.53 5.41
C SER A 384 -53.76 6.91 6.30
N VAL A 385 -53.56 7.85 7.23
CA VAL A 385 -54.60 8.27 8.16
C VAL A 385 -54.62 9.79 8.23
N THR A 386 -55.78 10.33 8.59
CA THR A 386 -55.94 11.76 8.73
C THR A 386 -55.11 12.27 9.90
N ILE A 387 -54.22 13.23 9.64
CA ILE A 387 -53.41 13.86 10.66
C ILE A 387 -53.89 15.30 10.79
N SER A 388 -54.73 15.56 11.78
CA SER A 388 -55.31 16.88 11.99
C SER A 388 -55.28 17.20 13.48
N GLU A 389 -55.73 18.41 13.82
CA GLU A 389 -55.87 18.78 15.23
C GLU A 389 -56.92 17.93 15.92
N GLU A 390 -57.90 17.43 15.17
CA GLU A 390 -58.95 16.60 15.74
C GLU A 390 -58.46 15.19 16.02
N THR A 391 -57.59 14.65 15.17
CA THR A 391 -57.14 13.28 15.32
C THR A 391 -56.00 13.16 16.33
N CYS A 392 -55.19 14.20 16.48
CA CYS A 392 -54.03 14.17 17.36
C CYS A 392 -54.31 14.73 18.76
N LYS A 393 -55.54 15.15 19.03
CA LYS A 393 -55.83 15.79 20.30
C LYS A 393 -55.59 14.82 21.45
N PRO A 394 -55.31 15.32 22.66
CA PRO A 394 -55.13 14.42 23.80
C PRO A 394 -56.40 13.65 24.11
N ARG A 395 -56.21 12.46 24.69
CA ARG A 395 -57.31 11.58 25.01
C ARG A 395 -57.31 11.14 26.47
N GLY A 396 -56.38 11.66 27.29
CA GLY A 396 -56.32 11.27 28.69
C GLY A 396 -55.77 9.88 28.93
N CYS A 397 -54.86 9.42 28.07
CA CYS A 397 -54.28 8.09 28.19
C CYS A 397 -52.77 8.19 28.18
N ARG A 398 -52.11 7.06 28.45
CA ARG A 398 -50.66 7.02 28.48
C ARG A 398 -50.02 7.28 27.13
N TYR A 399 -50.79 7.22 26.03
CA TYR A 399 -50.24 7.37 24.69
C TYR A 399 -50.45 8.76 24.11
N ASP A 400 -50.86 9.73 24.93
CA ASP A 400 -51.13 11.08 24.40
C ASP A 400 -49.89 11.65 23.71
N GLY A 401 -48.70 11.37 24.24
CA GLY A 401 -47.49 11.87 23.62
C GLY A 401 -47.26 11.29 22.24
N GLN A 402 -47.76 10.09 21.98
CA GLN A 402 -47.64 9.47 20.67
C GLN A 402 -48.81 9.84 19.76
N ILE A 403 -50.01 9.94 20.32
CA ILE A 403 -51.17 10.38 19.55
C ILE A 403 -50.96 11.79 19.02
N ALA A 404 -50.17 12.60 19.73
CA ALA A 404 -49.94 13.97 19.30
C ALA A 404 -49.33 14.03 17.90
N VAL A 405 -48.62 12.99 17.49
CA VAL A 405 -47.97 12.95 16.18
C VAL A 405 -48.75 12.09 15.20
N PHE A 406 -49.21 10.92 15.63
CA PHE A 406 -49.76 9.92 14.72
C PHE A 406 -51.28 9.90 14.67
N GLY A 407 -51.96 10.33 15.72
CA GLY A 407 -53.40 10.33 15.77
C GLY A 407 -53.96 9.10 16.46
N SER A 408 -55.26 9.17 16.76
CA SER A 408 -55.93 8.07 17.45
C SER A 408 -56.21 6.90 16.51
N GLU A 409 -56.58 7.19 15.27
CA GLU A 409 -56.79 6.12 14.29
C GLU A 409 -55.52 5.30 14.10
N PHE A 410 -54.35 5.96 14.12
CA PHE A 410 -53.09 5.25 13.99
C PHE A 410 -52.74 4.47 15.26
N GLN A 411 -53.14 5.00 16.42
CA GLN A 411 -52.84 4.32 17.68
C GLN A 411 -53.47 2.93 17.71
N GLU A 412 -54.64 2.76 17.09
CA GLU A 412 -55.28 1.45 17.07
C GLU A 412 -54.52 0.48 16.18
N LYS A 413 -53.91 0.98 15.10
CA LYS A 413 -53.13 0.10 14.23
C LYS A 413 -51.91 -0.45 14.96
N ILE A 414 -51.23 0.38 15.74
CA ILE A 414 -50.10 -0.08 16.54
C ILE A 414 -50.56 -1.12 17.54
N ALA A 415 -51.74 -0.91 18.15
CA ALA A 415 -52.21 -1.80 19.21
C ALA A 415 -52.56 -3.19 18.71
N SER A 416 -52.90 -3.33 17.43
CA SER A 416 -53.32 -4.61 16.87
C SER A 416 -52.20 -5.35 16.16
N LEU A 417 -50.97 -4.88 16.26
CA LEU A 417 -49.84 -5.57 15.65
C LEU A 417 -49.66 -6.95 16.26
N SER A 418 -49.22 -7.89 15.43
CA SER A 418 -48.74 -9.19 15.87
C SER A 418 -47.28 -9.29 15.48
N THR A 419 -46.39 -9.24 16.47
CA THR A 419 -44.96 -9.15 16.21
C THR A 419 -44.26 -10.43 16.67
N PHE A 420 -43.02 -10.57 16.20
CA PHE A 420 -42.17 -11.72 16.52
C PHE A 420 -40.77 -11.18 16.78
N LEU A 421 -40.35 -11.18 18.04
CA LEU A 421 -39.04 -10.69 18.43
C LEU A 421 -38.10 -11.88 18.59
N VAL A 422 -37.04 -11.91 17.80
CA VAL A 422 -36.08 -13.01 17.78
C VAL A 422 -34.86 -12.54 18.56
N GLY A 423 -34.81 -12.89 19.84
CA GLY A 423 -33.74 -12.47 20.71
C GLY A 423 -34.24 -11.58 21.84
N ALA A 424 -33.76 -11.83 23.06
CA ALA A 424 -34.17 -11.07 24.24
C ALA A 424 -32.94 -10.60 25.01
N GLY A 425 -31.91 -10.19 24.29
CA GLY A 425 -30.70 -9.68 24.91
C GLY A 425 -30.67 -8.16 24.94
N ALA A 426 -29.57 -7.58 24.47
CA ALA A 426 -29.43 -6.12 24.51
C ALA A 426 -30.48 -5.45 23.63
N ILE A 427 -30.43 -5.69 22.32
CA ILE A 427 -31.40 -5.09 21.41
C ILE A 427 -32.81 -5.55 21.76
N GLY A 428 -32.95 -6.81 22.19
CA GLY A 428 -34.27 -7.32 22.54
C GLY A 428 -34.91 -6.55 23.68
N CYS A 429 -34.15 -6.29 24.74
CA CYS A 429 -34.70 -5.56 25.88
C CYS A 429 -35.12 -4.14 25.49
N GLU A 430 -34.28 -3.44 24.72
CA GLU A 430 -34.64 -2.09 24.30
C GLU A 430 -35.86 -2.13 23.38
N MET A 431 -35.94 -3.14 22.51
CA MET A 431 -37.07 -3.24 21.60
C MET A 431 -38.37 -3.45 22.36
N LEU A 432 -38.36 -4.38 23.33
CA LEU A 432 -39.56 -4.63 24.12
C LEU A 432 -40.00 -3.37 24.87
N LYS A 433 -39.05 -2.65 25.46
CA LYS A 433 -39.37 -1.40 26.16
C LYS A 433 -40.06 -0.42 25.21
N ASN A 434 -39.52 -0.25 24.00
CA ASN A 434 -40.14 0.65 23.04
C ASN A 434 -41.54 0.19 22.71
N TRP A 435 -41.72 -1.10 22.42
CA TRP A 435 -43.04 -1.62 22.08
C TRP A 435 -44.05 -1.35 23.20
N ALA A 436 -43.61 -1.50 24.46
CA ALA A 436 -44.51 -1.29 25.58
C ALA A 436 -44.99 0.16 25.63
N MET A 437 -44.06 1.11 25.47
CA MET A 437 -44.43 2.52 25.52
C MET A 437 -45.28 2.91 24.32
N MET A 438 -45.01 2.34 23.15
CA MET A 438 -45.81 2.62 21.98
C MET A 438 -47.20 1.99 22.05
N GLY A 439 -47.37 0.98 22.91
CA GLY A 439 -48.63 0.27 22.97
C GLY A 439 -48.78 -0.81 21.94
N VAL A 440 -47.67 -1.33 21.40
CA VAL A 440 -47.74 -2.40 20.42
C VAL A 440 -48.45 -3.60 21.03
N ALA A 441 -49.37 -4.19 20.26
CA ALA A 441 -50.03 -5.44 20.60
C ALA A 441 -50.97 -5.32 21.80
N THR A 442 -51.34 -4.10 22.20
CA THR A 442 -52.28 -3.91 23.30
C THR A 442 -53.74 -3.98 22.84
N GLY A 443 -53.98 -4.22 21.55
CA GLY A 443 -55.34 -4.28 21.03
C GLY A 443 -55.92 -5.68 21.09
N GLU A 444 -57.16 -5.78 20.62
CA GLU A 444 -57.86 -7.06 20.62
C GLU A 444 -57.08 -8.11 19.84
N SER A 445 -56.69 -7.78 18.61
CA SER A 445 -55.99 -8.72 17.73
C SER A 445 -54.47 -8.62 17.84
N GLY A 446 -53.96 -7.90 18.83
CA GLY A 446 -52.53 -7.72 18.98
C GLY A 446 -51.89 -8.82 19.83
N HIS A 447 -50.62 -9.06 19.59
CA HIS A 447 -49.88 -10.09 20.32
C HIS A 447 -48.40 -9.94 20.05
N ILE A 448 -47.58 -10.36 21.02
CA ILE A 448 -46.13 -10.36 20.89
C ILE A 448 -45.62 -11.77 21.15
N SER A 449 -44.69 -12.22 20.32
CA SER A 449 -43.98 -13.47 20.52
C SER A 449 -42.50 -13.15 20.66
N VAL A 450 -41.91 -13.55 21.78
CA VAL A 450 -40.49 -13.38 22.05
C VAL A 450 -39.87 -14.77 22.20
N THR A 451 -38.69 -14.95 21.62
CA THR A 451 -38.00 -16.23 21.72
C THR A 451 -36.52 -16.01 21.93
N ASP A 452 -35.92 -16.84 22.77
CA ASP A 452 -34.49 -16.81 23.06
C ASP A 452 -34.12 -18.01 23.90
N MET A 453 -33.10 -18.77 23.50
CA MET A 453 -32.75 -19.99 24.20
C MET A 453 -31.77 -19.77 25.34
N ASP A 454 -31.35 -18.54 25.60
CA ASP A 454 -30.28 -18.27 26.55
C ASP A 454 -30.83 -17.84 27.91
N SER A 455 -29.96 -17.90 28.91
CA SER A 455 -30.29 -17.53 30.27
C SER A 455 -29.47 -16.31 30.69
N ILE A 456 -29.97 -15.60 31.70
CA ILE A 456 -29.36 -14.35 32.11
C ILE A 456 -28.06 -14.63 32.85
N GLU A 457 -27.03 -13.83 32.54
CA GLU A 457 -25.72 -13.94 33.17
C GLU A 457 -25.31 -12.56 33.69
N LYS A 458 -24.29 -12.54 34.54
CA LYS A 458 -23.88 -11.31 35.20
C LYS A 458 -23.54 -10.22 34.18
N SER A 459 -22.66 -10.54 33.22
CA SER A 459 -22.21 -9.52 32.28
C SER A 459 -23.35 -8.99 31.43
N ASN A 460 -24.47 -9.72 31.33
CA ASN A 460 -25.61 -9.23 30.55
C ASN A 460 -26.22 -7.99 31.18
N LEU A 461 -26.13 -7.86 32.49
CA LEU A 461 -26.81 -6.79 33.21
C LEU A 461 -26.26 -5.40 32.88
N ASN A 462 -25.14 -5.31 32.16
CA ASN A 462 -24.58 -4.02 31.81
C ASN A 462 -25.36 -3.31 30.71
N ARG A 463 -26.10 -4.06 29.88
CA ARG A 463 -26.83 -3.47 28.78
C ARG A 463 -28.18 -4.11 28.52
N GLN A 464 -28.58 -5.11 29.31
CA GLN A 464 -29.88 -5.76 29.17
C GLN A 464 -30.69 -5.38 30.42
N PHE A 465 -31.26 -4.17 30.38
CA PHE A 465 -31.75 -3.51 31.58
C PHE A 465 -33.06 -4.04 32.10
N LEU A 466 -33.73 -4.95 31.37
CA LEU A 466 -34.92 -5.58 31.92
C LEU A 466 -34.58 -6.61 32.99
N PHE A 467 -33.32 -7.01 33.10
CA PHE A 467 -32.90 -8.03 34.05
C PHE A 467 -32.25 -7.39 35.27
N ARG A 468 -32.21 -8.15 36.35
CA ARG A 468 -31.61 -7.70 37.60
C ARG A 468 -30.75 -8.83 38.15
N PRO A 469 -29.84 -8.52 39.06
CA PRO A 469 -28.93 -9.56 39.58
C PRO A 469 -29.66 -10.80 40.10
N ARG A 470 -30.85 -10.65 40.68
CA ARG A 470 -31.59 -11.81 41.15
C ARG A 470 -32.21 -12.61 40.01
N ASP A 471 -32.20 -12.09 38.79
CA ASP A 471 -32.70 -12.82 37.63
C ASP A 471 -31.64 -13.71 36.99
N VAL A 472 -30.39 -13.61 37.44
CA VAL A 472 -29.32 -14.45 36.89
C VAL A 472 -29.72 -15.91 36.96
N GLY A 473 -29.60 -16.61 35.84
CA GLY A 473 -29.97 -18.00 35.74
C GLY A 473 -31.35 -18.25 35.17
N LYS A 474 -32.20 -17.23 35.13
CA LYS A 474 -33.52 -17.37 34.56
C LYS A 474 -33.48 -17.17 33.04
N LEU A 475 -34.61 -17.46 32.39
CA LEU A 475 -34.71 -17.31 30.94
C LEU A 475 -34.95 -15.87 30.56
N LYS A 476 -34.23 -15.40 29.54
CA LYS A 476 -34.33 -14.01 29.13
C LYS A 476 -35.73 -13.68 28.62
N SER A 477 -36.29 -14.55 27.78
CA SER A 477 -37.58 -14.25 27.17
C SER A 477 -38.69 -14.15 28.22
N GLU A 478 -38.58 -14.94 29.30
CA GLU A 478 -39.59 -14.88 30.35
C GLU A 478 -39.45 -13.62 31.19
N CYS A 479 -38.24 -13.35 31.69
CA CYS A 479 -38.04 -12.15 32.51
C CYS A 479 -38.42 -10.90 31.73
N ALA A 480 -37.99 -10.81 30.48
CA ALA A 480 -38.28 -9.61 29.69
C ALA A 480 -39.78 -9.45 29.48
N SER A 481 -40.50 -10.55 29.25
CA SER A 481 -41.95 -10.48 29.14
C SER A 481 -42.56 -9.96 30.43
N THR A 482 -42.13 -10.51 31.57
CA THR A 482 -42.66 -10.07 32.86
C THR A 482 -42.32 -8.61 33.11
N ALA A 483 -41.06 -8.22 32.88
CA ALA A 483 -40.64 -6.85 33.16
C ALA A 483 -41.44 -5.85 32.35
N VAL A 484 -41.82 -6.20 31.12
CA VAL A 484 -42.57 -5.27 30.28
C VAL A 484 -44.02 -5.18 30.73
N SER A 485 -44.57 -6.25 31.27
CA SER A 485 -45.92 -6.18 31.84
C SER A 485 -45.99 -5.16 32.97
N ILE A 486 -44.90 -4.99 33.73
CA ILE A 486 -44.87 -3.97 34.75
C ILE A 486 -44.81 -2.58 34.12
N MET A 487 -44.08 -2.44 33.02
CA MET A 487 -43.98 -1.14 32.36
C MET A 487 -45.31 -0.74 31.74
N ASN A 488 -45.99 -1.68 31.08
CA ASN A 488 -47.30 -1.43 30.48
C ASN A 488 -48.21 -2.59 30.83
N PRO A 489 -48.99 -2.47 31.91
CA PRO A 489 -49.88 -3.57 32.31
C PRO A 489 -50.85 -3.99 31.22
N SER A 490 -51.09 -3.16 30.21
CA SER A 490 -51.96 -3.55 29.10
C SER A 490 -51.40 -4.75 28.34
N LEU A 491 -50.13 -5.07 28.53
CA LEU A 491 -49.51 -6.21 27.86
C LEU A 491 -49.60 -7.50 28.66
N THR A 492 -50.28 -7.49 29.80
CA THR A 492 -50.45 -8.71 30.59
C THR A 492 -51.24 -9.73 29.78
N GLY A 493 -50.66 -10.90 29.57
CA GLY A 493 -51.29 -11.95 28.79
C GLY A 493 -51.18 -11.78 27.29
N LYS A 494 -50.69 -10.64 26.81
CA LYS A 494 -50.55 -10.39 25.38
C LYS A 494 -49.22 -10.88 24.83
N ILE A 495 -48.31 -11.35 25.68
CA ILE A 495 -46.97 -11.75 25.28
C ILE A 495 -46.82 -13.25 25.52
N THR A 496 -46.38 -13.98 24.50
CA THR A 496 -46.01 -15.38 24.62
C THR A 496 -44.50 -15.48 24.46
N SER A 497 -43.84 -16.07 25.45
CA SER A 497 -42.39 -16.22 25.44
C SER A 497 -42.02 -17.64 25.07
N TYR A 498 -40.95 -17.78 24.30
CA TYR A 498 -40.41 -19.07 23.92
C TYR A 498 -38.95 -19.13 24.34
N GLN A 499 -38.45 -20.35 24.51
CA GLN A 499 -37.03 -20.60 24.72
C GLN A 499 -36.43 -21.37 23.54
N GLU A 500 -36.93 -21.11 22.34
CA GLU A 500 -36.50 -21.82 21.16
C GLU A 500 -35.37 -21.08 20.45
N ARG A 501 -34.48 -21.86 19.85
CA ARG A 501 -33.43 -21.33 18.98
C ARG A 501 -34.00 -21.23 17.57
N VAL A 502 -34.14 -20.00 17.06
CA VAL A 502 -34.68 -19.83 15.73
C VAL A 502 -33.76 -20.46 14.71
N GLY A 503 -34.30 -21.33 13.88
CA GLY A 503 -33.53 -22.06 12.90
C GLY A 503 -34.35 -23.19 12.31
N PRO A 504 -33.70 -24.02 11.47
CA PRO A 504 -34.43 -25.14 10.87
C PRO A 504 -35.05 -26.10 11.88
N GLU A 505 -34.41 -26.29 13.03
CA GLU A 505 -34.87 -27.30 13.97
C GLU A 505 -36.14 -26.89 14.69
N SER A 506 -36.50 -25.60 14.70
CA SER A 506 -37.67 -25.12 15.41
C SER A 506 -38.79 -24.69 14.48
N GLU A 507 -38.79 -25.19 13.24
CA GLU A 507 -39.86 -24.84 12.30
C GLU A 507 -41.17 -25.54 12.63
N GLY A 508 -41.17 -26.52 13.54
CA GLY A 508 -42.41 -27.11 14.00
C GLY A 508 -43.17 -26.19 14.93
N ILE A 509 -42.45 -25.35 15.68
CA ILE A 509 -43.10 -24.33 16.49
C ILE A 509 -43.38 -23.09 15.65
N PHE A 510 -42.36 -22.60 14.95
CA PHE A 510 -42.46 -21.39 14.13
C PHE A 510 -42.75 -21.75 12.68
N GLY A 511 -43.85 -22.50 12.50
CA GLY A 511 -44.22 -23.01 11.20
C GLY A 511 -45.09 -22.06 10.42
N ASP A 512 -45.75 -22.60 9.39
CA ASP A 512 -46.61 -21.79 8.53
C ASP A 512 -47.72 -21.13 9.33
N GLU A 513 -48.42 -21.92 10.17
CA GLU A 513 -49.51 -21.37 10.95
C GLU A 513 -49.02 -20.25 11.87
N PHE A 514 -47.81 -20.37 12.39
CA PHE A 514 -47.27 -19.34 13.28
C PHE A 514 -46.97 -18.06 12.50
N PHE A 515 -46.31 -18.19 11.34
CA PHE A 515 -45.88 -17.01 10.61
C PHE A 515 -47.06 -16.27 9.99
N GLU A 516 -48.06 -17.01 9.50
CA GLU A 516 -49.16 -16.36 8.77
C GLU A 516 -49.85 -15.30 9.62
N LYS A 517 -49.84 -15.46 10.95
CA LYS A 517 -50.52 -14.51 11.83
C LYS A 517 -49.70 -13.25 12.09
N LEU A 518 -48.39 -13.29 11.87
CA LEU A 518 -47.52 -12.20 12.24
C LEU A 518 -47.70 -10.99 11.34
N SER A 519 -47.60 -9.80 11.93
CA SER A 519 -47.55 -8.57 11.15
C SER A 519 -46.15 -8.27 10.65
N LEU A 520 -45.14 -8.61 11.43
CA LEU A 520 -43.75 -8.30 11.10
C LEU A 520 -42.84 -9.05 12.04
N VAL A 521 -41.58 -9.17 11.65
CA VAL A 521 -40.55 -9.83 12.43
C VAL A 521 -39.46 -8.80 12.73
N THR A 522 -38.95 -8.84 13.95
CA THR A 522 -37.89 -7.95 14.39
C THR A 522 -36.75 -8.78 14.94
N ASN A 523 -35.55 -8.59 14.42
CA ASN A 523 -34.38 -9.33 14.86
C ASN A 523 -33.70 -8.60 16.02
N ALA A 524 -33.20 -9.37 16.97
CA ALA A 524 -32.37 -8.87 18.06
C ALA A 524 -31.25 -9.88 18.32
N LEU A 525 -30.52 -10.21 17.26
CA LEU A 525 -29.58 -11.32 17.26
C LEU A 525 -28.14 -10.84 17.40
N ASP A 526 -27.24 -11.80 17.65
CA ASP A 526 -25.82 -11.52 17.80
C ASP A 526 -24.97 -12.36 16.84
N ASN A 527 -25.57 -12.91 15.79
CA ASN A 527 -24.81 -13.70 14.83
C ASN A 527 -25.47 -13.60 13.46
N VAL A 528 -24.65 -13.72 12.42
CA VAL A 528 -25.13 -13.55 11.05
C VAL A 528 -25.96 -14.77 10.62
N GLU A 529 -25.62 -15.96 11.12
CA GLU A 529 -26.32 -17.17 10.69
C GLU A 529 -27.81 -17.08 11.00
N ALA A 530 -28.17 -16.61 12.20
CA ALA A 530 -29.57 -16.49 12.55
C ALA A 530 -30.25 -15.39 11.74
N ARG A 531 -29.54 -14.30 11.46
CA ARG A 531 -30.09 -13.24 10.63
C ARG A 531 -30.44 -13.77 9.24
N MET A 532 -29.51 -14.49 8.62
CA MET A 532 -29.74 -15.00 7.27
C MET A 532 -30.91 -15.97 7.25
N TYR A 533 -31.07 -16.77 8.31
CA TYR A 533 -32.17 -17.72 8.36
C TYR A 533 -33.50 -16.99 8.49
N VAL A 534 -33.61 -16.05 9.43
CA VAL A 534 -34.85 -15.29 9.60
C VAL A 534 -35.19 -14.58 8.30
N ASP A 535 -34.18 -14.08 7.59
CA ASP A 535 -34.41 -13.37 6.34
C ASP A 535 -35.05 -14.30 5.31
N ARG A 536 -34.51 -15.51 5.17
CA ARG A 536 -35.10 -16.48 4.25
C ARG A 536 -36.56 -16.75 4.60
N ARG A 537 -36.86 -16.88 5.89
CA ARG A 537 -38.22 -17.20 6.31
C ARG A 537 -39.16 -16.04 6.02
N CYS A 538 -38.73 -14.81 6.31
CA CYS A 538 -39.59 -13.66 6.06
C CYS A 538 -39.86 -13.50 4.57
N VAL A 539 -38.87 -13.76 3.73
CA VAL A 539 -39.08 -13.73 2.29
C VAL A 539 -40.11 -14.77 1.88
N PHE A 540 -40.01 -15.97 2.45
CA PHE A 540 -40.93 -17.04 2.08
C PHE A 540 -42.37 -16.72 2.49
N PHE A 541 -42.55 -16.17 3.68
CA PHE A 541 -43.87 -15.83 4.18
C PHE A 541 -44.26 -14.39 3.86
N GLU A 542 -43.46 -13.68 3.07
CA GLU A 542 -43.77 -12.32 2.64
C GLU A 542 -44.09 -11.42 3.84
N LYS A 543 -43.17 -11.44 4.83
CA LYS A 543 -43.32 -10.64 6.03
C LYS A 543 -42.24 -9.57 6.11
N PRO A 544 -42.57 -8.36 6.57
CA PRO A 544 -41.52 -7.37 6.80
C PRO A 544 -40.58 -7.80 7.92
N LEU A 545 -39.34 -7.37 7.81
CA LEU A 545 -38.30 -7.69 8.78
C LEU A 545 -37.59 -6.41 9.19
N LEU A 546 -37.53 -6.17 10.49
CA LEU A 546 -36.73 -5.08 11.05
C LEU A 546 -35.44 -5.66 11.60
N GLU A 547 -34.31 -5.18 11.08
CA GLU A 547 -33.00 -5.74 11.37
C GLU A 547 -32.09 -4.65 11.92
N SER A 548 -31.22 -5.05 12.86
CA SER A 548 -30.30 -4.10 13.47
C SER A 548 -29.10 -4.87 14.02
N GLY A 549 -28.00 -4.15 14.20
CA GLY A 549 -26.81 -4.72 14.80
C GLY A 549 -25.96 -3.64 15.42
N THR A 550 -25.09 -4.07 16.34
CA THR A 550 -24.17 -3.15 17.00
C THR A 550 -22.80 -3.81 17.09
N LEU A 551 -21.79 -2.94 17.26
CA LEU A 551 -20.43 -3.40 17.53
C LEU A 551 -19.74 -2.24 18.24
N GLY A 552 -19.56 -2.38 19.55
CA GLY A 552 -19.02 -1.28 20.33
C GLY A 552 -19.89 -0.04 20.17
N THR A 553 -19.28 1.05 19.69
CA THR A 553 -19.99 2.30 19.47
C THR A 553 -20.69 2.36 18.11
N LYS A 554 -20.54 1.34 17.28
CA LYS A 554 -21.12 1.33 15.94
C LYS A 554 -22.43 0.54 15.93
N GLY A 555 -23.30 0.91 14.99
CA GLY A 555 -24.56 0.21 14.83
C GLY A 555 -25.16 0.48 13.47
N ASN A 556 -26.18 -0.30 13.13
CA ASN A 556 -26.83 -0.15 11.84
C ASN A 556 -28.24 -0.72 11.93
N THR A 557 -29.08 -0.30 10.99
CA THR A 557 -30.44 -0.78 10.87
C THR A 557 -30.74 -1.04 9.41
N GLN A 558 -31.59 -2.04 9.16
CA GLN A 558 -32.02 -2.36 7.80
C GLN A 558 -33.48 -2.81 7.84
N VAL A 559 -34.28 -2.28 6.93
CA VAL A 559 -35.69 -2.64 6.82
C VAL A 559 -35.90 -3.42 5.53
N VAL A 560 -36.69 -4.48 5.62
CA VAL A 560 -37.01 -5.35 4.50
C VAL A 560 -38.51 -5.26 4.28
N VAL A 561 -38.92 -4.72 3.15
CA VAL A 561 -40.32 -4.45 2.84
C VAL A 561 -40.78 -5.42 1.76
N PRO A 562 -41.76 -6.27 2.02
CA PRO A 562 -42.18 -7.24 0.99
C PRO A 562 -42.59 -6.54 -0.30
N HIS A 563 -42.16 -7.12 -1.42
CA HIS A 563 -42.48 -6.64 -2.76
C HIS A 563 -42.03 -5.20 -2.98
N LEU A 564 -40.98 -4.77 -2.27
CA LEU A 564 -40.46 -3.41 -2.45
C LEU A 564 -38.94 -3.38 -2.43
N THR A 565 -38.32 -3.92 -1.37
CA THR A 565 -36.88 -3.84 -1.20
C THR A 565 -36.25 -5.22 -1.34
N GLU A 566 -34.93 -5.22 -1.43
CA GLU A 566 -34.17 -6.46 -1.30
C GLU A 566 -34.17 -6.90 0.17
N SER A 567 -33.74 -8.13 0.40
CA SER A 567 -33.72 -8.70 1.73
C SER A 567 -32.31 -8.62 2.32
N TYR A 568 -32.19 -8.99 3.59
CA TYR A 568 -30.90 -8.89 4.28
C TYR A 568 -29.83 -9.69 3.55
N GLY A 569 -30.18 -10.89 3.08
CA GLY A 569 -29.23 -11.74 2.38
C GLY A 569 -28.96 -11.36 0.95
N SER A 570 -29.56 -10.27 0.47
CA SER A 570 -29.33 -9.85 -0.92
C SER A 570 -27.94 -9.25 -1.11
N SER A 571 -27.27 -8.86 -0.04
CA SER A 571 -25.99 -8.18 -0.12
C SER A 571 -24.96 -8.90 0.74
N GLN A 572 -23.70 -8.74 0.39
CA GLN A 572 -22.61 -9.49 0.98
C GLN A 572 -21.85 -8.64 1.99
N ASP A 573 -21.45 -9.27 3.09
CA ASP A 573 -20.63 -8.65 4.11
C ASP A 573 -19.24 -9.24 4.11
N PRO A 574 -18.24 -8.52 4.63
CA PRO A 574 -16.90 -9.09 4.73
C PRO A 574 -16.91 -10.39 5.54
N PRO A 575 -16.25 -11.44 5.07
CA PRO A 575 -16.30 -12.72 5.77
C PRO A 575 -15.51 -12.68 7.07
N GLU A 576 -15.80 -13.65 7.94
CA GLU A 576 -15.13 -13.74 9.22
C GLU A 576 -13.69 -14.19 9.01
N LYS A 577 -12.76 -13.52 9.71
CA LYS A 577 -11.35 -13.80 9.55
C LYS A 577 -10.99 -15.18 10.12
N SER A 578 -10.08 -15.87 9.44
CA SER A 578 -9.59 -17.17 9.89
C SER A 578 -8.11 -17.28 9.55
N PHE A 579 -7.30 -17.69 10.52
CA PHE A 579 -5.87 -17.77 10.33
C PHE A 579 -5.49 -19.02 9.53
N PRO A 580 -4.41 -18.97 8.76
CA PRO A 580 -3.94 -20.19 8.09
C PRO A 580 -3.52 -21.24 9.11
N ILE A 581 -3.83 -22.50 8.78
CA ILE A 581 -3.50 -23.60 9.69
C ILE A 581 -1.99 -23.64 9.94
N CYS A 582 -1.18 -23.39 8.91
CA CYS A 582 0.27 -23.42 9.07
C CYS A 582 0.73 -22.37 10.06
N THR A 583 0.07 -21.21 10.08
CA THR A 583 0.48 -20.13 10.98
C THR A 583 0.20 -20.48 12.44
N LEU A 584 -0.98 -21.04 12.71
CA LEU A 584 -1.29 -21.44 14.08
C LEU A 584 -0.48 -22.66 14.49
N LYS A 585 -0.25 -23.59 13.56
CA LYS A 585 0.32 -24.88 13.92
C LYS A 585 1.82 -24.77 14.20
N ASN A 586 2.54 -23.89 13.49
CA ASN A 586 3.99 -23.87 13.60
C ASN A 586 4.62 -22.48 13.52
N PHE A 587 4.02 -21.49 12.84
CA PHE A 587 4.67 -20.22 12.57
C PHE A 587 3.82 -19.05 13.05
N PRO A 588 3.50 -19.00 14.34
CA PRO A 588 2.81 -17.83 14.88
C PRO A 588 3.72 -16.61 14.94
N ASN A 589 3.09 -15.45 14.91
CA ASN A 589 3.81 -14.19 15.07
C ASN A 589 2.99 -13.12 15.78
N ARG A 590 1.75 -13.41 16.18
CA ARG A 590 0.95 -12.51 16.99
C ARG A 590 0.36 -13.29 18.15
N ILE A 591 -0.03 -12.56 19.21
CA ILE A 591 -0.63 -13.21 20.36
C ILE A 591 -1.97 -13.85 19.98
N GLU A 592 -2.66 -13.31 18.98
CA GLU A 592 -3.90 -13.91 18.53
C GLU A 592 -3.67 -15.32 17.99
N HIS A 593 -2.47 -15.58 17.46
CA HIS A 593 -2.16 -16.92 16.94
C HIS A 593 -1.94 -17.91 18.06
N THR A 594 -1.35 -17.47 19.18
CA THR A 594 -1.11 -18.38 20.29
C THR A 594 -2.35 -18.60 21.14
N ILE A 595 -3.25 -17.61 21.19
CA ILE A 595 -4.51 -17.79 21.90
C ILE A 595 -5.41 -18.78 21.16
N ALA A 596 -5.46 -18.67 19.83
CA ALA A 596 -6.23 -19.64 19.04
C ALA A 596 -5.64 -21.04 19.19
N TRP A 597 -4.32 -21.14 19.22
CA TRP A 597 -3.66 -22.43 19.44
C TRP A 597 -3.99 -22.97 20.82
N ALA A 598 -3.91 -22.11 21.84
CA ALA A 598 -4.19 -22.55 23.21
C ALA A 598 -5.64 -22.97 23.37
N ARG A 599 -6.56 -22.31 22.68
CA ARG A 599 -7.96 -22.72 22.73
C ARG A 599 -8.14 -24.10 22.10
N ASP A 600 -7.39 -24.40 21.04
CA ASP A 600 -7.44 -25.74 20.46
C ASP A 600 -6.76 -26.76 21.36
N LEU A 601 -5.69 -26.37 22.05
CA LEU A 601 -5.06 -27.26 23.02
C LEU A 601 -6.02 -27.59 24.16
N PHE A 602 -6.66 -26.57 24.73
CA PHE A 602 -7.68 -26.79 25.75
C PHE A 602 -8.71 -27.81 25.29
N GLU A 603 -9.18 -27.66 24.05
CA GLU A 603 -10.16 -28.59 23.49
C GLU A 603 -9.56 -29.98 23.30
N GLY A 604 -8.27 -30.05 22.95
CA GLY A 604 -7.65 -31.32 22.64
C GLY A 604 -7.18 -32.13 23.84
N LEU A 605 -7.09 -31.51 25.01
CA LEU A 605 -6.67 -32.21 26.21
C LEU A 605 -7.81 -32.52 27.15
N PHE A 606 -8.84 -31.67 27.20
CA PHE A 606 -9.88 -31.76 28.22
C PHE A 606 -11.28 -31.90 27.63
N LYS A 607 -11.41 -32.06 26.31
CA LYS A 607 -12.72 -32.09 25.67
C LYS A 607 -12.83 -33.25 24.68
N GLN A 608 -12.08 -33.18 23.57
CA GLN A 608 -12.20 -34.19 22.53
C GLN A 608 -11.92 -35.60 23.02
N PRO A 609 -10.80 -35.87 23.70
CA PRO A 609 -10.58 -37.26 24.14
C PRO A 609 -11.63 -37.73 25.14
N ILE A 610 -12.10 -36.84 26.01
CA ILE A 610 -13.14 -37.23 26.97
C ILE A 610 -14.41 -37.66 26.23
N ASP A 611 -14.79 -36.92 25.18
CA ASP A 611 -15.99 -37.27 24.44
C ASP A 611 -15.83 -38.60 23.71
N ASN A 612 -14.61 -38.94 23.27
CA ASN A 612 -14.40 -40.21 22.59
C ASN A 612 -14.52 -41.38 23.57
N VAL A 613 -14.00 -41.22 24.79
CA VAL A 613 -14.14 -42.25 25.80
C VAL A 613 -15.61 -42.54 26.06
N ASN A 614 -16.39 -41.48 26.32
CA ASN A 614 -17.80 -41.66 26.63
C ASN A 614 -18.60 -42.19 25.45
N MET A 615 -18.16 -41.88 24.23
CA MET A 615 -18.81 -42.48 23.06
C MET A 615 -18.43 -43.95 22.92
N TYR A 616 -17.18 -44.28 23.22
CA TYR A 616 -16.74 -45.67 23.18
C TYR A 616 -17.48 -46.53 24.19
N LEU A 617 -18.00 -45.94 25.27
CA LEU A 617 -18.66 -46.68 26.32
C LEU A 617 -20.18 -46.67 26.21
N SER A 618 -20.75 -45.85 25.33
CA SER A 618 -22.20 -45.77 25.18
C SER A 618 -22.70 -46.02 23.78
N SER A 619 -21.86 -45.85 22.75
CA SER A 619 -22.27 -46.14 21.37
C SER A 619 -21.85 -47.55 21.02
N PRO A 620 -22.78 -48.43 20.59
CA PRO A 620 -22.39 -49.85 20.42
C PRO A 620 -21.33 -50.07 19.36
N ASN A 621 -21.43 -49.40 18.22
CA ASN A 621 -20.47 -49.58 17.13
C ASN A 621 -19.71 -48.29 16.88
N PHE A 622 -19.11 -47.72 17.94
CA PHE A 622 -18.41 -46.46 17.80
C PHE A 622 -17.10 -46.62 17.04
N LEU A 623 -16.36 -47.69 17.33
CA LEU A 623 -15.07 -47.91 16.67
C LEU A 623 -15.23 -48.03 15.17
N GLU A 624 -16.15 -48.90 14.73
CA GLU A 624 -16.38 -49.07 13.30
C GLU A 624 -16.75 -47.74 12.65
N THR A 625 -17.77 -47.07 13.17
CA THR A 625 -18.22 -45.82 12.58
C THR A 625 -17.10 -44.80 12.54
N SER A 626 -16.34 -44.68 13.63
CA SER A 626 -15.24 -43.71 13.68
C SER A 626 -14.21 -44.01 12.61
N LEU A 627 -13.86 -45.29 12.43
CA LEU A 627 -12.89 -45.67 11.42
C LEU A 627 -13.34 -45.24 10.03
N LYS A 628 -14.65 -45.17 9.79
CA LYS A 628 -15.19 -44.81 8.49
C LYS A 628 -15.48 -43.32 8.35
N THR A 629 -15.46 -42.56 9.44
CA THR A 629 -15.88 -41.17 9.41
C THR A 629 -14.85 -40.23 10.02
N SER A 630 -14.14 -40.70 11.06
CA SER A 630 -13.22 -39.84 11.77
C SER A 630 -12.09 -39.38 10.85
N SER A 631 -11.71 -38.10 10.99
CA SER A 631 -10.61 -37.56 10.21
C SER A 631 -9.26 -38.10 10.67
N ASN A 632 -9.16 -38.53 11.94
CA ASN A 632 -7.91 -39.05 12.50
C ASN A 632 -8.25 -40.23 13.39
N PRO A 633 -8.53 -41.40 12.79
CA PRO A 633 -8.89 -42.57 13.61
C PRO A 633 -7.82 -42.94 14.62
N ARG A 634 -6.55 -42.75 14.30
CA ARG A 634 -5.48 -43.08 15.23
C ARG A 634 -5.60 -42.25 16.50
N GLU A 635 -5.98 -40.97 16.37
CA GLU A 635 -6.10 -40.12 17.54
C GLU A 635 -7.23 -40.57 18.45
N VAL A 636 -8.37 -40.97 17.87
CA VAL A 636 -9.48 -41.46 18.68
C VAL A 636 -9.05 -42.69 19.47
N LEU A 637 -8.45 -43.67 18.79
CA LEU A 637 -7.99 -44.89 19.47
C LEU A 637 -7.00 -44.56 20.57
N GLU A 638 -6.11 -43.60 20.33
CA GLU A 638 -5.10 -43.27 21.33
C GLU A 638 -5.71 -42.52 22.51
N ASN A 639 -6.67 -41.64 22.24
CA ASN A 639 -7.38 -40.97 23.34
C ASN A 639 -7.99 -41.98 24.29
N ILE A 640 -8.76 -42.93 23.74
CA ILE A 640 -9.40 -43.95 24.58
C ILE A 640 -8.35 -44.74 25.35
N ARG A 641 -7.33 -45.21 24.65
CA ARG A 641 -6.28 -45.98 25.32
C ARG A 641 -5.59 -45.15 26.39
N ASP A 642 -5.31 -43.88 26.10
CA ASP A 642 -4.57 -43.05 27.04
C ASP A 642 -5.43 -42.66 28.23
N TYR A 643 -6.66 -42.20 27.98
CA TYR A 643 -7.49 -41.64 29.02
C TYR A 643 -8.21 -42.69 29.86
N LEU A 644 -8.18 -43.96 29.46
CA LEU A 644 -8.84 -45.02 30.24
C LEU A 644 -7.88 -45.90 31.03
N VAL A 645 -6.62 -46.02 30.62
CA VAL A 645 -5.71 -46.94 31.29
C VAL A 645 -4.30 -46.37 31.39
N THR A 646 -3.66 -46.09 30.25
CA THR A 646 -2.22 -45.82 30.27
C THR A 646 -1.90 -44.49 30.93
N GLU A 647 -2.79 -43.49 30.81
CA GLU A 647 -2.58 -42.18 31.41
C GLU A 647 -3.66 -41.82 32.41
N LYS A 648 -4.46 -42.79 32.84
CA LYS A 648 -5.52 -42.54 33.82
C LYS A 648 -4.92 -42.17 35.16
N PRO A 649 -5.21 -41.00 35.72
CA PRO A 649 -4.67 -40.65 37.04
C PRO A 649 -5.49 -41.23 38.17
N LEU A 650 -4.82 -41.42 39.31
CA LEU A 650 -5.47 -41.91 40.51
C LEU A 650 -5.36 -40.94 41.67
N SER A 651 -4.78 -39.76 41.45
CA SER A 651 -4.54 -38.79 42.52
C SER A 651 -4.19 -37.46 41.86
N PHE A 652 -4.34 -36.38 42.64
CA PHE A 652 -3.97 -35.07 42.13
C PHE A 652 -2.46 -34.98 41.90
N GLU A 653 -1.67 -35.72 42.68
CA GLU A 653 -0.23 -35.78 42.44
C GLU A 653 0.06 -36.31 41.03
N GLU A 654 -0.70 -37.32 40.60
CA GLU A 654 -0.50 -37.89 39.27
C GLU A 654 -0.97 -36.93 38.18
N CYS A 655 -1.95 -36.07 38.48
CA CYS A 655 -2.36 -35.03 37.54
C CYS A 655 -1.26 -33.99 37.37
N ILE A 656 -0.56 -33.65 38.46
CA ILE A 656 0.55 -32.71 38.37
C ILE A 656 1.67 -33.29 37.51
N MET A 657 1.99 -34.58 37.72
CA MET A 657 2.97 -35.24 36.87
C MET A 657 2.52 -35.19 35.41
N TRP A 658 1.22 -35.34 35.17
CA TRP A 658 0.71 -35.29 33.80
C TRP A 658 0.88 -33.90 33.20
N ALA A 659 0.51 -32.86 33.95
CA ALA A 659 0.66 -31.50 33.44
C ALA A 659 2.12 -31.17 33.18
N ARG A 660 3.02 -31.68 34.04
CA ARG A 660 4.45 -31.46 33.83
C ARG A 660 4.91 -32.08 32.52
N LEU A 661 4.31 -33.21 32.13
CA LEU A 661 4.67 -33.84 30.86
C LEU A 661 4.12 -33.03 29.69
N GLN A 662 2.92 -32.49 29.82
CA GLN A 662 2.35 -31.67 28.75
C GLN A 662 3.19 -30.42 28.50
N PHE A 663 3.87 -29.93 29.53
CA PHE A 663 4.70 -28.74 29.37
C PHE A 663 5.81 -28.98 28.34
N ASP A 664 6.57 -30.06 28.52
CA ASP A 664 7.63 -30.37 27.57
C ASP A 664 7.08 -30.84 26.23
N LYS A 665 5.86 -31.37 26.21
CA LYS A 665 5.30 -31.90 24.97
C LYS A 665 4.85 -30.81 24.01
N PHE A 666 4.48 -29.64 24.53
CA PHE A 666 3.93 -28.56 23.71
C PHE A 666 4.72 -27.27 23.76
N PHE A 667 5.77 -27.17 24.59
CA PHE A 667 6.59 -25.97 24.66
C PHE A 667 8.08 -26.30 24.61
N ASN A 668 8.44 -27.51 24.19
CA ASN A 668 9.84 -27.91 24.19
C ASN A 668 10.10 -29.00 23.15
N ASN A 669 9.61 -30.22 23.41
CA ASN A 669 9.83 -31.32 22.48
C ASN A 669 9.34 -30.95 21.09
N ASN A 670 8.14 -30.38 20.99
CA ASN A 670 7.59 -30.01 19.70
C ASN A 670 8.41 -28.91 19.04
N ILE A 671 8.94 -27.98 19.84
CA ILE A 671 9.78 -26.92 19.28
C ILE A 671 11.09 -27.50 18.76
N GLN A 672 11.69 -28.42 19.51
CA GLN A 672 12.92 -29.07 19.06
C GLN A 672 12.72 -29.76 17.72
N GLN A 673 11.62 -30.50 17.58
CA GLN A 673 11.34 -31.18 16.32
C GLN A 673 11.16 -30.18 15.19
N LEU A 674 10.55 -29.02 15.49
CA LEU A 674 10.39 -28.00 14.47
C LEU A 674 11.75 -27.45 14.03
N LEU A 675 12.59 -27.07 14.99
CA LEU A 675 13.91 -26.56 14.66
C LEU A 675 14.76 -27.63 13.98
N PHE A 676 14.51 -28.91 14.27
CA PHE A 676 15.25 -29.98 13.60
C PHE A 676 14.93 -30.01 12.11
N ASN A 677 13.66 -29.79 11.75
CA ASN A 677 13.27 -29.78 10.35
C ASN A 677 13.61 -28.44 9.69
N PHE A 678 13.62 -27.35 10.46
CA PHE A 678 13.93 -26.01 9.94
C PHE A 678 14.92 -25.35 10.90
N PRO A 679 16.22 -25.64 10.73
CA PRO A 679 17.21 -25.03 11.62
C PRO A 679 17.17 -23.51 11.57
N LYS A 680 17.61 -22.89 12.66
CA LYS A 680 17.55 -21.43 12.77
C LYS A 680 18.26 -20.76 11.60
N ASP A 681 19.39 -21.30 11.18
CA ASP A 681 20.21 -20.68 10.13
C ASP A 681 19.92 -21.25 8.75
N SER A 682 18.90 -22.08 8.61
CA SER A 682 18.54 -22.62 7.31
C SER A 682 18.02 -21.52 6.40
N VAL A 683 18.24 -21.68 5.10
CA VAL A 683 17.85 -20.69 4.11
C VAL A 683 16.89 -21.32 3.11
N THR A 684 16.09 -20.48 2.48
CA THR A 684 15.13 -20.92 1.48
C THR A 684 15.86 -21.20 0.17
N SER A 685 15.10 -21.39 -0.91
CA SER A 685 15.69 -21.61 -2.22
C SER A 685 16.35 -20.34 -2.76
N THR A 686 16.02 -19.17 -2.21
CA THR A 686 16.58 -17.91 -2.68
C THR A 686 17.73 -17.41 -1.82
N GLY A 687 18.25 -18.25 -0.93
CA GLY A 687 19.35 -17.87 -0.07
C GLY A 687 18.97 -17.02 1.12
N GLN A 688 17.69 -16.70 1.29
CA GLN A 688 17.24 -15.88 2.39
C GLN A 688 16.94 -16.74 3.62
N PRO A 689 17.15 -16.20 4.82
CA PRO A 689 16.92 -17.00 6.03
C PRO A 689 15.47 -17.45 6.13
N PHE A 690 15.29 -18.76 6.35
CA PHE A 690 13.95 -19.32 6.47
C PHE A 690 13.16 -18.63 7.57
N TRP A 691 13.78 -18.44 8.73
CA TRP A 691 13.12 -17.79 9.86
C TRP A 691 13.25 -16.28 9.70
N SER A 692 12.45 -15.73 8.79
CA SER A 692 12.39 -14.30 8.58
C SER A 692 10.95 -13.91 8.28
N GLY A 693 10.69 -12.61 8.32
CA GLY A 693 9.37 -12.09 8.04
C GLY A 693 8.33 -12.62 9.01
N PRO A 694 7.29 -13.29 8.48
CA PRO A 694 6.24 -13.79 9.38
C PRO A 694 6.68 -14.97 10.23
N LYS A 695 7.79 -15.63 9.87
CA LYS A 695 8.30 -16.76 10.63
C LYS A 695 9.31 -16.26 11.66
N ARG A 696 9.06 -16.59 12.92
CA ARG A 696 9.93 -16.19 14.02
C ARG A 696 10.61 -17.45 14.59
N ALA A 697 11.93 -17.38 14.74
CA ALA A 697 12.69 -18.53 15.20
C ALA A 697 12.30 -18.89 16.64
N PRO A 698 11.71 -20.06 16.88
CA PRO A 698 11.32 -20.41 18.25
C PRO A 698 12.48 -20.94 19.06
N THR A 699 12.30 -20.87 20.38
CA THR A 699 13.29 -21.39 21.33
C THR A 699 12.54 -22.27 22.33
N PRO A 700 12.95 -23.52 22.52
CA PRO A 700 12.25 -24.37 23.49
C PRO A 700 12.40 -23.82 24.91
N LEU A 701 11.44 -24.19 25.75
CA LEU A 701 11.44 -23.77 27.15
C LEU A 701 11.96 -24.89 28.04
N SER A 702 12.70 -24.52 29.07
CA SER A 702 13.15 -25.44 30.10
C SER A 702 12.34 -25.16 31.36
N PHE A 703 11.62 -26.18 31.84
CA PHE A 703 10.68 -25.96 32.93
C PHE A 703 11.38 -25.33 34.14
N ASP A 704 10.71 -24.35 34.73
CA ASP A 704 11.22 -23.61 35.89
C ASP A 704 10.05 -23.31 36.80
N ILE A 705 9.98 -24.02 37.94
CA ILE A 705 8.87 -23.86 38.85
C ILE A 705 8.73 -22.41 39.32
N HIS A 706 9.84 -21.67 39.33
CA HIS A 706 9.84 -20.29 39.80
C HIS A 706 9.47 -19.29 38.71
N ASN A 707 8.80 -19.75 37.65
CA ASN A 707 8.34 -18.90 36.56
C ASN A 707 6.82 -18.89 36.58
N ARG A 708 6.24 -17.71 36.79
CA ARG A 708 4.79 -17.62 36.96
C ARG A 708 4.05 -18.26 35.80
N GLU A 709 4.54 -18.08 34.57
CA GLU A 709 3.87 -18.66 33.41
C GLU A 709 4.02 -20.17 33.40
N HIS A 710 5.20 -20.68 33.75
CA HIS A 710 5.38 -22.13 33.86
C HIS A 710 4.47 -22.71 34.95
N PHE A 711 4.44 -22.05 36.11
CA PHE A 711 3.67 -22.55 37.24
C PHE A 711 2.17 -22.46 36.96
N ASP A 712 1.72 -21.34 36.38
CA ASP A 712 0.30 -21.18 36.09
C ASP A 712 -0.20 -22.26 35.14
N PHE A 713 0.63 -22.67 34.18
CA PHE A 713 0.22 -23.73 33.26
C PHE A 713 0.06 -25.05 33.98
N ILE A 714 0.96 -25.35 34.92
CA ILE A 714 0.90 -26.62 35.64
C ILE A 714 -0.36 -26.67 36.49
N VAL A 715 -0.65 -25.60 37.21
CA VAL A 715 -1.83 -25.57 38.08
C VAL A 715 -3.10 -25.71 37.23
N ALA A 716 -3.23 -24.87 36.20
CA ALA A 716 -4.44 -24.89 35.39
C ALA A 716 -4.62 -26.23 34.69
N ALA A 717 -3.52 -26.79 34.16
CA ALA A 717 -3.62 -28.05 33.43
C ALA A 717 -3.88 -29.21 34.38
N ALA A 718 -3.26 -29.20 35.55
CA ALA A 718 -3.50 -30.28 36.52
C ALA A 718 -4.92 -30.21 37.08
N SER A 719 -5.43 -29.00 37.31
CA SER A 719 -6.77 -28.85 37.84
C SER A 719 -7.83 -29.26 36.83
N LEU A 720 -7.57 -29.04 35.54
CA LEU A 720 -8.52 -29.46 34.50
C LEU A 720 -8.48 -30.96 34.28
N TYR A 721 -7.29 -31.56 34.33
CA TYR A 721 -7.19 -33.01 34.21
C TYR A 721 -7.88 -33.69 35.37
N ALA A 722 -7.72 -33.16 36.59
CA ALA A 722 -8.43 -33.68 37.75
C ALA A 722 -9.94 -33.55 37.55
N PHE A 723 -10.39 -32.41 37.02
CA PHE A 723 -11.80 -32.22 36.75
C PHE A 723 -12.34 -33.34 35.85
N ASN A 724 -11.59 -33.68 34.80
CA ASN A 724 -12.06 -34.71 33.87
C ASN A 724 -12.35 -36.02 34.59
N TYR A 725 -11.58 -36.34 35.63
CA TYR A 725 -11.71 -37.60 36.34
C TYR A 725 -12.41 -37.46 37.69
N GLY A 726 -12.79 -36.25 38.08
CA GLY A 726 -13.46 -36.04 39.34
C GLY A 726 -12.56 -35.91 40.54
N LEU A 727 -11.25 -36.03 40.37
CA LEU A 727 -10.32 -35.85 41.48
C LEU A 727 -10.38 -34.41 41.98
N LYS A 728 -10.19 -34.24 43.29
CA LYS A 728 -10.22 -32.92 43.90
C LYS A 728 -8.88 -32.22 43.66
N SER A 729 -8.95 -31.00 43.15
CA SER A 729 -7.75 -30.24 42.84
C SER A 729 -7.33 -29.40 44.04
N GLU A 730 -6.06 -28.98 44.01
CA GLU A 730 -5.48 -28.18 45.08
C GLU A 730 -4.65 -27.07 44.46
N THR A 731 -4.31 -26.07 45.29
CA THR A 731 -3.54 -24.92 44.83
C THR A 731 -2.34 -24.62 45.71
N ASP A 732 -2.16 -25.33 46.82
CA ASP A 732 -1.03 -25.08 47.70
C ASP A 732 0.28 -25.35 46.94
N PRO A 733 1.11 -24.33 46.72
CA PRO A 733 2.35 -24.57 45.94
C PRO A 733 3.23 -25.66 46.49
N ALA A 734 3.09 -26.03 47.77
CA ALA A 734 3.97 -27.02 48.36
C ALA A 734 3.81 -28.39 47.69
N ILE A 735 2.59 -28.74 47.32
CA ILE A 735 2.36 -30.05 46.71
C ILE A 735 2.91 -30.08 45.29
N TYR A 736 2.86 -28.95 44.58
CA TYR A 736 3.45 -28.90 43.24
C TYR A 736 4.97 -29.01 43.33
N GLU A 737 5.59 -28.25 44.23
CA GLU A 737 7.03 -28.37 44.44
C GLU A 737 7.41 -29.78 44.87
N ARG A 738 6.58 -30.40 45.72
CA ARG A 738 6.87 -31.74 46.22
C ARG A 738 6.94 -32.75 45.08
N VAL A 739 5.96 -32.72 44.18
CA VAL A 739 5.87 -33.73 43.13
C VAL A 739 6.80 -33.39 41.97
N LEU A 740 6.89 -32.09 41.62
CA LEU A 740 7.67 -31.71 40.45
C LEU A 740 9.17 -31.82 40.71
N ALA A 741 9.61 -31.48 41.92
CA ALA A 741 11.03 -31.58 42.24
C ALA A 741 11.56 -32.98 41.95
N GLY A 742 10.70 -33.99 42.00
CA GLY A 742 11.09 -35.35 41.68
C GLY A 742 10.52 -35.81 40.36
N TYR A 743 10.78 -35.05 39.29
CA TYR A 743 10.31 -35.38 37.96
C TYR A 743 11.50 -35.74 37.09
N ASN A 744 11.53 -37.00 36.63
CA ASN A 744 12.58 -37.48 35.73
C ASN A 744 12.01 -37.46 34.31
N PRO A 745 12.33 -36.46 33.50
CA PRO A 745 11.75 -36.41 32.15
C PRO A 745 12.29 -37.52 31.27
N PRO A 746 11.43 -38.20 30.51
CA PRO A 746 11.94 -39.22 29.60
C PRO A 746 12.77 -38.59 28.50
N PRO A 747 13.78 -39.31 27.99
CA PRO A 747 14.63 -38.71 26.95
C PRO A 747 13.86 -38.49 25.66
N PHE A 748 14.17 -37.39 24.98
CA PHE A 748 13.54 -37.04 23.73
C PHE A 748 14.60 -36.70 22.69
N ALA A 749 14.42 -37.23 21.49
CA ALA A 749 15.30 -36.94 20.36
C ALA A 749 14.45 -36.65 19.13
N PRO A 750 14.67 -35.53 18.45
CA PRO A 750 13.90 -35.27 17.22
C PRO A 750 14.11 -36.36 16.20
N LYS A 751 13.00 -36.86 15.66
CA LYS A 751 13.05 -37.92 14.66
C LYS A 751 13.26 -37.32 13.27
N SER A 752 13.19 -38.16 12.25
CA SER A 752 13.32 -37.72 10.87
C SER A 752 12.12 -38.20 10.07
N GLY A 753 11.89 -37.54 8.93
CA GLY A 753 10.79 -37.92 8.06
C GLY A 753 9.42 -37.50 8.56
N ILE A 754 9.35 -36.40 9.30
CA ILE A 754 8.09 -35.88 9.81
C ILE A 754 7.62 -34.77 8.88
N LYS A 755 6.35 -34.82 8.49
CA LYS A 755 5.77 -33.85 7.56
C LYS A 755 5.29 -32.63 8.34
N ILE A 756 6.03 -31.54 8.23
CA ILE A 756 5.67 -30.27 8.85
C ILE A 756 5.38 -29.29 7.72
N GLN A 757 4.09 -29.10 7.42
CA GLN A 757 3.67 -28.19 6.38
C GLN A 757 4.20 -26.78 6.65
N VAL A 758 4.27 -25.97 5.60
CA VAL A 758 4.76 -24.60 5.70
C VAL A 758 3.77 -23.64 5.05
N ASP A 772 0.58 -48.52 9.37
CA ASP A 772 -0.55 -47.61 9.20
C ASP A 772 -1.87 -48.35 9.43
N LYS A 773 -1.98 -49.54 8.85
CA LYS A 773 -3.22 -50.31 8.89
C LYS A 773 -3.23 -51.31 10.05
N GLN A 774 -2.07 -51.89 10.38
CA GLN A 774 -2.02 -52.95 11.39
C GLN A 774 -2.06 -52.39 12.80
N GLU A 775 -1.21 -51.41 13.10
CA GLU A 775 -1.05 -50.97 14.48
C GLU A 775 -2.37 -50.41 15.03
N LEU A 776 -3.11 -49.66 14.22
CA LEU A 776 -4.38 -49.10 14.72
C LEU A 776 -5.41 -50.20 14.96
N LYS A 777 -5.33 -51.30 14.20
CA LYS A 777 -6.19 -52.45 14.47
C LYS A 777 -5.74 -53.21 15.71
N SER A 778 -4.46 -53.09 16.09
CA SER A 778 -3.95 -53.81 17.25
C SER A 778 -4.24 -53.06 18.55
N ILE A 779 -4.07 -51.74 18.54
CA ILE A 779 -4.34 -50.96 19.75
C ILE A 779 -5.82 -50.96 20.07
N ALA A 780 -6.68 -51.14 19.06
CA ALA A 780 -8.11 -51.22 19.32
C ALA A 780 -8.45 -52.47 20.12
N ASP A 781 -7.78 -53.59 19.83
CA ASP A 781 -8.01 -54.82 20.58
C ASP A 781 -7.48 -54.71 22.01
N SER A 782 -6.46 -53.88 22.22
CA SER A 782 -5.90 -53.68 23.55
C SER A 782 -6.77 -52.80 24.44
N LEU A 783 -7.86 -52.26 23.92
CA LEU A 783 -8.74 -51.40 24.71
C LEU A 783 -9.62 -52.24 25.62
N PRO A 784 -9.88 -51.78 26.84
CA PRO A 784 -10.86 -52.48 27.70
C PRO A 784 -12.23 -52.49 27.03
N PRO A 785 -12.94 -53.60 27.10
CA PRO A 785 -14.26 -53.66 26.48
C PRO A 785 -15.27 -52.83 27.26
N PRO A 786 -16.19 -52.15 26.59
CA PRO A 786 -17.22 -51.41 27.32
C PRO A 786 -18.01 -52.28 28.29
N SER A 787 -18.04 -53.60 28.07
CA SER A 787 -18.75 -54.49 28.98
C SER A 787 -18.19 -54.41 30.40
N SER A 788 -16.91 -54.04 30.54
CA SER A 788 -16.27 -53.97 31.84
C SER A 788 -16.41 -52.62 32.51
N LEU A 789 -16.88 -51.59 31.80
CA LEU A 789 -17.02 -50.24 32.32
C LEU A 789 -18.47 -49.78 32.24
N VAL A 790 -19.40 -50.66 32.61
CA VAL A 790 -20.82 -50.33 32.53
C VAL A 790 -21.11 -49.15 33.44
N GLY A 791 -21.64 -48.08 32.88
CA GLY A 791 -22.05 -46.93 33.64
C GLY A 791 -20.94 -45.93 33.95
N PHE A 792 -19.71 -46.21 33.56
CA PHE A 792 -18.60 -45.31 33.85
C PHE A 792 -18.46 -44.27 32.75
N ARG A 793 -18.30 -43.01 33.15
CA ARG A 793 -18.12 -41.91 32.21
C ARG A 793 -17.08 -40.96 32.77
N LEU A 794 -16.55 -40.12 31.90
CA LEU A 794 -15.68 -39.01 32.26
C LEU A 794 -16.40 -37.70 31.99
N THR A 795 -15.95 -36.65 32.69
CA THR A 795 -16.60 -35.35 32.57
C THR A 795 -15.81 -34.46 31.62
N PRO A 796 -16.34 -34.09 30.46
CA PRO A 796 -15.62 -33.18 29.58
C PRO A 796 -15.69 -31.74 30.07
N ALA A 797 -14.68 -30.96 29.67
CA ALA A 797 -14.62 -29.55 30.01
C ALA A 797 -15.27 -28.76 28.87
N GLU A 798 -16.42 -28.12 29.17
CA GLU A 798 -17.14 -27.31 28.20
C GLU A 798 -16.70 -25.86 28.38
N PHE A 799 -16.00 -25.32 27.39
CA PHE A 799 -15.38 -24.00 27.50
C PHE A 799 -16.40 -22.95 27.95
N GLU A 800 -16.06 -22.25 29.03
CA GLU A 800 -16.93 -21.25 29.64
C GLU A 800 -16.06 -20.04 30.01
N LYS A 801 -16.06 -19.03 29.15
CA LYS A 801 -15.17 -17.89 29.31
C LYS A 801 -15.52 -17.01 30.51
N ASP A 802 -16.77 -17.08 31.01
CA ASP A 802 -17.25 -16.13 32.01
C ASP A 802 -17.30 -16.73 33.41
N ASP A 803 -16.46 -17.73 33.70
CA ASP A 803 -16.39 -18.34 35.02
C ASP A 803 -14.92 -18.45 35.41
N ASP A 804 -14.44 -17.50 36.22
CA ASP A 804 -13.03 -17.42 36.56
C ASP A 804 -12.57 -18.49 37.54
N SER A 805 -13.45 -19.38 37.97
CA SER A 805 -13.09 -20.43 38.91
C SER A 805 -12.92 -21.80 38.24
N ASN A 806 -13.07 -21.88 36.92
CA ASN A 806 -12.99 -23.15 36.21
C ASN A 806 -11.64 -23.39 35.56
N HIS A 807 -10.70 -22.44 35.69
CA HIS A 807 -9.34 -22.55 35.17
C HIS A 807 -9.27 -22.51 33.65
N HIS A 808 -10.39 -22.28 32.95
CA HIS A 808 -10.38 -22.31 31.50
C HIS A 808 -9.49 -21.20 30.94
N ILE A 809 -9.81 -19.94 31.27
CA ILE A 809 -9.01 -18.83 30.79
C ILE A 809 -7.61 -18.87 31.38
N ASP A 810 -7.47 -19.40 32.60
CA ASP A 810 -6.14 -19.57 33.18
C ASP A 810 -5.27 -20.46 32.29
N PHE A 811 -5.81 -21.61 31.88
CA PHE A 811 -5.04 -22.51 31.03
C PHE A 811 -4.72 -21.88 29.69
N ILE A 812 -5.70 -21.21 29.08
CA ILE A 812 -5.49 -20.61 27.76
C ILE A 812 -4.50 -19.46 27.86
N THR A 813 -4.65 -18.60 28.88
CA THR A 813 -3.70 -17.51 29.08
C THR A 813 -2.29 -18.03 29.26
N ALA A 814 -2.11 -19.01 30.16
CA ALA A 814 -0.79 -19.55 30.42
C ALA A 814 -0.25 -20.30 29.22
N ALA A 815 -1.07 -21.14 28.60
CA ALA A 815 -0.63 -21.89 27.43
C ALA A 815 -0.24 -20.97 26.29
N SER A 816 -1.05 -19.94 26.04
CA SER A 816 -0.74 -18.98 24.99
C SER A 816 0.57 -18.25 25.27
N ASN A 817 0.74 -17.77 26.51
CA ASN A 817 1.93 -16.99 26.83
C ASN A 817 3.19 -17.85 26.83
N LEU A 818 3.08 -19.13 27.17
CA LEU A 818 4.23 -20.02 27.06
C LEU A 818 4.64 -20.20 25.61
N ARG A 819 3.66 -20.32 24.70
CA ARG A 819 3.97 -20.37 23.28
C ARG A 819 4.47 -19.02 22.79
N ALA A 820 3.92 -17.94 23.32
CA ALA A 820 4.46 -16.61 23.03
C ALA A 820 5.92 -16.52 23.45
N MET A 821 6.29 -17.19 24.55
CA MET A 821 7.68 -17.20 24.98
C MET A 821 8.54 -18.06 24.04
N ASN A 822 7.98 -19.14 23.49
CA ASN A 822 8.72 -19.91 22.50
C ASN A 822 9.13 -19.03 21.32
N TYR A 823 8.19 -18.23 20.82
CA TYR A 823 8.39 -17.46 19.59
C TYR A 823 8.70 -15.99 19.87
N ASP A 824 9.01 -15.63 21.11
CA ASP A 824 9.39 -14.26 21.44
C ASP A 824 8.26 -13.29 21.07
N ILE A 825 7.05 -13.65 21.44
CA ILE A 825 5.87 -12.81 21.25
C ILE A 825 5.51 -12.18 22.59
N THR A 826 5.04 -10.95 22.56
CA THR A 826 4.64 -10.28 23.80
C THR A 826 3.44 -10.97 24.40
N PRO A 827 3.49 -11.42 25.66
CA PRO A 827 2.33 -12.09 26.26
C PRO A 827 1.19 -11.13 26.53
N ALA A 828 0.02 -11.70 26.84
CA ALA A 828 -1.18 -10.94 27.14
C ALA A 828 -1.80 -11.47 28.42
N ASP A 829 -2.51 -10.59 29.13
CA ASP A 829 -3.14 -10.95 30.39
C ASP A 829 -4.47 -11.65 30.12
N ARG A 830 -5.12 -12.10 31.21
CA ARG A 830 -6.37 -12.82 31.08
C ARG A 830 -7.46 -11.97 30.44
N PHE A 831 -7.43 -10.65 30.67
CA PHE A 831 -8.46 -9.77 30.11
C PHE A 831 -8.47 -9.85 28.59
N LYS A 832 -7.32 -9.64 27.95
CA LYS A 832 -7.27 -9.74 26.49
C LYS A 832 -7.46 -11.17 26.02
N THR A 833 -6.85 -12.14 26.72
CA THR A 833 -6.97 -13.53 26.31
C THR A 833 -8.42 -13.99 26.32
N LYS A 834 -9.18 -13.56 27.33
CA LYS A 834 -10.61 -13.87 27.37
C LYS A 834 -11.32 -13.26 26.17
N PHE A 835 -10.94 -12.03 25.79
CA PHE A 835 -11.54 -11.37 24.64
C PHE A 835 -11.33 -12.18 23.36
N VAL A 836 -10.10 -12.66 23.16
CA VAL A 836 -9.77 -13.36 21.92
C VAL A 836 -10.31 -14.79 21.95
N ALA A 837 -9.94 -15.56 22.96
CA ALA A 837 -10.39 -16.94 23.04
C ALA A 837 -11.92 -17.02 23.11
N GLY A 838 -12.55 -16.08 23.81
CA GLY A 838 -13.99 -16.09 23.96
C GLY A 838 -14.77 -15.48 22.82
N LYS A 839 -14.09 -14.83 21.86
CA LYS A 839 -14.76 -14.15 20.76
C LYS A 839 -15.84 -13.21 21.27
N ILE A 840 -15.54 -12.50 22.35
CA ILE A 840 -16.52 -11.61 22.95
C ILE A 840 -16.71 -10.39 22.06
N VAL A 841 -17.96 -10.06 21.76
CA VAL A 841 -18.29 -8.89 20.96
C VAL A 841 -18.39 -7.69 21.90
N PRO A 842 -17.54 -6.68 21.75
CA PRO A 842 -17.68 -5.49 22.60
C PRO A 842 -19.03 -4.83 22.38
N ALA A 843 -19.65 -4.39 23.47
CA ALA A 843 -21.00 -3.86 23.41
C ALA A 843 -21.24 -3.00 24.64
N MET A 844 -22.24 -2.12 24.54
CA MET A 844 -22.71 -1.37 25.70
C MET A 844 -24.11 -0.84 25.41
N CYS A 845 -24.67 -0.16 26.40
CA CYS A 845 -26.08 0.22 26.37
C CYS A 845 -26.35 1.33 25.37
N THR A 846 -25.39 2.24 25.17
CA THR A 846 -25.63 3.41 24.34
C THR A 846 -25.98 3.01 22.91
N SER A 847 -25.10 2.28 22.25
CA SER A 847 -25.37 1.83 20.88
C SER A 847 -26.67 1.06 20.80
N THR A 848 -26.95 0.23 21.81
CA THR A 848 -28.16 -0.60 21.78
C THR A 848 -29.43 0.28 21.76
N ALA A 849 -29.47 1.30 22.62
CA ALA A 849 -30.62 2.20 22.63
C ALA A 849 -30.76 2.92 21.30
N VAL A 850 -29.65 3.31 20.69
CA VAL A 850 -29.70 4.08 19.46
C VAL A 850 -30.33 3.25 18.33
N VAL A 851 -29.89 2.00 18.18
CA VAL A 851 -30.45 1.17 17.11
C VAL A 851 -31.92 0.87 17.38
N SER A 852 -32.28 0.63 18.64
CA SER A 852 -33.68 0.37 18.96
C SER A 852 -34.57 1.55 18.56
N GLY A 853 -34.09 2.77 18.81
CA GLY A 853 -34.85 3.94 18.39
C GLY A 853 -35.01 4.03 16.89
N LEU A 854 -33.90 3.86 16.15
CA LEU A 854 -33.98 3.91 14.70
C LEU A 854 -34.89 2.81 14.15
N VAL A 855 -34.81 1.61 14.73
CA VAL A 855 -35.63 0.50 14.26
C VAL A 855 -37.12 0.84 14.37
N CYS A 856 -37.52 1.42 15.51
CA CYS A 856 -38.94 1.69 15.72
C CYS A 856 -39.42 2.88 14.91
N LEU A 857 -38.53 3.82 14.58
CA LEU A 857 -38.90 4.88 13.65
C LEU A 857 -39.23 4.32 12.27
N GLU A 858 -38.64 3.18 11.91
CA GLU A 858 -39.03 2.48 10.69
C GLU A 858 -40.25 1.59 10.92
N LEU A 859 -40.50 1.16 12.16
CA LEU A 859 -41.67 0.33 12.44
C LEU A 859 -42.95 1.05 12.07
N VAL A 860 -43.09 2.31 12.49
CA VAL A 860 -44.30 3.08 12.20
C VAL A 860 -44.51 3.23 10.70
N LYS A 861 -43.45 3.13 9.90
CA LYS A 861 -43.61 3.17 8.46
C LYS A 861 -44.22 1.88 7.94
N LEU A 862 -43.85 0.74 8.52
CA LEU A 862 -44.41 -0.53 8.10
C LEU A 862 -45.90 -0.60 8.40
N VAL A 863 -46.30 -0.15 9.59
CA VAL A 863 -47.72 -0.21 9.94
C VAL A 863 -48.52 0.83 9.17
N ASP A 864 -47.87 1.89 8.69
CA ASP A 864 -48.54 2.85 7.82
C ASP A 864 -48.67 2.33 6.40
N GLY A 865 -48.02 1.23 6.07
CA GLY A 865 -48.13 0.65 4.73
C GLY A 865 -47.48 1.48 3.66
N LYS A 866 -46.39 2.18 3.97
CA LYS A 866 -45.75 3.05 3.00
C LYS A 866 -45.22 2.24 1.83
N LYS A 867 -45.56 2.69 0.61
CA LYS A 867 -45.21 1.96 -0.60
C LYS A 867 -44.02 2.56 -1.34
N LYS A 868 -43.64 3.80 -1.04
CA LYS A 868 -42.51 4.43 -1.68
C LYS A 868 -41.22 4.03 -0.96
N ILE A 869 -40.26 3.49 -1.70
CA ILE A 869 -39.02 3.03 -1.08
C ILE A 869 -38.23 4.18 -0.50
N GLU A 870 -38.38 5.39 -1.06
CA GLU A 870 -37.61 6.54 -0.58
C GLU A 870 -38.01 6.96 0.82
N GLU A 871 -39.19 6.56 1.29
CA GLU A 871 -39.63 6.90 2.64
C GLU A 871 -38.94 6.05 3.71
N TYR A 872 -38.45 4.87 3.35
CA TYR A 872 -37.73 4.03 4.29
C TYR A 872 -36.27 4.44 4.35
N LYS A 873 -35.61 4.06 5.43
CA LYS A 873 -34.21 4.44 5.65
C LYS A 873 -33.47 3.31 6.37
N ASN A 874 -32.33 2.92 5.80
CA ASN A 874 -31.35 2.11 6.51
C ASN A 874 -30.37 3.03 7.21
N GLY A 875 -30.03 2.70 8.46
CA GLY A 875 -29.21 3.55 9.29
C GLY A 875 -27.85 2.96 9.57
N PHE A 876 -26.84 3.84 9.70
CA PHE A 876 -25.50 3.46 10.10
C PHE A 876 -24.97 4.57 10.99
N PHE A 877 -24.25 4.19 12.05
CA PHE A 877 -23.67 5.21 12.92
C PHE A 877 -22.45 4.66 13.63
N ASN A 878 -21.62 5.59 14.12
CA ASN A 878 -20.49 5.29 15.00
C ASN A 878 -20.42 6.41 16.03
N LEU A 879 -20.89 6.11 17.25
CA LEU A 879 -20.94 7.13 18.30
C LEU A 879 -19.56 7.61 18.70
N ALA A 880 -18.51 6.86 18.36
CA ALA A 880 -17.16 7.26 18.76
C ALA A 880 -16.67 8.48 18.02
N ILE A 881 -17.26 8.80 16.87
CA ILE A 881 -16.80 9.92 16.05
C ILE A 881 -17.98 10.82 15.68
N GLY A 882 -19.12 10.60 16.32
CA GLY A 882 -20.29 11.41 16.04
C GLY A 882 -20.80 11.29 14.62
N LEU A 883 -20.73 10.09 14.04
CA LEU A 883 -21.12 9.86 12.66
C LEU A 883 -22.46 9.14 12.61
N PHE A 884 -23.45 9.78 12.03
CA PHE A 884 -24.70 9.14 11.63
C PHE A 884 -24.87 9.34 10.12
N THR A 885 -25.43 8.34 9.46
CA THR A 885 -25.72 8.47 8.03
C THR A 885 -26.79 7.46 7.66
N PHE A 886 -27.55 7.78 6.62
CA PHE A 886 -28.74 7.03 6.27
C PHE A 886 -28.83 6.92 4.75
N SER A 887 -29.50 5.87 4.29
CA SER A 887 -29.68 5.65 2.86
C SER A 887 -31.01 4.98 2.59
N ASP A 888 -31.62 5.31 1.46
CA ASP A 888 -32.84 4.64 1.05
C ASP A 888 -32.53 3.16 0.78
N PRO A 889 -33.45 2.25 1.12
CA PRO A 889 -33.19 0.83 0.85
C PRO A 889 -33.08 0.56 -0.64
N ILE A 890 -32.40 -0.54 -0.96
CA ILE A 890 -32.23 -0.97 -2.35
C ILE A 890 -33.49 -1.72 -2.79
N ALA A 891 -34.00 -1.35 -3.95
CA ALA A 891 -35.19 -2.01 -4.48
C ALA A 891 -34.86 -3.46 -4.86
N SER A 892 -35.87 -4.31 -4.79
CA SER A 892 -35.70 -5.70 -5.14
C SER A 892 -35.42 -5.83 -6.64
N PRO A 893 -34.52 -6.72 -7.04
CA PRO A 893 -34.22 -6.87 -8.48
C PRO A 893 -35.45 -7.38 -9.23
N LYS A 894 -35.67 -6.80 -10.40
CA LYS A 894 -36.84 -7.10 -11.21
C LYS A 894 -36.45 -7.88 -12.46
N MET A 895 -37.47 -8.46 -13.08
CA MET A 895 -37.30 -9.35 -14.21
C MET A 895 -38.54 -9.25 -15.07
N LYS A 896 -38.41 -9.62 -16.34
CA LYS A 896 -39.51 -9.50 -17.30
C LYS A 896 -39.85 -10.88 -17.85
N VAL A 897 -41.12 -11.24 -17.81
CA VAL A 897 -41.61 -12.52 -18.31
C VAL A 897 -42.93 -12.26 -19.04
N ASN A 898 -42.96 -12.54 -20.34
CA ASN A 898 -44.13 -12.23 -21.17
C ASN A 898 -44.54 -10.77 -21.00
N GLY A 899 -43.56 -9.89 -20.81
CA GLY A 899 -43.81 -8.48 -20.61
C GLY A 899 -44.14 -8.08 -19.18
N LYS A 900 -44.52 -9.03 -18.34
CA LYS A 900 -44.91 -8.72 -16.97
C LYS A 900 -43.67 -8.57 -16.10
N GLU A 901 -43.71 -7.61 -15.17
CA GLU A 901 -42.60 -7.39 -14.26
C GLU A 901 -42.69 -8.38 -13.10
N ILE A 902 -41.65 -9.19 -12.94
CA ILE A 902 -41.56 -10.18 -11.88
C ILE A 902 -40.55 -9.69 -10.86
N ASP A 903 -40.91 -9.76 -9.59
CA ASP A 903 -40.00 -9.44 -8.50
C ASP A 903 -39.19 -10.68 -8.19
N LYS A 904 -37.88 -10.63 -8.43
CA LYS A 904 -37.04 -11.82 -8.34
C LYS A 904 -36.87 -12.31 -6.91
N ILE A 905 -37.28 -11.55 -5.91
CA ILE A 905 -37.16 -11.97 -4.52
C ILE A 905 -38.49 -12.43 -3.95
N TRP A 906 -39.57 -11.70 -4.21
CA TRP A 906 -40.80 -11.87 -3.46
C TRP A 906 -41.90 -12.62 -4.22
N ASP A 907 -41.89 -12.61 -5.54
CA ASP A 907 -42.98 -13.22 -6.30
C ASP A 907 -42.90 -14.74 -6.24
N ARG A 908 -44.07 -15.37 -6.23
CA ARG A 908 -44.19 -16.82 -6.36
C ARG A 908 -45.57 -17.15 -6.87
N TYR A 909 -45.71 -18.37 -7.38
CA TYR A 909 -47.00 -18.89 -7.85
C TYR A 909 -47.63 -19.71 -6.74
N ASN A 910 -48.78 -19.24 -6.24
CA ASN A 910 -49.52 -19.95 -5.20
C ASN A 910 -50.58 -20.83 -5.85
N LEU A 911 -50.47 -22.14 -5.66
CA LEU A 911 -51.43 -23.09 -6.21
C LEU A 911 -51.90 -24.04 -5.13
N PRO A 912 -53.08 -24.61 -5.28
CA PRO A 912 -53.54 -25.67 -4.38
C PRO A 912 -52.90 -27.00 -4.76
N ASP A 913 -53.27 -28.05 -4.03
CA ASP A 913 -52.78 -29.40 -4.28
C ASP A 913 -53.58 -30.01 -5.44
N CYS A 914 -53.41 -29.41 -6.62
CA CYS A 914 -54.09 -29.84 -7.82
C CYS A 914 -53.30 -30.98 -8.49
N THR A 915 -53.81 -31.46 -9.62
CA THR A 915 -53.11 -32.51 -10.34
C THR A 915 -52.01 -31.91 -11.21
N LEU A 916 -51.09 -32.77 -11.64
CA LEU A 916 -50.04 -32.34 -12.55
C LEU A 916 -50.62 -31.72 -13.80
N GLN A 917 -51.64 -32.35 -14.38
CA GLN A 917 -52.29 -31.80 -15.57
C GLN A 917 -52.85 -30.41 -15.29
N GLU A 918 -53.59 -30.27 -14.19
CA GLU A 918 -54.18 -28.97 -13.87
C GLU A 918 -53.11 -27.90 -13.67
N LEU A 919 -51.95 -28.28 -13.14
CA LEU A 919 -50.87 -27.31 -12.99
C LEU A 919 -50.34 -26.88 -14.34
N ILE A 920 -50.15 -27.83 -15.25
CA ILE A 920 -49.66 -27.51 -16.59
C ILE A 920 -50.66 -26.63 -17.32
N ASP A 921 -51.95 -26.96 -17.20
CA ASP A 921 -52.98 -26.16 -17.85
C ASP A 921 -53.05 -24.76 -17.25
N TYR A 922 -52.90 -24.66 -15.92
CA TYR A 922 -52.95 -23.36 -15.29
C TYR A 922 -51.85 -22.45 -15.83
N PHE A 923 -50.64 -22.98 -16.01
CA PHE A 923 -49.54 -22.14 -16.43
C PHE A 923 -49.63 -21.74 -17.89
N GLN A 924 -50.19 -22.60 -18.74
CA GLN A 924 -50.36 -22.24 -20.14
C GLN A 924 -51.46 -21.20 -20.29
N LYS A 925 -52.62 -21.43 -19.66
CA LYS A 925 -53.80 -20.62 -19.94
C LYS A 925 -53.83 -19.35 -19.11
N GLU A 926 -53.36 -19.38 -17.87
CA GLU A 926 -53.41 -18.23 -16.99
C GLU A 926 -52.11 -17.42 -16.99
N GLU A 927 -50.97 -18.06 -17.26
CA GLU A 927 -49.69 -17.38 -17.21
C GLU A 927 -48.98 -17.33 -18.56
N GLY A 928 -49.47 -18.02 -19.58
CA GLY A 928 -48.81 -18.03 -20.86
C GLY A 928 -47.47 -18.70 -20.84
N LEU A 929 -47.28 -19.71 -19.98
CA LEU A 929 -46.02 -20.40 -19.83
C LEU A 929 -46.22 -21.88 -20.13
N GLU A 930 -45.40 -22.42 -21.02
CA GLU A 930 -45.42 -23.84 -21.35
C GLU A 930 -44.48 -24.57 -20.39
N VAL A 931 -45.05 -25.31 -19.44
CA VAL A 931 -44.23 -26.05 -18.48
C VAL A 931 -43.52 -27.18 -19.22
N THR A 932 -42.20 -27.13 -19.23
CA THR A 932 -41.39 -28.19 -19.81
C THR A 932 -40.76 -29.10 -18.77
N MET A 933 -40.57 -28.61 -17.55
CA MET A 933 -39.93 -29.39 -16.49
C MET A 933 -40.47 -28.92 -15.15
N LEU A 934 -40.68 -29.88 -14.25
CA LEU A 934 -41.16 -29.60 -12.90
C LEU A 934 -40.34 -30.42 -11.91
N SER A 935 -39.74 -29.76 -10.93
CA SER A 935 -38.83 -30.40 -10.00
C SER A 935 -39.20 -30.06 -8.57
N SER A 936 -38.80 -30.95 -7.66
CA SER A 936 -38.97 -30.76 -6.22
C SER A 936 -37.67 -31.18 -5.55
N GLY A 937 -36.98 -30.22 -4.93
CA GLY A 937 -35.66 -30.52 -4.39
C GLY A 937 -34.76 -31.05 -5.48
N VAL A 938 -34.11 -32.18 -5.19
CA VAL A 938 -33.27 -32.86 -6.18
C VAL A 938 -34.08 -33.69 -7.16
N SER A 939 -35.36 -33.91 -6.88
CA SER A 939 -36.17 -34.86 -7.62
C SER A 939 -36.83 -34.19 -8.82
N LEU A 940 -36.87 -34.91 -9.94
CA LEU A 940 -37.51 -34.44 -11.16
C LEU A 940 -38.92 -35.04 -11.21
N LEU A 941 -39.93 -34.18 -11.13
CA LEU A 941 -41.32 -34.62 -11.08
C LEU A 941 -41.90 -34.86 -12.46
N TYR A 942 -41.67 -33.95 -13.40
CA TYR A 942 -42.27 -34.03 -14.71
C TYR A 942 -41.37 -33.37 -15.74
N ALA A 943 -41.42 -33.88 -16.97
CA ALA A 943 -40.76 -33.24 -18.10
C ALA A 943 -41.55 -33.62 -19.36
N ASN A 944 -41.62 -32.67 -20.30
CA ASN A 944 -42.40 -32.89 -21.50
C ASN A 944 -41.81 -33.99 -22.39
N PHE A 945 -40.53 -34.32 -22.23
CA PHE A 945 -39.91 -35.35 -23.05
C PHE A 945 -40.06 -36.75 -22.49
N GLN A 946 -40.60 -36.90 -21.28
CA GLN A 946 -40.78 -38.23 -20.71
C GLN A 946 -41.71 -39.05 -21.59
N PRO A 947 -41.51 -40.36 -21.65
CA PRO A 947 -42.37 -41.21 -22.48
C PRO A 947 -43.84 -41.01 -22.16
N PRO A 948 -44.74 -41.33 -23.09
CA PRO A 948 -46.17 -41.09 -22.83
C PRO A 948 -46.75 -41.99 -21.76
N LYS A 949 -46.12 -43.13 -21.46
CA LYS A 949 -46.61 -44.01 -20.40
C LYS A 949 -46.22 -43.48 -19.02
N LYS A 950 -45.04 -42.87 -18.90
CA LYS A 950 -44.68 -42.22 -17.65
C LYS A 950 -45.65 -41.09 -17.33
N LEU A 951 -46.09 -40.35 -18.36
CA LEU A 951 -46.96 -39.20 -18.15
C LEU A 951 -48.41 -39.62 -17.91
N ALA A 952 -48.89 -40.61 -18.67
CA ALA A 952 -50.28 -41.05 -18.52
C ALA A 952 -50.57 -41.46 -17.08
N GLU A 953 -49.56 -41.94 -16.36
CA GLU A 953 -49.73 -42.40 -14.99
C GLU A 953 -49.46 -41.30 -13.96
N ARG A 954 -48.88 -40.18 -14.37
CA ARG A 954 -48.55 -39.08 -13.47
C ARG A 954 -49.42 -37.86 -13.64
N LEU A 955 -49.85 -37.56 -14.87
CA LEU A 955 -50.67 -36.38 -15.11
C LEU A 955 -51.92 -36.32 -14.24
N PRO A 956 -52.65 -37.42 -13.99
CA PRO A 956 -53.83 -37.33 -13.13
C PRO A 956 -53.51 -37.32 -11.64
N LEU A 957 -52.26 -37.51 -11.25
CA LEU A 957 -51.89 -37.52 -9.85
C LEU A 957 -51.84 -36.11 -9.29
N LYS A 958 -52.08 -36.00 -7.99
CA LYS A 958 -51.92 -34.73 -7.30
C LYS A 958 -50.44 -34.47 -7.04
N ILE A 959 -50.10 -33.18 -6.91
CA ILE A 959 -48.71 -32.80 -6.69
C ILE A 959 -48.15 -33.54 -5.48
N SER A 960 -48.88 -33.50 -4.36
CA SER A 960 -48.44 -34.21 -3.17
C SER A 960 -48.29 -35.70 -3.44
N GLU A 961 -49.23 -36.28 -4.19
CA GLU A 961 -49.12 -37.69 -4.56
C GLU A 961 -47.94 -37.91 -5.50
N LEU A 962 -47.74 -37.01 -6.46
CA LEU A 962 -46.63 -37.14 -7.39
C LEU A 962 -45.29 -37.07 -6.65
N VAL A 963 -45.18 -36.18 -5.67
CA VAL A 963 -43.94 -36.06 -4.92
C VAL A 963 -43.69 -37.32 -4.10
N GLU A 964 -44.72 -37.83 -3.43
CA GLU A 964 -44.54 -39.01 -2.58
C GLU A 964 -44.08 -40.21 -3.39
N GLN A 965 -44.65 -40.40 -4.59
CA GLN A 965 -44.30 -41.56 -5.39
C GLN A 965 -42.89 -41.43 -5.96
N ILE A 966 -42.56 -40.28 -6.53
CA ILE A 966 -41.24 -40.11 -7.13
C ILE A 966 -40.15 -40.20 -6.08
N THR A 967 -40.39 -39.62 -4.91
CA THR A 967 -39.43 -39.71 -3.81
C THR A 967 -39.52 -41.04 -3.07
N LYS A 968 -40.53 -41.86 -3.35
CA LYS A 968 -40.72 -43.13 -2.65
C LYS A 968 -40.76 -42.91 -1.14
N LYS A 969 -41.36 -41.80 -0.73
CA LYS A 969 -41.35 -41.38 0.67
C LYS A 969 -42.61 -40.58 0.96
N LYS A 970 -43.28 -40.91 2.06
CA LYS A 970 -44.51 -40.22 2.43
C LYS A 970 -44.19 -38.86 3.04
N LEU A 971 -45.04 -37.88 2.74
CA LEU A 971 -44.84 -36.53 3.24
C LEU A 971 -45.05 -36.49 4.75
N GLU A 972 -44.19 -35.76 5.44
CA GLU A 972 -44.37 -35.57 6.87
C GLU A 972 -45.77 -35.03 7.15
N PRO A 973 -46.41 -35.45 8.23
CA PRO A 973 -47.85 -35.14 8.40
C PRO A 973 -48.13 -33.67 8.64
N PHE A 974 -47.25 -32.95 9.32
CA PHE A 974 -47.48 -31.56 9.67
C PHE A 974 -47.05 -30.60 8.55
N ARG A 975 -46.71 -31.11 7.38
CA ARG A 975 -46.34 -30.25 6.26
C ARG A 975 -47.59 -29.52 5.75
N LYS A 976 -47.47 -28.20 5.60
CA LYS A 976 -48.56 -27.39 5.09
C LYS A 976 -48.29 -26.81 3.70
N HIS A 977 -47.04 -26.88 3.22
CA HIS A 977 -46.71 -26.32 1.91
C HIS A 977 -45.74 -27.24 1.20
N LEU A 978 -45.52 -26.93 -0.08
CA LEU A 978 -44.61 -27.67 -0.93
C LEU A 978 -44.01 -26.68 -1.93
N VAL A 979 -42.69 -26.66 -2.05
CA VAL A 979 -41.99 -25.70 -2.90
C VAL A 979 -41.51 -26.43 -4.16
N LEU A 980 -41.84 -25.86 -5.31
CA LEU A 980 -41.47 -26.45 -6.60
C LEU A 980 -40.86 -25.38 -7.50
N GLU A 981 -40.11 -25.86 -8.49
CA GLU A 981 -39.56 -25.01 -9.53
C GLU A 981 -39.93 -25.59 -10.88
N ILE A 982 -39.97 -24.73 -11.90
CA ILE A 982 -40.35 -25.14 -13.24
C ILE A 982 -39.43 -24.49 -14.26
N CYS A 983 -39.08 -25.26 -15.29
CA CYS A 983 -38.52 -24.71 -16.52
C CYS A 983 -39.65 -24.61 -17.53
N CYS A 984 -39.75 -23.46 -18.19
CA CYS A 984 -40.85 -23.26 -19.12
C CYS A 984 -40.42 -22.31 -20.23
N ASP A 985 -41.13 -22.41 -21.35
CA ASP A 985 -40.96 -21.50 -22.47
C ASP A 985 -42.05 -20.44 -22.40
N ASP A 986 -41.68 -19.20 -22.74
CA ASP A 986 -42.63 -18.10 -22.71
C ASP A 986 -43.52 -18.17 -23.95
N ALA A 987 -44.29 -17.12 -24.20
CA ALA A 987 -45.22 -17.13 -25.32
C ALA A 987 -44.51 -17.19 -26.67
N ASN A 988 -43.23 -16.82 -26.72
CA ASN A 988 -42.45 -16.90 -27.95
C ASN A 988 -41.72 -18.23 -28.10
N GLY A 989 -41.97 -19.19 -27.22
CA GLY A 989 -41.30 -20.47 -27.28
C GLY A 989 -39.90 -20.48 -26.74
N GLU A 990 -39.47 -19.40 -26.10
CA GLU A 990 -38.11 -19.26 -25.58
C GLU A 990 -38.08 -19.55 -24.09
N ASP A 991 -37.04 -20.27 -23.65
CA ASP A 991 -36.88 -20.59 -22.25
C ASP A 991 -36.77 -19.32 -21.42
N VAL A 992 -37.38 -19.33 -20.24
CA VAL A 992 -37.46 -18.13 -19.41
C VAL A 992 -37.44 -18.56 -17.95
N GLU A 993 -36.80 -17.74 -17.11
CA GLU A 993 -36.77 -17.98 -15.67
C GLU A 993 -38.00 -17.38 -15.03
N VAL A 994 -38.64 -18.14 -14.13
CA VAL A 994 -39.88 -17.70 -13.51
C VAL A 994 -39.83 -18.03 -12.02
N PRO A 995 -40.66 -17.35 -11.21
CA PRO A 995 -40.64 -17.59 -9.77
C PRO A 995 -40.98 -19.03 -9.41
N PHE A 996 -40.68 -19.38 -8.16
CA PHE A 996 -40.98 -20.72 -7.66
C PHE A 996 -42.47 -20.88 -7.40
N ILE A 997 -42.87 -22.13 -7.18
CA ILE A 997 -44.26 -22.49 -6.90
C ILE A 997 -44.37 -22.92 -5.45
N CYS A 998 -45.41 -22.44 -4.78
CA CYS A 998 -45.73 -22.85 -3.42
C CYS A 998 -47.08 -23.55 -3.44
N ILE A 999 -47.07 -24.86 -3.21
CA ILE A 999 -48.29 -25.64 -3.13
C ILE A 999 -48.84 -25.55 -1.71
N LYS A 1000 -50.07 -25.07 -1.58
CA LYS A 1000 -50.72 -24.97 -0.28
C LYS A 1000 -51.50 -26.25 -0.04
N LEU A 1001 -50.94 -27.16 0.76
CA LEU A 1001 -51.61 -28.40 1.10
C LEU A 1001 -52.77 -28.15 2.06
N MET B 1 -11.74 14.99 -11.41
CA MET B 1 -12.05 15.78 -10.18
C MET B 1 -11.81 14.93 -8.93
N GLN B 2 -11.97 15.53 -7.77
CA GLN B 2 -11.64 14.90 -6.50
C GLN B 2 -12.90 14.72 -5.67
N ILE B 3 -13.05 13.54 -5.08
CA ILE B 3 -14.12 13.25 -4.13
C ILE B 3 -13.53 12.51 -2.94
N PHE B 4 -14.25 12.52 -1.84
CA PHE B 4 -13.79 11.95 -0.58
C PHE B 4 -14.75 10.86 -0.12
N VAL B 5 -14.18 9.82 0.48
CA VAL B 5 -14.95 8.71 1.03
C VAL B 5 -14.58 8.59 2.51
N LYS B 6 -15.57 8.80 3.37
CA LYS B 6 -15.41 8.66 4.81
C LYS B 6 -15.96 7.32 5.24
N THR B 7 -15.16 6.54 5.97
CA THR B 7 -15.59 5.23 6.44
C THR B 7 -16.25 5.35 7.81
N LEU B 8 -16.90 4.26 8.22
CA LEU B 8 -17.61 4.23 9.49
C LEU B 8 -16.66 4.26 10.68
N THR B 9 -15.39 3.89 10.47
CA THR B 9 -14.38 3.96 11.52
C THR B 9 -13.55 5.23 11.47
N GLY B 10 -13.93 6.19 10.64
CA GLY B 10 -13.31 7.50 10.64
C GLY B 10 -12.20 7.71 9.64
N LYS B 11 -11.94 6.77 8.75
CA LYS B 11 -10.90 6.95 7.75
C LYS B 11 -11.42 7.78 6.59
N THR B 12 -10.52 8.52 5.94
CA THR B 12 -10.85 9.36 4.80
C THR B 12 -10.03 8.91 3.60
N ILE B 13 -10.73 8.61 2.50
CA ILE B 13 -10.10 8.17 1.25
C ILE B 13 -10.39 9.23 0.20
N THR B 14 -9.35 9.65 -0.51
CA THR B 14 -9.48 10.60 -1.60
C THR B 14 -9.38 9.84 -2.92
N LEU B 15 -10.29 10.16 -3.84
CA LEU B 15 -10.32 9.51 -5.15
C LEU B 15 -10.23 10.57 -6.24
N GLU B 16 -9.61 10.17 -7.35
CA GLU B 16 -9.57 10.99 -8.56
C GLU B 16 -10.54 10.36 -9.56
N VAL B 17 -11.61 11.09 -9.90
CA VAL B 17 -12.70 10.54 -10.69
C VAL B 17 -13.23 11.61 -11.64
N GLU B 18 -14.15 11.19 -12.50
CA GLU B 18 -14.90 12.08 -13.38
C GLU B 18 -16.38 11.76 -13.23
N SER B 19 -17.22 12.77 -13.48
CA SER B 19 -18.66 12.61 -13.29
C SER B 19 -19.21 11.48 -14.15
N SER B 20 -18.57 11.18 -15.28
CA SER B 20 -19.02 10.12 -16.17
C SER B 20 -18.61 8.73 -15.69
N ASP B 21 -17.74 8.64 -14.70
CA ASP B 21 -17.29 7.35 -14.21
C ASP B 21 -18.45 6.58 -13.58
N THR B 22 -18.38 5.25 -13.69
CA THR B 22 -19.40 4.39 -13.11
C THR B 22 -19.10 4.12 -11.65
N ILE B 23 -20.14 3.69 -10.92
CA ILE B 23 -19.95 3.27 -9.54
C ILE B 23 -18.98 2.09 -9.49
N ASP B 24 -19.10 1.17 -10.43
CA ASP B 24 -18.16 0.05 -10.51
C ASP B 24 -16.72 0.54 -10.56
N ASN B 25 -16.47 1.58 -11.36
CA ASN B 25 -15.13 2.14 -11.44
C ASN B 25 -14.70 2.74 -10.11
N VAL B 26 -15.58 3.52 -9.49
CA VAL B 26 -15.27 4.10 -8.18
C VAL B 26 -14.96 3.01 -7.17
N LYS B 27 -15.71 1.90 -7.23
CA LYS B 27 -15.46 0.79 -6.31
C LYS B 27 -14.12 0.13 -6.59
N SER B 28 -13.73 0.04 -7.86
CA SER B 28 -12.42 -0.53 -8.19
C SER B 28 -11.30 0.31 -7.58
N LYS B 29 -11.44 1.63 -7.61
CA LYS B 29 -10.42 2.48 -7.03
C LYS B 29 -10.39 2.36 -5.51
N ILE B 30 -11.55 2.14 -4.88
CA ILE B 30 -11.57 1.90 -3.45
C ILE B 30 -10.94 0.54 -3.13
N GLN B 31 -11.15 -0.45 -3.99
CA GLN B 31 -10.53 -1.76 -3.75
C GLN B 31 -9.02 -1.67 -3.85
N ASP B 32 -8.50 -0.88 -4.79
CA ASP B 32 -7.05 -0.73 -4.90
C ASP B 32 -6.46 -0.19 -3.60
N LYS B 33 -7.13 0.79 -2.99
CA LYS B 33 -6.57 1.46 -1.83
C LYS B 33 -6.85 0.73 -0.52
N GLU B 34 -8.02 0.09 -0.39
CA GLU B 34 -8.43 -0.51 0.87
C GLU B 34 -8.51 -2.02 0.84
N GLY B 35 -8.59 -2.63 -0.35
CA GLY B 35 -8.71 -4.06 -0.45
C GLY B 35 -10.10 -4.61 -0.21
N ILE B 36 -11.11 -3.76 -0.16
CA ILE B 36 -12.49 -4.18 0.08
C ILE B 36 -13.10 -4.60 -1.25
N PRO B 37 -13.60 -5.82 -1.39
CA PRO B 37 -14.22 -6.22 -2.66
C PRO B 37 -15.39 -5.33 -3.01
N PRO B 38 -15.54 -4.95 -4.28
CA PRO B 38 -16.68 -4.08 -4.67
C PRO B 38 -18.03 -4.55 -4.15
N ASP B 39 -18.31 -5.86 -4.19
CA ASP B 39 -19.60 -6.37 -3.75
C ASP B 39 -19.84 -6.13 -2.27
N GLN B 40 -18.80 -5.88 -1.49
CA GLN B 40 -18.93 -5.64 -0.06
C GLN B 40 -18.89 -4.15 0.28
N GLN B 41 -18.82 -3.28 -0.72
CA GLN B 41 -18.77 -1.84 -0.48
C GLN B 41 -20.18 -1.26 -0.44
N ARG B 42 -20.47 -0.51 0.61
CA ARG B 42 -21.76 0.18 0.76
C ARG B 42 -21.46 1.68 0.76
N LEU B 43 -21.70 2.33 -0.37
CA LEU B 43 -21.42 3.75 -0.54
C LEU B 43 -22.73 4.54 -0.47
N ILE B 44 -22.68 5.70 0.16
CA ILE B 44 -23.86 6.54 0.34
C ILE B 44 -23.51 7.97 -0.04
N PHE B 45 -24.36 8.58 -0.88
CA PHE B 45 -24.26 9.99 -1.19
C PHE B 45 -25.63 10.62 -1.05
N ALA B 46 -25.71 11.71 -0.27
CA ALA B 46 -26.94 12.47 -0.12
C ALA B 46 -28.13 11.56 0.14
N GLY B 47 -27.94 10.63 1.07
CA GLY B 47 -29.03 9.75 1.50
C GLY B 47 -29.40 8.67 0.51
N LYS B 48 -28.55 8.38 -0.46
CA LYS B 48 -28.81 7.32 -1.43
C LYS B 48 -27.61 6.41 -1.53
N GLN B 49 -27.88 5.11 -1.57
CA GLN B 49 -26.81 4.13 -1.74
C GLN B 49 -26.49 3.98 -3.22
N LEU B 50 -25.20 3.94 -3.53
CA LEU B 50 -24.76 3.88 -4.92
C LEU B 50 -24.84 2.45 -5.42
N GLU B 51 -25.42 2.27 -6.61
CA GLU B 51 -25.63 0.96 -7.19
C GLU B 51 -24.77 0.79 -8.44
N ASP B 52 -24.34 -0.45 -8.67
CA ASP B 52 -23.54 -0.74 -9.86
C ASP B 52 -24.36 -0.51 -11.12
N GLY B 53 -23.67 -0.13 -12.19
CA GLY B 53 -24.29 0.17 -13.46
C GLY B 53 -24.62 1.62 -13.67
N ARG B 54 -24.73 2.40 -12.61
CA ARG B 54 -25.01 3.82 -12.73
C ARG B 54 -23.70 4.60 -12.70
N THR B 55 -23.80 5.91 -12.88
CA THR B 55 -22.65 6.80 -12.90
C THR B 55 -22.74 7.80 -11.75
N LEU B 56 -21.61 8.45 -11.48
CA LEU B 56 -21.60 9.48 -10.45
C LEU B 56 -22.59 10.59 -10.77
N SER B 57 -22.69 10.98 -12.04
CA SER B 57 -23.63 12.01 -12.43
C SER B 57 -25.07 11.63 -12.09
N ASP B 58 -25.42 10.34 -12.25
CA ASP B 58 -26.74 9.88 -11.89
C ASP B 58 -27.10 10.15 -10.43
N TYR B 59 -26.11 10.48 -9.59
CA TYR B 59 -26.35 10.80 -8.20
C TYR B 59 -26.01 12.25 -7.86
N ASN B 60 -25.72 13.08 -8.85
CA ASN B 60 -25.35 14.48 -8.64
C ASN B 60 -24.06 14.61 -7.85
N ILE B 61 -23.17 13.64 -7.98
CA ILE B 61 -21.87 13.68 -7.29
C ILE B 61 -20.96 14.59 -8.08
N GLN B 62 -20.47 15.65 -7.42
CA GLN B 62 -19.67 16.66 -8.09
C GLN B 62 -18.34 16.89 -7.38
N LYS B 63 -17.62 17.93 -7.79
CA LYS B 63 -16.29 18.22 -7.27
C LYS B 63 -16.30 18.26 -5.75
N GLU B 64 -15.45 17.45 -5.14
CA GLU B 64 -15.21 17.42 -3.69
C GLU B 64 -16.44 16.99 -2.90
N SER B 65 -17.34 16.23 -3.51
CA SER B 65 -18.41 15.59 -2.76
C SER B 65 -17.83 14.59 -1.77
N THR B 66 -18.63 14.27 -0.74
CA THR B 66 -18.23 13.31 0.28
C THR B 66 -19.22 12.15 0.27
N LEU B 67 -18.71 10.94 0.09
CA LEU B 67 -19.48 9.72 0.23
C LEU B 67 -19.15 9.04 1.54
N HIS B 68 -20.08 8.23 2.02
CA HIS B 68 -19.88 7.42 3.21
C HIS B 68 -19.75 5.95 2.81
N LEU B 69 -18.72 5.30 3.33
CA LEU B 69 -18.53 3.86 3.18
C LEU B 69 -18.86 3.20 4.51
N VAL B 70 -19.87 2.33 4.51
CA VAL B 70 -20.44 1.80 5.74
C VAL B 70 -20.46 0.27 5.68
N LEU B 71 -20.76 -0.33 6.83
CA LEU B 71 -20.83 -1.78 6.97
C LEU B 71 -22.03 -2.13 7.82
N ARG B 72 -22.42 -3.41 7.77
CA ARG B 72 -23.41 -3.95 8.67
C ARG B 72 -22.71 -4.64 9.84
N LEU B 73 -23.35 -4.61 10.99
CA LEU B 73 -22.78 -5.15 12.23
C LEU B 73 -23.69 -6.25 12.75
N CYS B 74 -23.10 -7.16 13.53
CA CYS B 74 -23.77 -8.39 13.91
C CYS B 74 -23.91 -8.59 15.42
N GLY B 75 -23.46 -7.65 16.23
CA GLY B 75 -23.72 -7.72 17.65
C GLY B 75 -25.16 -7.36 17.97
N GLY B 76 -25.58 -7.69 19.19
CA GLY B 76 -26.92 -7.37 19.63
C GLY B 76 -27.38 -8.19 20.83
N THR C 3 45.36 -7.06 -27.66
CA THR C 3 45.73 -6.18 -28.77
C THR C 3 45.04 -4.82 -28.64
N ILE C 4 43.88 -4.81 -28.00
CA ILE C 4 43.13 -3.59 -27.77
C ILE C 4 43.60 -2.94 -26.48
N ASP C 5 43.79 -1.62 -26.51
CA ASP C 5 44.24 -0.88 -25.34
C ASP C 5 43.09 -0.79 -24.34
N GLU C 6 43.10 -1.66 -23.33
CA GLU C 6 42.02 -1.68 -22.35
C GLU C 6 42.13 -0.55 -21.33
N GLY C 7 43.32 0.00 -21.13
CA GLY C 7 43.46 1.14 -20.24
C GLY C 7 42.68 2.35 -20.71
N LEU C 8 42.51 2.49 -22.03
CA LEU C 8 41.79 3.60 -22.63
C LEU C 8 40.32 3.27 -22.91
N TYR C 9 40.06 2.11 -23.50
CA TYR C 9 38.71 1.71 -23.87
C TYR C 9 38.03 0.88 -22.79
N SER C 10 38.38 1.09 -21.53
CA SER C 10 37.83 0.26 -20.44
C SER C 10 36.31 0.32 -20.43
N ARG C 11 35.76 1.51 -20.18
CA ARG C 11 34.31 1.63 -20.00
C ARG C 11 33.56 1.31 -21.29
N GLN C 12 34.18 1.56 -22.45
CA GLN C 12 33.52 1.28 -23.72
C GLN C 12 33.52 -0.20 -24.05
N LEU C 13 34.58 -0.92 -23.67
CA LEU C 13 34.65 -2.35 -23.95
C LEU C 13 33.52 -3.09 -23.27
N TYR C 14 33.16 -2.68 -22.04
CA TYR C 14 32.05 -3.32 -21.34
C TYR C 14 30.73 -3.13 -22.06
N VAL C 15 30.64 -2.17 -22.98
CA VAL C 15 29.45 -1.98 -23.80
C VAL C 15 29.52 -2.81 -25.07
N LEU C 16 30.63 -2.69 -25.80
CA LEU C 16 30.75 -3.28 -27.13
C LEU C 16 31.43 -4.65 -27.12
N GLY C 17 32.40 -4.86 -26.24
CA GLY C 17 33.15 -6.10 -26.20
C GLY C 17 34.41 -6.04 -27.05
N HIS C 18 35.20 -7.10 -26.95
CA HIS C 18 36.48 -7.15 -27.65
C HIS C 18 36.29 -7.48 -29.13
N GLU C 19 35.53 -8.53 -29.43
CA GLU C 19 35.33 -8.94 -30.82
C GLU C 19 34.75 -7.80 -31.65
N ALA C 20 33.83 -7.03 -31.06
CA ALA C 20 33.24 -5.90 -31.78
C ALA C 20 34.28 -4.82 -32.04
N MET C 21 35.07 -4.47 -31.03
CA MET C 21 36.08 -3.43 -31.21
C MET C 21 37.20 -3.88 -32.13
N LYS C 22 37.57 -5.15 -32.10
CA LYS C 22 38.58 -5.65 -33.03
C LYS C 22 38.14 -5.42 -34.47
N GLN C 23 36.86 -5.66 -34.76
CA GLN C 23 36.34 -5.41 -36.09
C GLN C 23 36.29 -3.92 -36.43
N MET C 24 36.20 -3.06 -35.42
CA MET C 24 36.25 -1.62 -35.65
C MET C 24 37.64 -1.15 -36.04
N SER C 25 38.68 -1.75 -35.45
CA SER C 25 40.05 -1.38 -35.75
C SER C 25 40.45 -1.75 -37.17
N GLN C 26 39.72 -2.68 -37.80
CA GLN C 26 39.98 -3.06 -39.19
C GLN C 26 38.85 -2.53 -40.06
N SER C 27 38.56 -1.24 -39.95
CA SER C 27 37.41 -0.66 -40.63
C SER C 27 37.59 0.86 -40.69
N ASN C 28 37.72 1.40 -41.90
CA ASN C 28 37.78 2.84 -42.09
C ASN C 28 36.38 3.38 -42.35
N VAL C 29 36.19 4.68 -42.06
CA VAL C 29 34.90 5.33 -42.19
C VAL C 29 35.09 6.67 -42.88
N LEU C 30 34.15 7.01 -43.77
CA LEU C 30 34.16 8.26 -44.51
C LEU C 30 32.98 9.12 -44.07
N ILE C 31 33.23 10.41 -43.89
CA ILE C 31 32.24 11.34 -43.38
C ILE C 31 32.20 12.56 -44.27
N ILE C 32 31.05 12.82 -44.88
CA ILE C 32 30.84 14.00 -45.71
C ILE C 32 30.27 15.13 -44.86
N GLY C 33 30.80 16.33 -45.04
CA GLY C 33 30.32 17.49 -44.31
C GLY C 33 30.97 17.61 -42.95
N CYS C 34 31.53 18.79 -42.66
CA CYS C 34 32.18 19.06 -41.38
C CYS C 34 31.55 20.27 -40.69
N LYS C 35 30.23 20.34 -40.71
CA LYS C 35 29.50 21.34 -39.94
C LYS C 35 29.24 20.78 -38.54
N GLY C 36 28.23 21.30 -37.84
CA GLY C 36 27.96 20.83 -36.50
C GLY C 36 27.62 19.36 -36.44
N LEU C 37 26.69 18.92 -37.28
CA LEU C 37 26.30 17.51 -37.27
C LEU C 37 27.44 16.62 -37.73
N GLY C 38 28.18 17.05 -38.75
CA GLY C 38 29.26 16.22 -39.26
C GLY C 38 30.38 16.03 -38.28
N VAL C 39 30.82 17.12 -37.63
CA VAL C 39 31.92 17.02 -36.69
C VAL C 39 31.53 16.19 -35.48
N GLU C 40 30.29 16.33 -35.01
CA GLU C 40 29.83 15.53 -33.88
C GLU C 40 29.88 14.04 -34.20
N ILE C 41 29.47 13.66 -35.41
CA ILE C 41 29.54 12.26 -35.82
C ILE C 41 30.99 11.80 -35.86
N ALA C 42 31.82 12.50 -36.63
CA ALA C 42 33.25 12.18 -36.64
C ALA C 42 33.85 12.27 -35.24
N LYS C 43 33.35 13.21 -34.44
CA LYS C 43 33.86 13.39 -33.08
C LYS C 43 33.73 12.10 -32.27
N ASN C 44 32.53 11.55 -32.20
CA ASN C 44 32.31 10.35 -31.42
C ASN C 44 32.98 9.13 -32.05
N VAL C 45 33.06 9.08 -33.38
CA VAL C 45 33.64 7.93 -34.06
C VAL C 45 35.14 7.84 -33.78
N CYS C 46 35.83 8.98 -33.75
CA CYS C 46 37.25 8.96 -33.44
C CYS C 46 37.53 8.41 -32.05
N LEU C 47 36.70 8.80 -31.07
CA LEU C 47 36.90 8.32 -29.70
C LEU C 47 36.61 6.83 -29.58
N ALA C 48 35.71 6.29 -30.41
CA ALA C 48 35.37 4.88 -30.32
C ALA C 48 36.57 3.99 -30.60
N GLY C 49 37.51 4.46 -31.42
CA GLY C 49 38.69 3.70 -31.75
C GLY C 49 38.62 2.91 -33.04
N VAL C 50 37.91 3.42 -34.04
CA VAL C 50 37.88 2.78 -35.36
C VAL C 50 39.26 2.91 -35.99
N LYS C 51 39.43 2.32 -37.17
CA LYS C 51 40.74 2.32 -37.82
C LYS C 51 41.17 3.74 -38.18
N SER C 52 40.34 4.43 -38.96
CA SER C 52 40.69 5.78 -39.41
C SER C 52 39.40 6.52 -39.76
N VAL C 53 39.54 7.84 -39.93
CA VAL C 53 38.42 8.71 -40.30
C VAL C 53 38.90 9.65 -41.40
N THR C 54 38.16 9.71 -42.50
CA THR C 54 38.47 10.60 -43.61
C THR C 54 37.37 11.64 -43.73
N LEU C 55 37.75 12.90 -43.83
CA LEU C 55 36.82 14.01 -43.90
C LEU C 55 36.71 14.53 -45.33
N TYR C 56 35.55 15.10 -45.65
CA TYR C 56 35.34 15.73 -46.96
C TYR C 56 34.37 16.89 -46.76
N ASP C 57 34.88 18.12 -46.84
CA ASP C 57 34.04 19.30 -46.80
C ASP C 57 34.78 20.46 -47.44
N PRO C 58 34.77 20.56 -48.78
CA PRO C 58 35.54 21.62 -49.44
C PRO C 58 35.00 23.02 -49.17
N GLN C 59 33.71 23.18 -48.91
CA GLN C 59 33.13 24.50 -48.78
C GLN C 59 33.84 25.29 -47.68
N PRO C 60 33.99 26.60 -47.85
CA PRO C 60 34.67 27.40 -46.82
C PRO C 60 33.84 27.50 -45.56
N THR C 61 34.47 28.05 -44.52
CA THR C 61 33.79 28.26 -43.25
C THR C 61 33.03 29.58 -43.27
N ARG C 62 31.76 29.53 -42.86
CA ARG C 62 30.93 30.72 -42.74
C ARG C 62 30.64 30.98 -41.28
N ILE C 63 30.36 32.24 -40.95
CA ILE C 63 30.21 32.63 -39.54
C ILE C 63 29.09 31.83 -38.88
N GLU C 64 27.98 31.65 -39.59
CA GLU C 64 26.84 30.93 -39.01
C GLU C 64 27.17 29.49 -38.66
N ASP C 65 28.25 28.94 -39.23
CA ASP C 65 28.61 27.55 -38.95
C ASP C 65 29.08 27.34 -37.52
N LEU C 66 29.51 28.41 -36.83
CA LEU C 66 30.00 28.30 -35.46
C LEU C 66 28.90 28.11 -34.44
N SER C 67 27.62 28.06 -34.87
CA SER C 67 26.54 27.88 -33.91
C SER C 67 26.56 26.50 -33.28
N SER C 68 27.01 25.49 -34.02
CA SER C 68 27.10 24.13 -33.52
C SER C 68 28.47 23.48 -33.75
N GLN C 69 29.32 24.07 -34.58
CA GLN C 69 30.66 23.55 -34.83
C GLN C 69 31.62 24.16 -33.82
N TYR C 70 32.11 23.34 -32.89
CA TYR C 70 32.96 23.81 -31.81
C TYR C 70 34.46 23.70 -32.13
N PHE C 71 34.82 23.22 -33.31
CA PHE C 71 36.21 23.19 -33.74
C PHE C 71 36.54 24.30 -34.74
N LEU C 72 35.59 25.20 -34.99
CA LEU C 72 35.79 26.32 -35.90
C LEU C 72 35.85 27.62 -35.10
N THR C 73 36.83 28.45 -35.40
CA THR C 73 37.03 29.72 -34.71
C THR C 73 36.69 30.89 -35.63
N GLU C 74 36.74 32.09 -35.04
CA GLU C 74 36.37 33.29 -35.79
C GLU C 74 37.34 33.58 -36.92
N ASP C 75 38.63 33.39 -36.69
CA ASP C 75 39.65 33.64 -37.71
C ASP C 75 39.83 32.46 -38.67
N ASP C 76 38.84 31.57 -38.75
CA ASP C 76 38.86 30.46 -39.70
C ASP C 76 37.88 30.67 -40.85
N ILE C 77 37.22 31.81 -40.92
CA ILE C 77 36.30 32.08 -42.02
C ILE C 77 37.05 32.02 -43.33
N GLY C 78 36.45 31.37 -44.34
CA GLY C 78 37.02 31.27 -45.65
C GLY C 78 37.86 30.04 -45.89
N VAL C 79 38.35 29.38 -44.85
CA VAL C 79 39.16 28.17 -45.00
C VAL C 79 38.20 26.99 -45.12
N PRO C 80 38.50 25.99 -45.94
CA PRO C 80 37.63 24.81 -46.01
C PRO C 80 37.45 24.18 -44.63
N ARG C 81 36.22 23.77 -44.35
CA ARG C 81 35.91 23.24 -43.02
C ARG C 81 36.69 21.97 -42.72
N ALA C 82 36.74 21.04 -43.68
CA ALA C 82 37.41 19.77 -43.44
C ALA C 82 38.89 19.97 -43.12
N LYS C 83 39.51 21.02 -43.66
CA LYS C 83 40.93 21.25 -43.47
C LYS C 83 41.27 22.01 -42.19
N VAL C 84 40.27 22.51 -41.46
CA VAL C 84 40.52 23.25 -40.24
C VAL C 84 40.19 22.38 -39.04
N THR C 85 39.27 21.43 -39.22
CA THR C 85 38.85 20.54 -38.14
C THR C 85 39.74 19.30 -38.02
N VAL C 86 40.36 18.87 -39.11
CA VAL C 86 41.15 17.64 -39.08
C VAL C 86 42.23 17.73 -38.01
N SER C 87 42.85 18.90 -37.87
CA SER C 87 43.90 19.07 -36.87
C SER C 87 43.40 18.82 -35.46
N LYS C 88 42.14 19.18 -35.18
CA LYS C 88 41.61 19.07 -33.84
C LYS C 88 40.86 17.77 -33.59
N LEU C 89 40.43 17.08 -34.64
CA LEU C 89 39.89 15.73 -34.48
C LEU C 89 40.99 14.71 -34.26
N ALA C 90 42.10 14.82 -35.01
CA ALA C 90 43.20 13.87 -34.86
C ALA C 90 43.79 13.88 -33.46
N GLU C 91 43.56 14.94 -32.69
CA GLU C 91 44.04 15.02 -31.33
C GLU C 91 43.18 14.22 -30.35
N LEU C 92 42.05 13.69 -30.80
CA LEU C 92 41.12 13.01 -29.91
C LEU C 92 41.63 11.63 -29.51
N ASN C 93 41.91 10.78 -30.50
CA ASN C 93 42.31 9.40 -30.26
C ASN C 93 43.60 9.13 -31.00
N GLN C 94 44.68 8.91 -30.24
CA GLN C 94 45.98 8.62 -30.84
C GLN C 94 45.90 7.45 -31.80
N TYR C 95 45.00 6.50 -31.55
CA TYR C 95 44.89 5.30 -32.36
C TYR C 95 44.03 5.48 -33.60
N VAL C 96 43.63 6.71 -33.92
CA VAL C 96 42.72 6.97 -35.03
C VAL C 96 43.26 8.12 -35.86
N PRO C 97 44.03 7.87 -36.92
CA PRO C 97 44.49 8.97 -37.78
C PRO C 97 43.33 9.56 -38.56
N VAL C 98 43.32 10.90 -38.64
CA VAL C 98 42.27 11.63 -39.34
C VAL C 98 42.91 12.32 -40.53
N SER C 99 42.24 12.23 -41.69
CA SER C 99 42.78 12.76 -42.93
C SER C 99 41.66 13.43 -43.71
N VAL C 100 42.05 14.19 -44.74
CA VAL C 100 41.11 14.96 -45.55
C VAL C 100 41.29 14.58 -47.01
N VAL C 101 40.19 14.60 -47.75
CA VAL C 101 40.19 14.40 -49.20
C VAL C 101 39.32 15.48 -49.82
N ASP C 102 39.70 15.89 -51.03
CA ASP C 102 39.02 16.99 -51.72
C ASP C 102 38.22 16.53 -52.93
N GLU C 103 38.40 15.29 -53.38
CA GLU C 103 37.79 14.82 -54.62
C GLU C 103 36.81 13.69 -54.32
N LEU C 104 35.73 13.65 -55.11
CA LEU C 104 34.70 12.62 -55.00
C LEU C 104 34.85 11.66 -56.17
N SER C 105 35.25 10.43 -55.87
CA SER C 105 35.32 9.37 -56.87
C SER C 105 34.38 8.25 -56.44
N THR C 106 33.46 7.88 -57.33
CA THR C 106 32.49 6.84 -57.00
C THR C 106 33.17 5.55 -56.58
N GLU C 107 34.32 5.22 -57.17
CA GLU C 107 35.03 4.01 -56.81
C GLU C 107 35.89 4.17 -55.57
N TYR C 108 36.21 5.42 -55.17
CA TYR C 108 37.04 5.65 -54.00
C TYR C 108 36.35 5.22 -52.71
N LEU C 109 35.03 5.03 -52.73
CA LEU C 109 34.30 4.65 -51.53
C LEU C 109 34.61 3.24 -51.05
N LYS C 110 35.33 2.44 -51.84
CA LYS C 110 35.65 1.08 -51.47
C LYS C 110 36.72 0.98 -50.38
N ASN C 111 37.39 2.08 -50.05
CA ASN C 111 38.44 2.05 -49.04
C ASN C 111 37.89 1.97 -47.62
N PHE C 112 36.61 2.25 -47.43
CA PHE C 112 36.02 2.34 -46.10
C PHE C 112 35.09 1.16 -45.84
N LYS C 113 34.44 1.19 -44.68
CA LYS C 113 33.38 0.24 -44.34
C LYS C 113 32.03 0.91 -44.17
N CYS C 114 32.00 2.19 -43.83
CA CYS C 114 30.78 2.96 -43.68
C CYS C 114 31.01 4.36 -44.21
N VAL C 115 29.96 4.96 -44.78
CA VAL C 115 30.02 6.31 -45.32
C VAL C 115 28.90 7.12 -44.68
N VAL C 116 29.27 8.23 -44.05
CA VAL C 116 28.31 9.14 -43.42
C VAL C 116 28.13 10.35 -44.32
N VAL C 117 26.88 10.67 -44.65
CA VAL C 117 26.55 11.73 -45.58
C VAL C 117 25.69 12.75 -44.85
N THR C 118 26.23 13.95 -44.65
CA THR C 118 25.51 15.04 -44.03
C THR C 118 25.64 16.29 -44.89
N GLU C 119 24.60 17.11 -44.89
CA GLU C 119 24.60 18.38 -45.62
C GLU C 119 24.81 18.16 -47.11
N THR C 120 24.13 17.15 -47.66
CA THR C 120 24.27 16.78 -49.06
C THR C 120 22.90 16.71 -49.70
N SER C 121 22.80 17.21 -50.93
CA SER C 121 21.55 17.18 -51.66
C SER C 121 21.06 15.75 -51.82
N LEU C 122 19.74 15.61 -52.00
CA LEU C 122 19.15 14.28 -52.16
C LEU C 122 19.65 13.62 -53.43
N THR C 123 19.80 14.38 -54.52
CA THR C 123 20.32 13.81 -55.76
C THR C 123 21.71 13.24 -55.56
N LYS C 124 22.62 14.03 -55.00
CA LYS C 124 23.98 13.56 -54.75
C LYS C 124 23.99 12.40 -53.77
N GLN C 125 22.99 12.32 -52.88
CA GLN C 125 22.90 11.18 -51.98
C GLN C 125 22.51 9.92 -52.72
N LEU C 126 21.48 10.00 -53.57
CA LEU C 126 21.07 8.84 -54.36
C LEU C 126 22.23 8.30 -55.18
N GLU C 127 23.03 9.19 -55.77
CA GLU C 127 24.18 8.74 -56.53
C GLU C 127 25.16 7.96 -55.66
N ILE C 128 25.28 8.33 -54.39
CA ILE C 128 26.19 7.62 -53.49
C ILE C 128 25.59 6.31 -53.04
N ASN C 129 24.32 6.34 -52.59
CA ASN C 129 23.71 5.14 -52.04
C ASN C 129 23.62 4.03 -53.10
N ASP C 130 23.25 4.39 -54.32
CA ASP C 130 23.17 3.39 -55.38
C ASP C 130 24.48 2.63 -55.53
N PHE C 131 25.61 3.32 -55.38
CA PHE C 131 26.90 2.65 -55.45
C PHE C 131 27.17 1.85 -54.18
N THR C 132 26.81 2.39 -53.01
CA THR C 132 27.13 1.72 -51.76
C THR C 132 26.29 0.47 -51.57
N HIS C 133 24.97 0.58 -51.78
CA HIS C 133 24.10 -0.58 -51.63
C HIS C 133 24.51 -1.71 -52.57
N LYS C 134 25.24 -1.39 -53.64
CA LYS C 134 25.69 -2.39 -54.59
C LYS C 134 27.00 -3.05 -54.20
N ASN C 135 27.88 -2.32 -53.52
CA ASN C 135 29.23 -2.81 -53.22
C ASN C 135 29.46 -2.97 -51.72
N HIS C 136 28.60 -3.76 -51.06
CA HIS C 136 28.76 -4.13 -49.66
C HIS C 136 29.50 -3.07 -48.84
N ILE C 137 28.88 -1.91 -48.67
CA ILE C 137 29.47 -0.81 -47.89
C ILE C 137 28.32 -0.06 -47.21
N ALA C 138 28.49 0.22 -45.93
CA ALA C 138 27.41 0.81 -45.14
C ALA C 138 27.21 2.27 -45.51
N TYR C 139 25.96 2.71 -45.43
CA TYR C 139 25.56 4.07 -45.79
C TYR C 139 24.66 4.63 -44.70
N ILE C 140 24.97 5.85 -44.27
CA ILE C 140 24.19 6.55 -43.25
C ILE C 140 24.07 8.01 -43.64
N ALA C 141 22.85 8.55 -43.61
CA ALA C 141 22.61 9.95 -43.94
C ALA C 141 21.83 10.60 -42.81
N ALA C 142 22.19 11.84 -42.48
CA ALA C 142 21.56 12.56 -41.39
C ALA C 142 21.61 14.06 -41.70
N ASP C 143 20.63 14.79 -41.17
CA ASP C 143 20.55 16.23 -41.37
C ASP C 143 19.89 16.88 -40.16
N SER C 144 20.44 18.00 -39.72
CA SER C 144 19.92 18.79 -38.60
C SER C 144 19.37 20.09 -39.14
N ARG C 145 18.06 20.31 -38.96
CA ARG C 145 17.37 21.50 -39.48
C ARG C 145 16.55 22.09 -38.34
N GLY C 146 17.14 23.01 -37.59
CA GLY C 146 16.43 23.63 -36.48
C GLY C 146 15.99 22.59 -35.47
N LEU C 147 14.71 22.64 -35.10
CA LEU C 147 14.14 21.67 -34.17
C LEU C 147 13.67 20.40 -34.86
N PHE C 148 14.14 20.14 -36.08
CA PHE C 148 13.77 18.95 -36.84
C PHE C 148 15.04 18.20 -37.23
N GLY C 149 14.95 16.88 -37.23
CA GLY C 149 16.11 16.05 -37.53
C GLY C 149 15.70 14.80 -38.27
N SER C 150 16.63 14.26 -39.05
CA SER C 150 16.39 13.06 -39.84
C SER C 150 17.65 12.20 -39.86
N ILE C 151 17.43 10.88 -39.88
CA ILE C 151 18.52 9.92 -39.99
C ILE C 151 18.06 8.78 -40.90
N PHE C 152 18.97 8.28 -41.72
CA PHE C 152 18.70 7.16 -42.60
C PHE C 152 19.85 6.17 -42.52
N CYS C 153 19.53 4.88 -42.65
CA CYS C 153 20.53 3.82 -42.60
C CYS C 153 20.27 2.82 -43.71
N ASP C 154 21.36 2.31 -44.29
CA ASP C 154 21.29 1.29 -45.35
C ASP C 154 22.61 0.53 -45.32
N PHE C 155 22.66 -0.52 -44.49
CA PHE C 155 23.85 -1.32 -44.32
C PHE C 155 23.96 -2.45 -45.35
N GLY C 156 23.18 -2.38 -46.42
CA GLY C 156 23.16 -3.42 -47.42
C GLY C 156 22.01 -4.38 -47.24
N GLU C 157 21.63 -5.05 -48.34
CA GLU C 157 20.53 -6.01 -48.33
C GLU C 157 20.96 -7.38 -47.85
N ASN C 158 21.91 -7.45 -46.91
CA ASN C 158 22.40 -8.71 -46.40
C ASN C 158 23.21 -8.49 -45.14
N PHE C 159 22.69 -7.66 -44.23
CA PHE C 159 23.39 -7.34 -42.99
C PHE C 159 23.05 -8.37 -41.93
N ILE C 160 24.07 -8.89 -41.26
CA ILE C 160 23.91 -9.89 -40.21
C ILE C 160 24.09 -9.21 -38.86
N CYS C 161 23.19 -9.51 -37.92
CA CYS C 161 23.23 -8.94 -36.58
C CYS C 161 23.48 -10.05 -35.58
N THR C 162 24.58 -9.95 -34.84
CA THR C 162 24.94 -10.97 -33.87
C THR C 162 24.37 -10.72 -32.48
N ASP C 163 24.00 -9.48 -32.16
CA ASP C 163 23.38 -9.14 -30.88
C ASP C 163 22.26 -8.15 -31.16
N THR C 164 21.02 -8.60 -31.04
CA THR C 164 19.87 -7.78 -31.43
C THR C 164 19.44 -6.80 -30.35
N ASP C 165 19.81 -7.04 -29.09
CA ASP C 165 19.38 -6.16 -28.00
C ASP C 165 20.51 -5.70 -27.09
N GLY C 166 21.71 -6.27 -27.20
CA GLY C 166 22.80 -5.91 -26.32
C GLY C 166 22.72 -6.53 -24.94
N ASN C 167 21.64 -7.23 -24.61
CA ASN C 167 21.49 -7.83 -23.29
C ASN C 167 22.32 -9.10 -23.19
N GLU C 168 22.84 -9.34 -21.99
CA GLU C 168 23.57 -10.58 -21.74
C GLU C 168 22.61 -11.76 -21.79
N PRO C 169 23.10 -12.94 -22.15
CA PRO C 169 22.20 -14.09 -22.27
C PRO C 169 21.55 -14.46 -20.95
N LEU C 170 20.26 -14.75 -21.00
CA LEU C 170 19.53 -15.12 -19.80
C LEU C 170 19.96 -16.50 -19.31
N THR C 171 19.96 -16.67 -17.98
CA THR C 171 20.32 -17.94 -17.37
C THR C 171 19.47 -18.11 -16.11
N GLY C 172 19.21 -19.37 -15.76
CA GLY C 172 18.42 -19.67 -14.58
C GLY C 172 18.51 -21.11 -14.17
N MET C 173 18.28 -21.39 -12.88
CA MET C 173 18.37 -22.74 -12.34
C MET C 173 17.05 -23.46 -12.52
N ILE C 174 17.14 -24.70 -12.97
CA ILE C 174 15.96 -25.51 -13.28
C ILE C 174 15.55 -26.31 -12.06
N ALA C 175 14.24 -26.52 -11.92
CA ALA C 175 13.69 -27.42 -10.91
C ALA C 175 13.37 -28.80 -11.47
N SER C 176 12.72 -28.86 -12.62
CA SER C 176 12.32 -30.13 -13.21
C SER C 176 11.90 -29.89 -14.65
N ILE C 177 11.91 -30.98 -15.43
CA ILE C 177 11.49 -30.96 -16.83
C ILE C 177 10.70 -32.23 -17.10
N THR C 178 9.52 -32.09 -17.70
CA THR C 178 8.69 -33.23 -18.05
C THR C 178 9.07 -33.76 -19.43
N ASP C 179 8.67 -34.99 -19.71
CA ASP C 179 8.91 -35.58 -21.01
C ASP C 179 8.30 -34.73 -22.12
N ASP C 180 7.21 -34.02 -21.82
CA ASP C 180 6.61 -33.11 -22.79
C ASP C 180 7.49 -31.89 -23.06
N GLY C 181 8.50 -31.65 -22.24
CA GLY C 181 9.39 -30.51 -22.42
C GLY C 181 9.02 -29.28 -21.62
N VAL C 182 8.04 -29.38 -20.71
CA VAL C 182 7.62 -28.24 -19.90
C VAL C 182 8.67 -28.05 -18.81
N VAL C 183 9.52 -27.03 -18.98
CA VAL C 183 10.56 -26.73 -18.01
C VAL C 183 9.96 -25.92 -16.88
N THR C 184 10.37 -26.24 -15.65
CA THR C 184 9.88 -25.58 -14.45
C THR C 184 11.07 -24.96 -13.71
N MET C 185 10.99 -23.66 -13.47
CA MET C 185 12.07 -22.96 -12.76
C MET C 185 12.13 -23.41 -11.30
N LEU C 186 13.22 -23.04 -10.65
CA LEU C 186 13.32 -23.20 -9.21
C LEU C 186 12.35 -22.26 -8.52
N GLU C 187 12.04 -22.58 -7.26
CA GLU C 187 11.09 -21.78 -6.50
C GLU C 187 11.50 -20.32 -6.47
N GLU C 188 10.59 -19.44 -6.89
CA GLU C 188 10.80 -17.99 -6.85
C GLU C 188 11.98 -17.59 -7.73
N THR C 189 11.99 -18.08 -8.97
CA THR C 189 13.06 -17.78 -9.91
C THR C 189 12.44 -17.63 -11.29
N ARG C 190 12.49 -16.42 -11.84
CA ARG C 190 11.92 -16.14 -13.15
C ARG C 190 12.96 -16.39 -14.24
N HIS C 191 12.49 -16.86 -15.39
CA HIS C 191 13.37 -17.13 -16.51
C HIS C 191 13.53 -15.94 -17.45
N GLY C 192 12.49 -15.10 -17.57
CA GLY C 192 12.57 -13.91 -18.38
C GLY C 192 12.60 -14.15 -19.88
N LEU C 193 12.57 -15.40 -20.32
CA LEU C 193 12.58 -15.71 -21.74
C LEU C 193 11.32 -15.18 -22.42
N GLU C 194 11.45 -14.94 -23.73
CA GLU C 194 10.31 -14.61 -24.59
C GLU C 194 10.10 -15.74 -25.58
N ASN C 195 8.92 -15.76 -26.18
CA ASN C 195 8.63 -16.75 -27.21
C ASN C 195 9.60 -16.61 -28.38
N GLY C 196 10.10 -17.74 -28.86
CA GLY C 196 11.07 -17.76 -29.93
C GLY C 196 12.52 -17.78 -29.47
N ASP C 197 12.78 -17.48 -28.20
CA ASP C 197 14.15 -17.55 -27.69
C ASP C 197 14.65 -18.99 -27.73
N PHE C 198 15.97 -19.13 -27.69
CA PHE C 198 16.63 -20.42 -27.72
C PHE C 198 17.51 -20.58 -26.49
N VAL C 199 17.53 -21.79 -25.93
CA VAL C 199 18.24 -22.06 -24.69
C VAL C 199 18.97 -23.40 -24.80
N LYS C 200 20.10 -23.48 -24.10
CA LYS C 200 20.81 -24.73 -23.90
C LYS C 200 20.78 -25.07 -22.41
N PHE C 201 21.05 -26.34 -22.11
CA PHE C 201 20.94 -26.86 -20.75
C PHE C 201 22.26 -27.46 -20.29
N THR C 202 22.40 -27.58 -18.98
CA THR C 202 23.63 -28.09 -18.37
C THR C 202 23.31 -28.56 -16.96
N GLU C 203 23.90 -29.69 -16.57
CA GLU C 203 23.73 -30.26 -15.24
C GLU C 203 22.30 -30.75 -15.00
N VAL C 204 21.58 -31.10 -16.06
CA VAL C 204 20.23 -31.64 -15.93
C VAL C 204 20.34 -33.14 -15.65
N LYS C 205 19.86 -33.55 -14.48
CA LYS C 205 19.87 -34.96 -14.12
C LYS C 205 18.67 -35.67 -14.74
N GLY C 206 18.86 -36.96 -15.03
CA GLY C 206 17.82 -37.77 -15.63
C GLY C 206 17.64 -37.58 -17.13
N MET C 207 18.30 -36.58 -17.72
CA MET C 207 18.23 -36.34 -19.15
C MET C 207 19.64 -35.98 -19.62
N PRO C 208 20.51 -36.98 -19.78
CA PRO C 208 21.92 -36.68 -20.08
C PRO C 208 22.11 -35.93 -21.39
N GLY C 209 21.53 -36.42 -22.47
CA GLY C 209 21.73 -35.84 -23.78
C GLY C 209 21.25 -34.40 -23.90
N LEU C 210 20.46 -33.91 -22.94
CA LEU C 210 19.97 -32.54 -23.02
C LEU C 210 21.06 -31.51 -22.72
N ASN C 211 22.14 -31.93 -22.05
CA ASN C 211 23.23 -31.03 -21.69
C ASN C 211 24.28 -30.91 -22.78
N ASP C 212 23.90 -31.11 -24.04
CA ASP C 212 24.88 -31.12 -25.13
C ASP C 212 25.25 -29.70 -25.56
N GLY C 213 24.27 -28.84 -25.78
CA GLY C 213 24.52 -27.49 -26.22
C GLY C 213 23.66 -27.09 -27.41
N THR C 214 22.78 -27.97 -27.84
CA THR C 214 21.92 -27.70 -28.99
C THR C 214 20.80 -26.74 -28.57
N PRO C 215 20.65 -25.59 -29.24
CA PRO C 215 19.57 -24.67 -28.86
C PRO C 215 18.21 -25.25 -29.19
N ARG C 216 17.23 -24.90 -28.36
CA ARG C 216 15.85 -25.34 -28.55
C ARG C 216 14.93 -24.14 -28.39
N LYS C 217 14.02 -23.97 -29.35
CA LYS C 217 13.10 -22.84 -29.30
C LYS C 217 12.23 -22.93 -28.05
N VAL C 218 11.85 -21.76 -27.54
CA VAL C 218 11.12 -21.64 -26.27
C VAL C 218 9.73 -21.09 -26.54
N GLU C 219 8.74 -21.62 -25.84
CA GLU C 219 7.37 -21.11 -25.84
C GLU C 219 6.96 -20.91 -24.40
N VAL C 220 6.85 -19.66 -23.97
CA VAL C 220 6.63 -19.34 -22.56
C VAL C 220 5.21 -19.73 -22.16
N LYS C 221 5.10 -20.53 -21.10
CA LYS C 221 3.81 -20.88 -20.53
C LYS C 221 3.46 -20.06 -19.30
N GLY C 222 4.45 -19.41 -18.69
CA GLY C 222 4.23 -18.58 -17.53
C GLY C 222 5.52 -17.90 -17.11
N PRO C 223 5.45 -17.07 -16.06
CA PRO C 223 6.68 -16.40 -15.60
C PRO C 223 7.73 -17.35 -15.06
N TYR C 224 7.33 -18.54 -14.62
CA TYR C 224 8.27 -19.50 -14.04
C TYR C 224 8.40 -20.79 -14.86
N THR C 225 7.72 -20.90 -15.99
CA THR C 225 7.76 -22.12 -16.79
C THR C 225 7.82 -21.77 -18.27
N PHE C 226 8.45 -22.65 -19.04
CA PHE C 226 8.50 -22.53 -20.48
C PHE C 226 8.72 -23.90 -21.09
N SER C 227 8.20 -24.10 -22.29
CA SER C 227 8.31 -25.37 -22.99
C SER C 227 9.37 -25.31 -24.07
N ILE C 228 10.05 -26.43 -24.28
CA ILE C 228 11.08 -26.56 -25.31
C ILE C 228 10.71 -27.61 -26.35
N GLY C 229 9.51 -28.16 -26.27
CA GLY C 229 9.09 -29.21 -27.16
C GLY C 229 9.30 -30.59 -26.55
N SER C 230 8.64 -31.58 -27.16
CA SER C 230 8.71 -32.95 -26.65
C SER C 230 10.15 -33.43 -26.60
N VAL C 231 10.61 -33.79 -25.40
CA VAL C 231 11.93 -34.38 -25.21
C VAL C 231 11.80 -35.83 -24.73
N LYS C 232 10.66 -36.46 -24.99
CA LYS C 232 10.44 -37.84 -24.53
C LYS C 232 11.47 -38.80 -25.13
N ASP C 233 12.07 -38.46 -26.27
CA ASP C 233 13.10 -39.29 -26.89
C ASP C 233 14.46 -39.15 -26.22
N LEU C 234 14.50 -38.63 -25.00
CA LEU C 234 15.76 -38.41 -24.30
C LEU C 234 15.70 -38.72 -22.81
N GLY C 235 14.52 -38.92 -22.24
CA GLY C 235 14.40 -39.22 -20.83
C GLY C 235 12.95 -39.16 -20.40
N SER C 236 12.73 -39.52 -19.14
CA SER C 236 11.38 -39.54 -18.58
C SER C 236 11.11 -38.36 -17.65
N ALA C 237 12.11 -37.90 -16.91
CA ALA C 237 11.91 -36.80 -15.97
C ALA C 237 13.25 -36.14 -15.69
N GLY C 238 13.35 -34.84 -15.95
CA GLY C 238 14.56 -34.10 -15.65
C GLY C 238 14.50 -33.46 -14.29
N TYR C 239 15.67 -33.31 -13.67
CA TYR C 239 15.79 -32.74 -12.34
C TYR C 239 17.01 -31.84 -12.27
N ASN C 240 16.89 -30.73 -11.55
CA ASN C 240 17.98 -29.78 -11.38
C ASN C 240 18.46 -29.29 -12.74
N GLY C 241 19.65 -28.70 -12.79
CA GLY C 241 20.22 -28.21 -14.03
C GLY C 241 20.14 -26.70 -14.14
N VAL C 242 20.72 -26.20 -15.23
CA VAL C 242 20.80 -24.77 -15.50
C VAL C 242 20.63 -24.55 -16.98
N PHE C 243 19.78 -23.60 -17.34
CA PHE C 243 19.58 -23.22 -18.74
C PHE C 243 20.31 -21.91 -19.04
N THR C 244 20.62 -21.72 -20.31
CA THR C 244 21.30 -20.51 -20.77
C THR C 244 20.77 -20.14 -22.14
N GLN C 245 20.40 -18.87 -22.31
CA GLN C 245 19.90 -18.41 -23.59
C GLN C 245 21.01 -18.39 -24.63
N VAL C 246 20.67 -18.76 -25.86
CA VAL C 246 21.59 -18.76 -26.98
C VAL C 246 21.11 -17.70 -27.96
N LYS C 247 21.88 -16.61 -28.09
CA LYS C 247 21.49 -15.53 -28.98
C LYS C 247 21.73 -15.95 -30.42
N VAL C 248 20.65 -16.01 -31.21
CA VAL C 248 20.72 -16.43 -32.60
C VAL C 248 20.79 -15.19 -33.48
N PRO C 249 21.76 -15.09 -34.38
CA PRO C 249 21.83 -13.91 -35.25
C PRO C 249 20.70 -13.90 -36.26
N THR C 250 20.28 -12.69 -36.64
CA THR C 250 19.20 -12.50 -37.61
C THR C 250 19.66 -11.50 -38.65
N LYS C 251 19.41 -11.81 -39.92
CA LYS C 251 19.79 -10.91 -41.00
C LYS C 251 18.74 -9.82 -41.17
N ILE C 252 19.19 -8.66 -41.65
CA ILE C 252 18.34 -7.50 -41.86
C ILE C 252 18.59 -7.00 -43.29
N SER C 253 17.55 -7.05 -44.12
CA SER C 253 17.63 -6.59 -45.49
C SER C 253 17.28 -5.10 -45.53
N PHE C 254 18.25 -4.28 -45.90
CA PHE C 254 18.04 -2.84 -46.00
C PHE C 254 17.69 -2.45 -47.43
N LYS C 255 16.72 -1.55 -47.56
CA LYS C 255 16.38 -0.99 -48.86
C LYS C 255 17.32 0.17 -49.19
N SER C 256 17.55 0.36 -50.49
CA SER C 256 18.36 1.49 -50.91
C SER C 256 17.59 2.79 -50.74
N LEU C 257 18.33 3.90 -50.69
CA LEU C 257 17.71 5.21 -50.55
C LEU C 257 16.66 5.44 -51.63
N ARG C 258 16.89 4.91 -52.82
CA ARG C 258 15.96 5.14 -53.93
C ARG C 258 14.65 4.40 -53.72
N GLU C 259 14.72 3.07 -53.58
CA GLU C 259 13.50 2.29 -53.45
C GLU C 259 12.79 2.54 -52.13
N SER C 260 13.54 2.85 -51.06
CA SER C 260 12.92 3.16 -49.78
C SER C 260 12.30 4.56 -49.77
N LEU C 261 12.69 5.42 -50.70
CA LEU C 261 12.07 6.74 -50.81
C LEU C 261 10.58 6.63 -51.11
N LYS C 262 10.18 5.56 -51.80
CA LYS C 262 8.78 5.33 -52.13
C LYS C 262 7.99 4.95 -50.89
N ASP C 263 8.24 3.75 -50.37
CA ASP C 263 7.55 3.23 -49.18
C ASP C 263 8.54 3.18 -48.03
N PRO C 264 8.73 4.27 -47.30
CA PRO C 264 9.71 4.27 -46.20
C PRO C 264 9.20 3.51 -44.99
N GLU C 265 10.16 2.99 -44.23
CA GLU C 265 9.89 2.30 -42.97
C GLU C 265 10.40 3.19 -41.84
N TYR C 266 9.49 3.59 -40.95
CA TYR C 266 9.78 4.59 -39.94
C TYR C 266 10.20 3.96 -38.61
N VAL C 267 10.99 4.70 -37.86
CA VAL C 267 11.34 4.36 -36.48
C VAL C 267 10.81 5.51 -35.62
N TYR C 268 9.60 5.33 -35.09
CA TYR C 268 8.91 6.41 -34.40
C TYR C 268 9.61 6.75 -33.09
N PRO C 269 10.09 7.99 -32.90
CA PRO C 269 10.70 8.35 -31.62
C PRO C 269 9.70 8.77 -30.55
N ASP C 270 8.50 9.21 -30.94
CA ASP C 270 7.49 9.67 -29.99
C ASP C 270 6.14 9.14 -30.45
N PHE C 271 5.62 8.14 -29.73
CA PHE C 271 4.32 7.56 -30.09
C PHE C 271 3.20 8.58 -29.97
N GLY C 272 3.43 9.70 -29.29
CA GLY C 272 2.46 10.79 -29.28
C GLY C 272 2.49 11.66 -30.51
N LYS C 273 3.47 11.48 -31.38
CA LYS C 273 3.60 12.23 -32.62
C LYS C 273 3.61 11.27 -33.81
N MET C 274 2.66 10.34 -33.83
CA MET C 274 2.70 9.25 -34.80
C MET C 274 2.49 9.74 -36.23
N MET C 275 1.76 10.84 -36.41
CA MET C 275 1.38 11.31 -37.73
C MET C 275 2.38 12.29 -38.34
N ARG C 276 3.57 12.43 -37.74
CA ARG C 276 4.51 13.45 -38.17
C ARG C 276 5.60 12.92 -39.10
N PRO C 277 6.17 11.74 -38.85
CA PRO C 277 7.29 11.27 -39.67
C PRO C 277 6.95 11.28 -41.16
N PRO C 278 5.73 10.88 -41.55
CA PRO C 278 5.38 11.00 -42.97
C PRO C 278 5.42 12.44 -43.46
N GLN C 279 4.88 13.38 -42.68
CA GLN C 279 4.95 14.79 -43.04
C GLN C 279 6.39 15.24 -43.21
N TYR C 280 7.28 14.78 -42.32
CA TYR C 280 8.68 15.18 -42.40
C TYR C 280 9.40 14.51 -43.56
N HIS C 281 8.96 13.30 -43.96
CA HIS C 281 9.57 12.63 -45.10
C HIS C 281 9.45 13.47 -46.35
N ILE C 282 8.28 14.09 -46.56
CA ILE C 282 8.11 14.97 -47.71
C ILE C 282 8.83 16.29 -47.49
N ALA C 283 8.82 16.79 -46.25
CA ALA C 283 9.44 18.08 -45.97
C ALA C 283 10.94 18.05 -46.22
N PHE C 284 11.61 16.98 -45.81
CA PHE C 284 13.06 16.90 -45.98
C PHE C 284 13.44 16.77 -47.45
N GLN C 285 12.66 16.00 -48.21
CA GLN C 285 12.90 15.94 -49.65
C GLN C 285 12.63 17.29 -50.31
N ALA C 286 11.49 17.89 -49.99
CA ALA C 286 11.17 19.22 -50.53
C ALA C 286 12.25 20.23 -50.12
N LEU C 287 12.93 20.00 -49.01
CA LEU C 287 14.01 20.89 -48.61
C LEU C 287 15.22 20.74 -49.53
N SER C 288 15.40 19.55 -50.11
CA SER C 288 16.47 19.34 -51.07
C SER C 288 16.12 19.90 -52.45
N ALA C 289 14.84 19.89 -52.80
CA ALA C 289 14.41 20.46 -54.07
C ALA C 289 14.50 21.99 -54.03
N PHE C 290 14.02 22.59 -52.94
CA PHE C 290 14.18 24.03 -52.77
C PHE C 290 15.64 24.45 -52.87
N ALA C 291 16.55 23.61 -52.40
CA ALA C 291 17.97 23.92 -52.49
C ALA C 291 18.45 23.87 -53.94
N ASP C 292 18.08 22.81 -54.67
CA ASP C 292 18.49 22.70 -56.07
C ASP C 292 17.85 23.77 -56.94
N ALA C 293 16.80 24.44 -56.46
CA ALA C 293 16.15 25.50 -57.22
C ALA C 293 16.76 26.87 -56.94
N HIS C 294 17.30 27.09 -55.75
CA HIS C 294 17.89 28.38 -55.39
C HIS C 294 19.39 28.23 -55.18
N GLU C 295 20.06 27.57 -56.13
CA GLU C 295 21.51 27.36 -56.09
C GLU C 295 21.97 26.94 -54.70
N GLY C 296 21.41 25.83 -54.23
CA GLY C 296 21.82 25.24 -52.97
C GLY C 296 21.54 26.10 -51.76
N SER C 297 20.54 26.98 -51.83
CA SER C 297 20.20 27.88 -50.75
C SER C 297 18.90 27.42 -50.11
N LEU C 298 18.87 27.38 -48.78
CA LEU C 298 17.69 26.95 -48.03
C LEU C 298 16.75 28.12 -47.78
N PRO C 299 15.50 27.84 -47.43
CA PRO C 299 14.57 28.93 -47.10
C PRO C 299 15.15 29.83 -46.01
N ARG C 300 14.73 31.09 -46.03
CA ARG C 300 15.23 32.06 -45.08
C ARG C 300 14.50 31.96 -43.75
N PRO C 301 15.09 32.45 -42.67
CA PRO C 301 14.47 32.29 -41.34
C PRO C 301 13.10 32.94 -41.26
N ARG C 302 12.09 32.12 -40.97
CA ARG C 302 10.73 32.61 -40.70
C ARG C 302 10.20 33.46 -41.85
N ASN C 303 10.55 33.07 -43.08
CA ASN C 303 10.18 33.81 -44.28
C ASN C 303 8.96 33.15 -44.91
N ASP C 304 7.87 33.91 -45.03
CA ASP C 304 6.63 33.35 -45.57
C ASP C 304 6.77 33.02 -47.05
N ILE C 305 7.48 33.86 -47.81
CA ILE C 305 7.64 33.64 -49.24
C ILE C 305 8.29 32.28 -49.50
N ASP C 306 9.49 32.08 -48.94
CA ASP C 306 10.18 30.82 -49.13
C ASP C 306 9.35 29.65 -48.61
N ALA C 307 8.56 29.87 -47.56
CA ALA C 307 7.74 28.79 -47.02
C ALA C 307 6.59 28.45 -47.96
N ALA C 308 5.92 29.46 -48.50
CA ALA C 308 4.86 29.19 -49.47
C ALA C 308 5.40 28.42 -50.66
N GLU C 309 6.54 28.84 -51.20
CA GLU C 309 7.19 28.09 -52.27
C GLU C 309 7.52 26.68 -51.80
N PHE C 310 8.17 26.56 -50.64
CA PHE C 310 8.51 25.25 -50.10
C PHE C 310 7.29 24.37 -49.95
N PHE C 311 6.15 24.95 -49.57
CA PHE C 311 4.93 24.17 -49.40
C PHE C 311 4.45 23.60 -50.73
N GLU C 312 4.68 24.31 -51.83
CA GLU C 312 4.31 23.77 -53.14
C GLU C 312 5.23 22.62 -53.54
N PHE C 313 6.51 22.70 -53.19
CA PHE C 313 7.42 21.58 -53.43
C PHE C 313 6.93 20.32 -52.73
N CYS C 314 6.35 20.49 -51.53
CA CYS C 314 5.82 19.33 -50.81
C CYS C 314 4.62 18.74 -51.54
N LYS C 315 3.68 19.59 -51.95
CA LYS C 315 2.53 19.12 -52.71
C LYS C 315 2.98 18.40 -53.98
N LYS C 316 4.02 18.92 -54.64
CA LYS C 316 4.57 18.25 -55.81
C LYS C 316 5.08 16.85 -55.45
N ILE C 317 5.99 16.77 -54.49
CA ILE C 317 6.56 15.49 -54.11
C ILE C 317 5.50 14.58 -53.51
N ALA C 318 4.45 15.16 -52.92
CA ALA C 318 3.36 14.34 -52.39
C ALA C 318 2.58 13.67 -53.50
N SER C 319 2.43 14.35 -54.64
CA SER C 319 1.71 13.76 -55.77
C SER C 319 2.60 12.78 -56.53
N THR C 320 3.84 13.17 -56.82
CA THR C 320 4.73 12.29 -57.58
C THR C 320 5.00 10.99 -56.84
N LEU C 321 5.07 11.03 -55.51
CA LEU C 321 5.24 9.82 -54.72
C LEU C 321 3.92 9.15 -54.37
N GLN C 322 2.79 9.72 -54.81
CA GLN C 322 1.48 9.14 -54.55
C GLN C 322 1.25 8.92 -53.05
N PHE C 323 1.90 9.75 -52.23
CA PHE C 323 1.76 9.66 -50.78
C PHE C 323 0.35 10.08 -50.38
N ASP C 324 -0.50 9.10 -50.06
CA ASP C 324 -1.86 9.37 -49.63
C ASP C 324 -1.82 9.96 -48.22
N VAL C 325 -1.45 11.24 -48.15
CA VAL C 325 -1.30 11.95 -46.88
C VAL C 325 -1.78 13.37 -47.07
N GLU C 326 -2.61 13.85 -46.14
CA GLU C 326 -3.06 15.23 -46.15
C GLU C 326 -1.97 16.09 -45.50
N LEU C 327 -1.27 16.87 -46.32
CA LEU C 327 -0.14 17.64 -45.83
C LEU C 327 -0.55 18.57 -44.70
N ASP C 328 0.16 18.47 -43.58
CA ASP C 328 -0.05 19.37 -42.44
C ASP C 328 0.69 20.67 -42.75
N GLU C 329 -0.04 21.67 -43.25
CA GLU C 329 0.60 22.89 -43.73
C GLU C 329 1.33 23.62 -42.60
N LYS C 330 0.65 23.84 -41.48
CA LYS C 330 1.26 24.58 -40.38
C LYS C 330 2.54 23.89 -39.90
N LEU C 331 2.57 22.57 -39.93
CA LEU C 331 3.72 21.83 -39.42
C LEU C 331 4.87 21.81 -40.44
N ILE C 332 4.56 21.58 -41.71
CA ILE C 332 5.59 21.53 -42.74
C ILE C 332 6.22 22.90 -42.92
N LYS C 333 5.38 23.93 -43.10
CA LYS C 333 5.90 25.29 -43.25
C LYS C 333 6.76 25.70 -42.06
N GLU C 334 6.59 25.06 -40.91
CA GLU C 334 7.48 25.33 -39.77
C GLU C 334 8.89 24.85 -40.04
N ILE C 335 9.04 23.83 -40.89
CA ILE C 335 10.37 23.34 -41.23
C ILE C 335 11.12 24.34 -42.11
N SER C 336 10.41 24.96 -43.05
CA SER C 336 11.02 26.00 -43.87
C SER C 336 11.48 27.17 -43.00
N TYR C 337 10.65 27.58 -42.05
CA TYR C 337 11.03 28.68 -41.15
C TYR C 337 12.30 28.35 -40.40
N GLN C 338 12.47 27.09 -39.99
CA GLN C 338 13.65 26.65 -39.24
C GLN C 338 14.66 25.92 -40.11
N ALA C 339 14.52 26.01 -41.44
CA ALA C 339 15.41 25.26 -42.32
C ALA C 339 16.87 25.58 -42.06
N ARG C 340 17.20 26.85 -41.88
CA ARG C 340 18.57 27.27 -41.63
C ARG C 340 18.96 27.20 -40.16
N GLY C 341 18.08 26.68 -39.30
CA GLY C 341 18.42 26.56 -37.89
C GLY C 341 19.53 25.53 -37.70
N ASP C 342 20.54 25.92 -36.92
CA ASP C 342 21.69 25.05 -36.62
C ASP C 342 21.86 25.06 -35.10
N LEU C 343 21.19 24.13 -34.44
CA LEU C 343 21.20 24.04 -32.98
C LEU C 343 22.17 22.96 -32.55
N VAL C 344 23.06 23.30 -31.60
CA VAL C 344 24.05 22.34 -31.13
C VAL C 344 23.37 21.18 -30.42
N ALA C 345 22.24 21.42 -29.76
CA ALA C 345 21.53 20.34 -29.09
C ALA C 345 21.07 19.28 -30.08
N MET C 346 20.66 19.71 -31.28
CA MET C 346 20.24 18.75 -32.29
C MET C 346 21.43 18.02 -32.89
N SER C 347 22.58 18.69 -33.03
CA SER C 347 23.77 18.01 -33.51
C SER C 347 24.27 16.97 -32.50
N ALA C 348 24.19 17.29 -31.20
CA ALA C 348 24.59 16.33 -30.19
C ALA C 348 23.64 15.13 -30.16
N PHE C 349 22.33 15.40 -30.23
CA PHE C 349 21.35 14.32 -30.23
C PHE C 349 21.52 13.43 -31.45
N LEU C 350 21.48 14.02 -32.65
CA LEU C 350 21.63 13.24 -33.86
C LEU C 350 23.03 12.67 -34.00
N GLY C 351 24.06 13.50 -33.73
CA GLY C 351 25.43 13.04 -33.90
C GLY C 351 25.74 11.82 -33.06
N GLY C 352 25.26 11.79 -31.82
CA GLY C 352 25.52 10.64 -30.96
C GLY C 352 24.82 9.39 -31.44
N ALA C 353 23.60 9.53 -31.95
CA ALA C 353 22.87 8.37 -32.46
C ALA C 353 23.50 7.84 -33.74
N VAL C 354 23.87 8.73 -34.66
CA VAL C 354 24.49 8.30 -35.91
C VAL C 354 25.80 7.60 -35.63
N ALA C 355 26.63 8.18 -34.74
CA ALA C 355 27.90 7.55 -34.41
C ALA C 355 27.70 6.12 -33.92
N GLN C 356 26.65 5.88 -33.13
CA GLN C 356 26.34 4.52 -32.72
C GLN C 356 26.01 3.66 -33.93
N GLU C 357 25.18 4.17 -34.84
CA GLU C 357 24.84 3.42 -36.04
C GLU C 357 26.07 3.09 -36.86
N VAL C 358 27.07 3.98 -36.88
CA VAL C 358 28.31 3.70 -37.59
C VAL C 358 29.00 2.49 -36.99
N LEU C 359 29.00 2.40 -35.65
CA LEU C 359 29.65 1.26 -35.00
C LEU C 359 28.88 -0.03 -35.25
N LYS C 360 27.55 0.05 -35.37
CA LYS C 360 26.77 -1.15 -35.65
C LYS C 360 27.13 -1.74 -37.00
N ALA C 361 27.37 -0.88 -38.00
CA ALA C 361 27.70 -1.36 -39.34
C ALA C 361 29.09 -2.00 -39.38
N THR C 362 29.98 -1.58 -38.48
CA THR C 362 31.35 -2.09 -38.45
C THR C 362 31.56 -3.18 -37.40
N THR C 363 30.51 -3.58 -36.69
CA THR C 363 30.65 -4.58 -35.64
C THR C 363 29.62 -5.69 -35.78
N SER C 364 28.48 -5.39 -36.39
CA SER C 364 27.33 -6.28 -36.43
C SER C 364 26.69 -6.45 -35.06
N LYS C 365 26.97 -5.55 -34.13
CA LYS C 365 26.44 -5.61 -32.78
C LYS C 365 25.34 -4.57 -32.61
N PHE C 366 24.29 -4.94 -31.87
CA PHE C 366 23.12 -4.08 -31.64
C PHE C 366 22.27 -3.98 -32.90
N TYR C 367 20.98 -3.67 -32.71
CA TYR C 367 20.02 -3.57 -33.81
C TYR C 367 20.06 -2.17 -34.41
N PRO C 368 20.22 -2.03 -35.72
CA PRO C 368 20.31 -0.70 -36.33
C PRO C 368 18.93 -0.11 -36.64
N LEU C 369 18.94 1.19 -36.92
CA LEU C 369 17.71 1.87 -37.35
C LEU C 369 17.26 1.31 -38.69
N LYS C 370 15.96 1.00 -38.79
CA LYS C 370 15.39 0.38 -40.00
C LYS C 370 14.08 1.10 -40.31
N GLN C 371 14.15 2.20 -41.08
CA GLN C 371 15.38 2.79 -41.61
C GLN C 371 15.34 4.31 -41.52
N TYR C 372 14.15 4.89 -41.65
CA TYR C 372 13.97 6.33 -41.58
C TYR C 372 13.61 6.72 -40.14
N PHE C 373 14.32 7.72 -39.62
CA PHE C 373 14.12 8.20 -38.25
C PHE C 373 13.92 9.72 -38.32
N TYR C 374 12.67 10.15 -38.20
CA TYR C 374 12.32 11.56 -38.21
C TYR C 374 11.96 12.00 -36.80
N PHE C 375 12.61 13.06 -36.32
CA PHE C 375 12.51 13.52 -34.95
C PHE C 375 12.26 15.02 -34.93
N ASP C 376 11.61 15.49 -33.88
CA ASP C 376 11.43 16.92 -33.71
C ASP C 376 11.28 17.24 -32.22
N SER C 377 11.89 18.34 -31.80
CA SER C 377 11.68 18.89 -30.46
C SER C 377 10.90 20.19 -30.59
N LEU C 378 9.79 20.15 -31.34
CA LEU C 378 9.07 21.37 -31.66
C LEU C 378 8.58 22.10 -30.43
N GLU C 379 8.39 21.38 -29.31
CA GLU C 379 7.97 22.02 -28.08
C GLU C 379 9.00 23.02 -27.58
N SER C 380 10.26 22.92 -28.03
CA SER C 380 11.30 23.83 -27.58
C SER C 380 11.16 25.23 -28.15
N LEU C 381 10.23 25.44 -29.08
CA LEU C 381 10.11 26.75 -29.73
C LEU C 381 9.67 27.79 -28.70
N PRO C 382 10.38 28.92 -28.58
CA PRO C 382 9.98 29.93 -27.59
C PRO C 382 8.63 30.53 -27.91
N SER C 383 7.95 30.99 -26.86
CA SER C 383 6.69 31.70 -27.00
C SER C 383 6.57 32.91 -26.10
N SER C 384 7.58 33.22 -25.30
CA SER C 384 7.60 34.43 -24.49
C SER C 384 8.23 35.61 -25.22
N VAL C 385 8.71 35.40 -26.44
CA VAL C 385 9.31 36.45 -27.25
C VAL C 385 8.76 36.34 -28.66
N THR C 386 8.92 37.42 -29.42
CA THR C 386 8.41 37.45 -30.79
C THR C 386 9.28 36.61 -31.70
N ILE C 387 8.65 35.70 -32.44
CA ILE C 387 9.35 34.87 -33.41
C ILE C 387 8.86 35.23 -34.80
N SER C 388 9.54 36.19 -35.44
CA SER C 388 9.15 36.67 -36.76
C SER C 388 10.37 36.75 -37.65
N GLU C 389 10.16 37.19 -38.89
CA GLU C 389 11.26 37.29 -39.85
C GLU C 389 12.27 38.36 -39.43
N GLU C 390 11.85 39.35 -38.66
CA GLU C 390 12.77 40.39 -38.20
C GLU C 390 13.62 39.92 -37.02
N THR C 391 13.07 39.08 -36.15
CA THR C 391 13.81 38.66 -34.95
C THR C 391 14.79 37.53 -35.28
N CYS C 392 14.41 36.63 -36.18
CA CYS C 392 15.23 35.47 -36.51
C CYS C 392 16.18 35.71 -37.67
N LYS C 393 16.36 36.97 -38.09
CA LYS C 393 17.19 37.23 -39.25
C LYS C 393 18.67 37.06 -38.89
N PRO C 394 19.51 36.71 -39.87
CA PRO C 394 20.94 36.62 -39.59
C PRO C 394 21.48 37.94 -39.06
N ARG C 395 22.54 37.85 -38.26
CA ARG C 395 23.14 39.02 -37.63
C ARG C 395 24.64 39.13 -37.85
N GLY C 396 25.26 38.19 -38.56
CA GLY C 396 26.69 38.21 -38.75
C GLY C 396 27.48 37.78 -37.54
N CYS C 397 26.92 36.90 -36.71
CA CYS C 397 27.57 36.43 -35.49
C CYS C 397 27.57 34.91 -35.47
N ARG C 398 28.36 34.34 -34.56
CA ARG C 398 28.47 32.89 -34.47
C ARG C 398 27.17 32.23 -34.06
N TYR C 399 26.18 32.98 -33.59
CA TYR C 399 24.92 32.41 -33.12
C TYR C 399 23.81 32.50 -34.16
N ASP C 400 24.14 32.85 -35.41
CA ASP C 400 23.12 32.98 -36.44
C ASP C 400 22.29 31.70 -36.56
N GLY C 401 22.94 30.54 -36.51
CA GLY C 401 22.22 29.28 -36.62
C GLY C 401 21.22 29.08 -35.50
N GLN C 402 21.47 29.65 -34.33
CA GLN C 402 20.54 29.57 -33.22
C GLN C 402 19.49 30.69 -33.28
N ILE C 403 19.92 31.90 -33.60
CA ILE C 403 18.99 33.02 -33.74
C ILE C 403 17.95 32.72 -34.82
N ALA C 404 18.32 31.91 -35.81
CA ALA C 404 17.40 31.59 -36.90
C ALA C 404 16.16 30.87 -36.40
N VAL C 405 16.18 30.33 -35.18
CA VAL C 405 15.04 29.62 -34.60
C VAL C 405 14.45 30.39 -33.43
N PHE C 406 15.29 30.93 -32.55
CA PHE C 406 14.83 31.54 -31.31
C PHE C 406 14.75 33.07 -31.37
N GLY C 407 15.62 33.72 -32.15
CA GLY C 407 15.62 35.16 -32.25
C GLY C 407 16.66 35.81 -31.35
N SER C 408 16.92 37.08 -31.63
CA SER C 408 17.95 37.80 -30.88
C SER C 408 17.49 38.14 -29.47
N GLU C 409 16.19 38.36 -29.26
CA GLU C 409 15.69 38.61 -27.92
C GLU C 409 15.88 37.39 -27.03
N PHE C 410 15.66 36.20 -27.58
CA PHE C 410 15.92 34.98 -26.82
C PHE C 410 17.41 34.75 -26.63
N GLN C 411 18.23 35.20 -27.58
CA GLN C 411 19.67 35.03 -27.45
C GLN C 411 20.20 35.76 -26.23
N GLU C 412 19.62 36.92 -25.91
CA GLU C 412 20.06 37.67 -24.75
C GLU C 412 19.64 37.00 -23.45
N LYS C 413 18.48 36.34 -23.45
CA LYS C 413 18.07 35.56 -22.28
C LYS C 413 19.07 34.44 -22.01
N ILE C 414 19.49 33.72 -23.05
CA ILE C 414 20.47 32.65 -22.89
C ILE C 414 21.79 33.22 -22.37
N ALA C 415 22.24 34.33 -22.97
CA ALA C 415 23.52 34.91 -22.58
C ALA C 415 23.55 35.38 -21.14
N SER C 416 22.38 35.69 -20.56
CA SER C 416 22.32 36.17 -19.19
C SER C 416 22.15 35.06 -18.17
N LEU C 417 22.14 33.80 -18.60
CA LEU C 417 21.95 32.68 -17.68
C LEU C 417 23.10 32.60 -16.69
N SER C 418 22.76 32.30 -15.43
CA SER C 418 23.74 31.94 -14.41
C SER C 418 23.46 30.48 -14.05
N THR C 419 24.31 29.58 -14.55
CA THR C 419 24.09 28.15 -14.41
C THR C 419 25.12 27.52 -13.49
N PHE C 420 24.77 26.34 -12.98
CA PHE C 420 25.59 25.58 -12.04
C PHE C 420 25.62 24.14 -12.52
N LEU C 421 26.81 23.66 -12.90
CA LEU C 421 26.99 22.33 -13.44
C LEU C 421 27.69 21.46 -12.40
N VAL C 422 27.04 20.36 -12.01
CA VAL C 422 27.53 19.48 -10.96
C VAL C 422 28.14 18.25 -11.64
N GLY C 423 29.45 18.23 -11.74
CA GLY C 423 30.16 17.13 -12.38
C GLY C 423 30.79 17.58 -13.68
N ALA C 424 31.99 17.10 -13.95
CA ALA C 424 32.76 17.49 -15.13
C ALA C 424 33.28 16.25 -15.87
N GLY C 425 32.49 15.18 -15.86
CA GLY C 425 32.87 13.97 -16.56
C GLY C 425 32.28 13.87 -17.95
N ALA C 426 31.72 12.72 -18.29
CA ALA C 426 31.20 12.50 -19.63
C ALA C 426 30.07 13.48 -19.95
N ILE C 427 28.99 13.43 -19.16
CA ILE C 427 27.86 14.32 -19.39
C ILE C 427 28.29 15.77 -19.22
N GLY C 428 29.22 16.04 -18.32
CA GLY C 428 29.65 17.41 -18.08
C GLY C 428 30.39 18.00 -19.27
N CYS C 429 31.29 17.23 -19.88
CA CYS C 429 32.02 17.72 -21.04
C CYS C 429 31.09 18.05 -22.18
N GLU C 430 30.16 17.15 -22.48
CA GLU C 430 29.19 17.42 -23.55
C GLU C 430 28.32 18.62 -23.21
N MET C 431 27.95 18.77 -21.94
CA MET C 431 27.06 19.86 -21.54
C MET C 431 27.77 21.21 -21.70
N LEU C 432 29.00 21.32 -21.19
CA LEU C 432 29.76 22.55 -21.37
C LEU C 432 29.94 22.88 -22.84
N LYS C 433 30.21 21.88 -23.67
CA LYS C 433 30.32 22.11 -25.10
C LYS C 433 29.04 22.71 -25.66
N ASN C 434 27.89 22.16 -25.26
CA ASN C 434 26.62 22.71 -25.73
C ASN C 434 26.43 24.14 -25.25
N TRP C 435 26.66 24.38 -23.95
CA TRP C 435 26.52 25.72 -23.40
C TRP C 435 27.41 26.71 -24.15
N ALA C 436 28.65 26.32 -24.46
CA ALA C 436 29.56 27.22 -25.14
C ALA C 436 29.08 27.55 -26.54
N MET C 437 28.48 26.58 -27.23
CA MET C 437 27.97 26.83 -28.58
C MET C 437 26.68 27.63 -28.55
N MET C 438 25.83 27.41 -27.54
CA MET C 438 24.62 28.20 -27.40
C MET C 438 24.91 29.63 -26.93
N GLY C 439 26.13 29.91 -26.49
CA GLY C 439 26.44 31.22 -25.93
C GLY C 439 25.95 31.42 -24.52
N VAL C 440 25.69 30.33 -23.79
CA VAL C 440 25.21 30.45 -22.41
C VAL C 440 26.20 31.27 -21.60
N ALA C 441 25.67 32.17 -20.77
CA ALA C 441 26.45 32.91 -19.79
C ALA C 441 27.50 33.83 -20.42
N THR C 442 27.39 34.11 -21.71
CA THR C 442 28.27 35.08 -22.36
C THR C 442 27.76 36.51 -22.25
N GLY C 443 26.66 36.72 -21.53
CA GLY C 443 26.09 38.05 -21.37
C GLY C 443 26.66 38.77 -20.16
N GLU C 444 26.08 39.94 -19.88
CA GLU C 444 26.57 40.78 -18.80
C GLU C 444 26.43 40.08 -17.45
N SER C 445 25.20 39.69 -17.11
CA SER C 445 24.90 39.05 -15.83
C SER C 445 25.11 37.54 -15.87
N GLY C 446 25.62 37.00 -16.97
CA GLY C 446 25.79 35.57 -17.09
C GLY C 446 27.01 35.06 -16.34
N HIS C 447 26.99 33.75 -16.08
CA HIS C 447 28.09 33.11 -15.38
C HIS C 447 27.86 31.60 -15.38
N ILE C 448 28.95 30.85 -15.25
CA ILE C 448 28.90 29.40 -15.18
C ILE C 448 29.77 28.95 -14.01
N SER C 449 29.21 28.09 -13.16
CA SER C 449 29.96 27.46 -12.07
C SER C 449 29.92 25.95 -12.29
N VAL C 450 31.08 25.36 -12.54
CA VAL C 450 31.23 23.92 -12.68
C VAL C 450 32.04 23.41 -11.50
N THR C 451 31.71 22.22 -11.02
CA THR C 451 32.40 21.64 -9.88
C THR C 451 32.55 20.14 -10.07
N ASP C 452 33.72 19.62 -9.68
CA ASP C 452 34.01 18.20 -9.75
C ASP C 452 35.30 17.91 -9.00
N MET C 453 35.25 17.02 -8.00
CA MET C 453 36.41 16.77 -7.17
C MET C 453 37.40 15.79 -7.81
N ASP C 454 37.00 15.08 -8.85
CA ASP C 454 37.85 14.04 -9.43
C ASP C 454 38.84 14.65 -10.43
N SER C 455 39.96 13.95 -10.61
CA SER C 455 40.95 14.30 -11.62
C SER C 455 40.82 13.36 -12.81
N ILE C 456 41.57 13.67 -13.86
CA ILE C 456 41.44 12.97 -15.13
C ILE C 456 42.25 11.69 -15.09
N GLU C 457 41.69 10.62 -15.67
CA GLU C 457 42.35 9.33 -15.80
C GLU C 457 42.34 8.91 -17.25
N LYS C 458 43.11 7.86 -17.56
CA LYS C 458 43.23 7.41 -18.94
C LYS C 458 41.88 6.95 -19.49
N SER C 459 41.16 6.12 -18.74
CA SER C 459 39.88 5.61 -19.23
C SER C 459 38.89 6.74 -19.48
N ASN C 460 39.03 7.86 -18.76
CA ASN C 460 38.09 8.97 -18.94
C ASN C 460 38.21 9.60 -20.32
N LEU C 461 39.37 9.51 -20.95
CA LEU C 461 39.60 10.17 -22.23
C LEU C 461 38.85 9.53 -23.37
N ASN C 462 38.17 8.40 -23.15
CA ASN C 462 37.40 7.75 -24.20
C ASN C 462 36.03 8.38 -24.39
N ARG C 463 35.51 9.09 -23.38
CA ARG C 463 34.19 9.69 -23.45
C ARG C 463 34.13 11.09 -22.86
N GLN C 464 35.23 11.61 -22.33
CA GLN C 464 35.30 12.96 -21.77
C GLN C 464 36.31 13.73 -22.62
N PHE C 465 35.81 14.41 -23.65
CA PHE C 465 36.65 14.85 -24.75
C PHE C 465 37.34 16.19 -24.51
N LEU C 466 36.86 17.00 -23.57
CA LEU C 466 37.58 18.23 -23.25
C LEU C 466 38.96 17.95 -22.66
N PHE C 467 39.26 16.69 -22.34
CA PHE C 467 40.53 16.30 -21.76
C PHE C 467 41.37 15.58 -22.81
N ARG C 468 42.68 15.68 -22.66
CA ARG C 468 43.65 15.07 -23.56
C ARG C 468 44.62 14.23 -22.75
N PRO C 469 45.34 13.31 -23.39
CA PRO C 469 46.31 12.49 -22.65
C PRO C 469 47.27 13.31 -21.81
N ARG C 470 47.58 14.53 -22.24
CA ARG C 470 48.44 15.43 -21.47
C ARG C 470 47.72 16.08 -20.30
N ASP C 471 46.44 15.77 -20.10
CA ASP C 471 45.66 16.32 -19.00
C ASP C 471 45.49 15.34 -17.85
N VAL C 472 45.94 14.09 -18.00
CA VAL C 472 45.81 13.11 -16.93
C VAL C 472 46.44 13.67 -15.66
N GLY C 473 45.74 13.49 -14.53
CA GLY C 473 46.19 13.99 -13.25
C GLY C 473 45.74 15.40 -12.93
N LYS C 474 45.16 16.12 -13.88
CA LYS C 474 44.65 17.46 -13.64
C LYS C 474 43.16 17.41 -13.28
N LEU C 475 42.68 18.49 -12.70
CA LEU C 475 41.28 18.58 -12.29
C LEU C 475 40.37 18.62 -13.51
N LYS C 476 39.20 17.99 -13.38
CA LYS C 476 38.26 17.95 -14.50
C LYS C 476 37.58 19.30 -14.70
N SER C 477 37.21 19.98 -13.61
CA SER C 477 36.50 21.25 -13.72
C SER C 477 37.39 22.31 -14.36
N GLU C 478 38.63 22.42 -13.89
CA GLU C 478 39.53 23.46 -14.40
C GLU C 478 39.91 23.19 -15.85
N CYS C 479 40.23 21.93 -16.17
CA CYS C 479 40.62 21.60 -17.55
C CYS C 479 39.45 21.78 -18.50
N ALA C 480 38.23 21.43 -18.06
CA ALA C 480 37.06 21.58 -18.92
C ALA C 480 36.74 23.05 -19.15
N SER C 481 36.84 23.88 -18.11
CA SER C 481 36.54 25.31 -18.26
C SER C 481 37.45 25.95 -19.30
N THR C 482 38.74 25.65 -19.26
CA THR C 482 39.67 26.22 -20.23
C THR C 482 39.30 25.79 -21.64
N ALA C 483 39.02 24.50 -21.83
CA ALA C 483 38.75 23.98 -23.17
C ALA C 483 37.57 24.70 -23.81
N VAL C 484 36.52 24.97 -23.04
CA VAL C 484 35.36 25.66 -23.62
C VAL C 484 35.65 27.13 -23.82
N SER C 485 36.54 27.72 -23.00
CA SER C 485 36.96 29.09 -23.24
C SER C 485 37.63 29.22 -24.61
N ILE C 486 38.30 28.16 -25.07
CA ILE C 486 38.86 28.16 -26.41
C ILE C 486 37.76 27.97 -27.45
N MET C 487 36.79 27.09 -27.17
CA MET C 487 35.71 26.87 -28.11
C MET C 487 34.87 28.13 -28.31
N ASN C 488 34.77 28.97 -27.28
CA ASN C 488 34.00 30.21 -27.38
C ASN C 488 34.69 31.25 -26.50
N PRO C 489 35.59 32.06 -27.07
CA PRO C 489 36.33 33.05 -26.26
C PRO C 489 35.44 33.99 -25.48
N SER C 490 34.15 34.09 -25.85
CA SER C 490 33.24 34.95 -25.11
C SER C 490 33.04 34.49 -23.67
N LEU C 491 33.38 33.23 -23.36
CA LEU C 491 33.23 32.70 -22.01
C LEU C 491 34.45 32.95 -21.14
N THR C 492 35.53 33.49 -21.69
CA THR C 492 36.71 33.76 -20.89
C THR C 492 36.37 34.72 -19.76
N GLY C 493 36.75 34.35 -18.54
CA GLY C 493 36.41 35.13 -17.38
C GLY C 493 34.96 35.06 -16.95
N LYS C 494 34.12 34.30 -17.67
CA LYS C 494 32.73 34.11 -17.31
C LYS C 494 32.47 32.81 -16.57
N ILE C 495 33.47 31.94 -16.46
CA ILE C 495 33.34 30.64 -15.81
C ILE C 495 34.14 30.64 -14.52
N THR C 496 33.60 29.98 -13.51
CA THR C 496 34.31 29.71 -12.26
C THR C 496 34.40 28.21 -12.06
N SER C 497 35.54 27.75 -11.56
CA SER C 497 35.80 26.33 -11.41
C SER C 497 35.93 25.99 -9.93
N TYR C 498 35.34 24.85 -9.55
CA TYR C 498 35.43 24.33 -8.19
C TYR C 498 35.86 22.88 -8.24
N GLN C 499 36.47 22.42 -7.14
CA GLN C 499 36.81 21.01 -6.98
C GLN C 499 36.08 20.38 -5.79
N GLU C 500 35.00 21.01 -5.33
CA GLU C 500 34.23 20.49 -4.22
C GLU C 500 33.27 19.41 -4.71
N ARG C 501 33.15 18.34 -3.95
CA ARG C 501 32.12 17.35 -4.20
C ARG C 501 30.81 17.83 -3.58
N VAL C 502 29.75 17.87 -4.39
CA VAL C 502 28.48 18.43 -3.92
C VAL C 502 27.86 17.51 -2.89
N GLY C 503 27.58 18.06 -1.72
CA GLY C 503 27.01 17.31 -0.63
C GLY C 503 26.88 18.19 0.60
N PRO C 504 26.40 17.63 1.71
CA PRO C 504 26.27 18.44 2.93
C PRO C 504 27.58 19.03 3.42
N GLU C 505 28.73 18.52 2.94
CA GLU C 505 30.02 19.01 3.40
C GLU C 505 30.48 20.26 2.66
N SER C 506 29.90 20.56 1.50
CA SER C 506 30.28 21.73 0.71
C SER C 506 29.23 22.83 0.76
N GLU C 507 28.32 22.78 1.74
CA GLU C 507 27.27 23.79 1.82
C GLU C 507 27.81 25.16 2.22
N GLY C 508 29.03 25.22 2.75
CA GLY C 508 29.65 26.52 2.99
C GLY C 508 29.94 27.27 1.71
N ILE C 509 30.40 26.54 0.68
CA ILE C 509 30.63 27.15 -0.63
C ILE C 509 29.31 27.31 -1.37
N PHE C 510 28.57 26.21 -1.54
CA PHE C 510 27.30 26.22 -2.25
C PHE C 510 26.15 26.47 -1.26
N GLY C 511 26.19 27.66 -0.66
CA GLY C 511 25.24 28.05 0.37
C GLY C 511 24.05 28.82 -0.16
N ASP C 512 23.38 29.52 0.75
CA ASP C 512 22.19 30.26 0.38
C ASP C 512 22.51 31.36 -0.62
N GLU C 513 23.62 32.09 -0.40
CA GLU C 513 23.99 33.15 -1.32
C GLU C 513 24.37 32.59 -2.69
N PHE C 514 25.02 31.42 -2.72
CA PHE C 514 25.44 30.83 -3.98
C PHE C 514 24.26 30.45 -4.85
N PHE C 515 23.22 29.85 -4.25
CA PHE C 515 22.06 29.41 -5.02
C PHE C 515 21.21 30.59 -5.45
N GLU C 516 21.06 31.60 -4.58
CA GLU C 516 20.16 32.72 -4.86
C GLU C 516 20.45 33.36 -6.22
N LYS C 517 21.69 33.27 -6.68
CA LYS C 517 22.08 33.88 -7.95
C LYS C 517 21.93 32.95 -9.15
N LEU C 518 21.66 31.67 -8.92
CA LEU C 518 21.59 30.71 -10.01
C LEU C 518 20.26 30.78 -10.73
N SER C 519 20.32 30.69 -12.06
CA SER C 519 19.10 30.55 -12.86
C SER C 519 18.58 29.11 -12.81
N LEU C 520 19.47 28.14 -12.88
CA LEU C 520 19.09 26.73 -12.91
C LEU C 520 20.29 25.89 -12.54
N VAL C 521 20.05 24.59 -12.37
CA VAL C 521 21.09 23.63 -12.03
C VAL C 521 21.03 22.48 -13.02
N THR C 522 22.20 21.97 -13.40
CA THR C 522 22.30 20.84 -14.31
C THR C 522 23.17 19.77 -13.66
N ASN C 523 22.70 18.53 -13.68
CA ASN C 523 23.42 17.41 -13.10
C ASN C 523 24.23 16.70 -14.17
N ALA C 524 25.47 16.34 -13.83
CA ALA C 524 26.32 15.51 -14.67
C ALA C 524 27.01 14.48 -13.75
N LEU C 525 26.19 13.68 -13.08
CA LEU C 525 26.64 12.83 -12.00
C LEU C 525 26.63 11.36 -12.40
N ASP C 526 27.34 10.56 -11.59
CA ASP C 526 27.45 9.12 -11.82
C ASP C 526 26.94 8.30 -10.64
N ASN C 527 26.23 8.91 -9.70
CA ASN C 527 25.69 8.19 -8.56
C ASN C 527 24.36 8.80 -8.16
N VAL C 528 23.48 7.96 -7.59
CA VAL C 528 22.15 8.40 -7.22
C VAL C 528 22.16 9.25 -5.95
N GLU C 529 23.14 9.04 -5.07
CA GLU C 529 23.19 9.81 -3.84
C GLU C 529 23.34 11.30 -4.12
N ALA C 530 24.20 11.65 -5.07
CA ALA C 530 24.41 13.05 -5.39
C ALA C 530 23.20 13.66 -6.08
N ARG C 531 22.53 12.88 -6.93
CA ARG C 531 21.32 13.37 -7.59
C ARG C 531 20.25 13.73 -6.56
N MET C 532 20.05 12.85 -5.57
CA MET C 532 19.06 13.11 -4.54
C MET C 532 19.42 14.35 -3.74
N TYR C 533 20.71 14.52 -3.41
CA TYR C 533 21.12 15.69 -2.64
C TYR C 533 20.86 16.97 -3.41
N VAL C 534 21.25 17.01 -4.68
CA VAL C 534 21.03 18.21 -5.49
C VAL C 534 19.54 18.45 -5.67
N ASP C 535 18.76 17.39 -5.82
CA ASP C 535 17.30 17.53 -5.92
C ASP C 535 16.75 18.23 -4.69
N ARG C 536 17.13 17.78 -3.49
CA ARG C 536 16.64 18.41 -2.27
C ARG C 536 17.02 19.87 -2.22
N ARG C 537 18.26 20.20 -2.60
CA ARG C 537 18.70 21.59 -2.55
C ARG C 537 17.94 22.46 -3.54
N CYS C 538 17.71 21.95 -4.76
CA CYS C 538 16.98 22.73 -5.74
C CYS C 538 15.54 22.96 -5.29
N VAL C 539 14.94 21.96 -4.66
CA VAL C 539 13.59 22.14 -4.11
C VAL C 539 13.61 23.17 -3.00
N PHE C 540 14.60 23.08 -2.10
CA PHE C 540 14.68 24.03 -0.98
C PHE C 540 14.83 25.45 -1.50
N PHE C 541 15.74 25.66 -2.46
CA PHE C 541 15.98 26.98 -3.01
C PHE C 541 15.07 27.33 -4.19
N GLU C 542 14.11 26.46 -4.51
CA GLU C 542 13.14 26.73 -5.58
C GLU C 542 13.86 27.07 -6.89
N LYS C 543 14.78 26.20 -7.28
CA LYS C 543 15.52 26.37 -8.52
C LYS C 543 15.25 25.22 -9.48
N PRO C 544 15.25 25.48 -10.79
CA PRO C 544 15.08 24.38 -11.74
C PRO C 544 16.28 23.44 -11.73
N LEU C 545 16.04 22.20 -12.13
CA LEU C 545 17.08 21.18 -12.17
C LEU C 545 16.95 20.40 -13.47
N LEU C 546 18.03 20.35 -14.24
CA LEU C 546 18.11 19.49 -15.41
C LEU C 546 18.88 18.24 -15.02
N GLU C 547 18.21 17.10 -15.10
CA GLU C 547 18.77 15.82 -14.67
C GLU C 547 18.91 14.89 -15.87
N SER C 548 19.96 14.07 -15.86
CA SER C 548 20.19 13.11 -16.93
C SER C 548 21.11 12.01 -16.43
N GLY C 549 21.08 10.88 -17.13
CA GLY C 549 21.94 9.76 -16.81
C GLY C 549 22.02 8.80 -17.96
N THR C 550 23.05 7.94 -17.89
CA THR C 550 23.27 6.93 -18.92
C THR C 550 23.63 5.61 -18.26
N LEU C 551 23.52 4.53 -19.05
CA LEU C 551 24.00 3.22 -18.65
C LEU C 551 24.42 2.51 -19.94
N GLY C 552 25.68 2.71 -20.33
CA GLY C 552 26.18 2.18 -21.57
C GLY C 552 25.46 2.76 -22.78
N THR C 553 24.55 1.97 -23.35
CA THR C 553 23.81 2.38 -24.53
C THR C 553 22.47 3.04 -24.20
N LYS C 554 22.06 3.05 -22.93
CA LYS C 554 20.79 3.63 -22.52
C LYS C 554 21.02 4.99 -21.86
N GLY C 555 19.93 5.74 -21.74
CA GLY C 555 19.99 7.07 -21.14
C GLY C 555 18.61 7.65 -20.94
N ASN C 556 18.54 8.62 -20.04
CA ASN C 556 17.27 9.26 -19.72
C ASN C 556 17.51 10.70 -19.31
N THR C 557 16.46 11.51 -19.43
CA THR C 557 16.48 12.90 -19.01
C THR C 557 15.25 13.18 -18.16
N GLN C 558 15.41 14.10 -17.21
CA GLN C 558 14.28 14.54 -16.40
C GLN C 558 14.47 16.01 -16.06
N VAL C 559 13.37 16.77 -16.16
CA VAL C 559 13.38 18.20 -15.88
C VAL C 559 12.50 18.45 -14.66
N VAL C 560 12.99 19.27 -13.73
CA VAL C 560 12.29 19.60 -12.50
C VAL C 560 12.03 21.10 -12.52
N VAL C 561 10.77 21.48 -12.62
CA VAL C 561 10.35 22.87 -12.77
C VAL C 561 9.69 23.31 -11.46
N PRO C 562 10.21 24.32 -10.77
CA PRO C 562 9.60 24.72 -9.50
C PRO C 562 8.11 25.05 -9.65
N HIS C 563 7.34 24.63 -8.64
CA HIS C 563 5.91 24.93 -8.57
C HIS C 563 5.15 24.39 -9.77
N LEU C 564 5.66 23.33 -10.39
CA LEU C 564 5.01 22.75 -11.55
C LEU C 564 5.13 21.22 -11.53
N THR C 565 6.35 20.71 -11.53
CA THR C 565 6.60 19.28 -11.59
C THR C 565 6.95 18.73 -10.20
N GLU C 566 6.87 17.41 -10.09
CA GLU C 566 7.48 16.74 -8.95
C GLU C 566 9.00 16.74 -9.13
N SER C 567 9.70 16.49 -8.04
CA SER C 567 11.15 16.51 -8.05
C SER C 567 11.70 15.13 -8.39
N TYR C 568 13.03 15.06 -8.54
CA TYR C 568 13.68 13.79 -8.88
C TYR C 568 13.39 12.72 -7.83
N GLY C 569 13.48 13.08 -6.55
CA GLY C 569 13.28 12.13 -5.48
C GLY C 569 11.84 11.78 -5.21
N SER C 570 10.89 12.33 -5.96
CA SER C 570 9.48 12.05 -5.76
C SER C 570 9.07 10.67 -6.23
N SER C 571 9.93 9.97 -6.97
CA SER C 571 9.60 8.66 -7.51
C SER C 571 10.70 7.68 -7.17
N GLN C 572 10.33 6.39 -7.16
CA GLN C 572 11.21 5.32 -6.73
C GLN C 572 11.89 4.66 -7.93
N ASP C 573 13.16 4.34 -7.76
CA ASP C 573 13.91 3.55 -8.72
C ASP C 573 14.24 2.19 -8.12
N PRO C 574 14.46 1.16 -8.95
CA PRO C 574 14.84 -0.15 -8.41
C PRO C 574 16.05 -0.03 -7.52
N PRO C 575 16.10 -0.81 -6.43
CA PRO C 575 17.28 -0.75 -5.55
C PRO C 575 18.47 -1.48 -6.15
N GLU C 576 19.63 -1.18 -5.59
CA GLU C 576 20.85 -1.85 -6.03
C GLU C 576 20.80 -3.33 -5.64
N LYS C 577 21.18 -4.19 -6.58
CA LYS C 577 21.13 -5.63 -6.33
C LYS C 577 22.14 -6.01 -5.25
N SER C 578 21.68 -6.77 -4.26
CA SER C 578 22.52 -7.28 -3.19
C SER C 578 22.26 -8.77 -3.03
N PHE C 579 23.33 -9.54 -2.87
CA PHE C 579 23.18 -10.98 -2.74
C PHE C 579 22.95 -11.38 -1.29
N PRO C 580 22.26 -12.49 -1.04
CA PRO C 580 22.04 -12.92 0.35
C PRO C 580 23.36 -13.19 1.06
N ILE C 581 23.43 -12.77 2.32
CA ILE C 581 24.67 -12.89 3.09
C ILE C 581 25.14 -14.34 3.13
N CYS C 582 24.20 -15.28 3.26
CA CYS C 582 24.59 -16.69 3.32
C CYS C 582 25.00 -17.22 1.96
N THR C 583 24.55 -16.60 0.86
CA THR C 583 24.97 -17.04 -0.47
C THR C 583 26.43 -16.71 -0.71
N LEU C 584 26.87 -15.51 -0.34
CA LEU C 584 28.27 -15.14 -0.53
C LEU C 584 29.17 -15.84 0.48
N LYS C 585 28.64 -16.15 1.66
CA LYS C 585 29.46 -16.64 2.76
C LYS C 585 29.65 -18.15 2.74
N ASN C 586 28.70 -18.91 2.18
CA ASN C 586 28.77 -20.36 2.26
C ASN C 586 28.34 -21.07 0.98
N PHE C 587 27.35 -20.52 0.27
CA PHE C 587 26.74 -21.21 -0.86
C PHE C 587 26.78 -20.34 -2.11
N PRO C 588 27.97 -20.08 -2.64
CA PRO C 588 28.07 -19.38 -3.93
C PRO C 588 27.80 -20.32 -5.10
N ASN C 589 27.08 -19.80 -6.10
CA ASN C 589 26.82 -20.55 -7.33
C ASN C 589 26.93 -19.69 -8.57
N ARG C 590 27.45 -18.46 -8.45
CA ARG C 590 27.71 -17.60 -9.60
C ARG C 590 29.06 -16.92 -9.40
N ILE C 591 29.73 -16.62 -10.50
CA ILE C 591 31.02 -15.94 -10.41
C ILE C 591 30.87 -14.60 -9.72
N GLU C 592 29.69 -13.99 -9.80
CA GLU C 592 29.46 -12.74 -9.11
C GLU C 592 29.53 -12.92 -7.60
N HIS C 593 29.15 -14.09 -7.09
CA HIS C 593 29.22 -14.33 -5.66
C HIS C 593 30.66 -14.46 -5.19
N THR C 594 31.47 -15.23 -5.93
CA THR C 594 32.86 -15.39 -5.55
C THR C 594 33.65 -14.09 -5.69
N ILE C 595 33.31 -13.26 -6.68
CA ILE C 595 34.00 -11.99 -6.84
C ILE C 595 33.66 -11.05 -5.70
N ALA C 596 32.39 -10.97 -5.32
CA ALA C 596 32.00 -10.15 -4.18
C ALA C 596 32.62 -10.68 -2.89
N TRP C 597 32.72 -12.01 -2.75
CA TRP C 597 33.41 -12.58 -1.61
C TRP C 597 34.89 -12.22 -1.61
N ALA C 598 35.53 -12.31 -2.77
CA ALA C 598 36.95 -11.97 -2.87
C ALA C 598 37.17 -10.50 -2.57
N ARG C 599 36.26 -9.63 -3.03
CA ARG C 599 36.36 -8.21 -2.71
C ARG C 599 36.31 -7.99 -1.20
N ASP C 600 35.44 -8.73 -0.50
CA ASP C 600 35.33 -8.60 0.94
C ASP C 600 36.56 -9.21 1.63
N LEU C 601 37.08 -10.30 1.08
CA LEU C 601 38.32 -10.86 1.61
C LEU C 601 39.45 -9.85 1.53
N PHE C 602 39.60 -9.21 0.37
CA PHE C 602 40.58 -8.12 0.22
C PHE C 602 40.45 -7.12 1.35
N GLU C 603 39.22 -6.63 1.59
CA GLU C 603 39.01 -5.62 2.63
C GLU C 603 39.31 -6.18 4.02
N GLY C 604 39.04 -7.46 4.26
CA GLY C 604 39.21 -8.04 5.57
C GLY C 604 40.61 -8.51 5.90
N LEU C 605 41.52 -8.48 4.93
CA LEU C 605 42.91 -8.86 5.14
C LEU C 605 43.89 -7.70 5.11
N PHE C 606 43.61 -6.68 4.30
CA PHE C 606 44.57 -5.61 4.07
C PHE C 606 44.02 -4.22 4.35
N LYS C 607 42.77 -4.11 4.82
CA LYS C 607 42.18 -2.80 5.04
C LYS C 607 41.63 -2.68 6.46
N GLN C 608 40.58 -3.43 6.78
CA GLN C 608 39.98 -3.34 8.11
C GLN C 608 40.98 -3.66 9.22
N PRO C 609 41.70 -4.79 9.20
CA PRO C 609 42.63 -5.05 10.31
C PRO C 609 43.70 -3.99 10.45
N ILE C 610 44.11 -3.35 9.35
CA ILE C 610 45.09 -2.28 9.43
C ILE C 610 44.49 -1.07 10.16
N ASP C 611 43.21 -0.79 9.92
CA ASP C 611 42.57 0.35 10.56
C ASP C 611 42.39 0.12 12.06
N ASN C 612 41.93 -1.06 12.45
CA ASN C 612 41.75 -1.36 13.87
C ASN C 612 43.06 -1.19 14.65
N VAL C 613 44.19 -1.38 13.99
CA VAL C 613 45.48 -1.14 14.63
C VAL C 613 45.79 0.36 14.67
N ASN C 614 45.72 1.02 13.51
CA ASN C 614 45.95 2.46 13.48
C ASN C 614 44.98 3.19 14.39
N MET C 615 43.69 2.85 14.32
CA MET C 615 42.70 3.47 15.19
C MET C 615 42.98 3.16 16.65
N TYR C 616 43.51 1.96 16.94
CA TYR C 616 43.84 1.62 18.32
C TYR C 616 44.99 2.47 18.86
N LEU C 617 45.87 2.93 17.97
CA LEU C 617 47.01 3.74 18.37
C LEU C 617 46.73 5.24 18.32
N SER C 618 45.50 5.64 17.99
CA SER C 618 45.14 7.05 17.93
C SER C 618 44.04 7.39 18.92
N SER C 619 42.92 6.68 18.90
CA SER C 619 41.84 6.95 19.84
C SER C 619 42.20 6.44 21.23
N PRO C 620 41.94 7.22 22.28
CA PRO C 620 42.31 6.77 23.63
C PRO C 620 41.46 5.62 24.14
N ASN C 621 40.15 5.75 24.04
CA ASN C 621 39.21 4.75 24.54
C ASN C 621 38.64 3.92 23.39
N PHE C 622 39.51 3.42 22.50
CA PHE C 622 39.05 2.65 21.36
C PHE C 622 38.50 1.30 21.81
N LEU C 623 39.22 0.60 22.68
CA LEU C 623 38.76 -0.70 23.15
C LEU C 623 37.42 -0.59 23.84
N GLU C 624 37.27 0.39 24.73
CA GLU C 624 36.01 0.56 25.44
C GLU C 624 34.89 0.95 24.48
N THR C 625 35.14 1.90 23.59
CA THR C 625 34.11 2.33 22.64
C THR C 625 33.80 1.22 21.63
N SER C 626 34.83 0.56 21.12
CA SER C 626 34.61 -0.52 20.15
C SER C 626 33.76 -1.62 20.76
N LEU C 627 34.04 -2.00 22.00
CA LEU C 627 33.23 -3.01 22.67
C LEU C 627 31.78 -2.58 22.82
N LYS C 628 31.51 -1.27 22.77
CA LYS C 628 30.16 -0.76 22.89
C LYS C 628 29.45 -0.60 21.55
N THR C 629 30.21 -0.48 20.46
CA THR C 629 29.62 -0.28 19.13
C THR C 629 29.99 -1.36 18.13
N SER C 630 31.20 -1.92 18.20
CA SER C 630 31.63 -2.91 17.21
C SER C 630 30.72 -4.13 17.25
N SER C 631 30.34 -4.60 16.07
CA SER C 631 29.50 -5.79 15.97
C SER C 631 30.26 -7.05 16.31
N ASN C 632 31.58 -7.04 16.19
CA ASN C 632 32.41 -8.22 16.46
C ASN C 632 33.62 -7.77 17.29
N PRO C 633 33.42 -7.56 18.60
CA PRO C 633 34.55 -7.10 19.42
C PRO C 633 35.74 -8.03 19.42
N ARG C 634 35.52 -9.35 19.43
CA ARG C 634 36.63 -10.29 19.45
C ARG C 634 37.46 -10.19 18.17
N GLU C 635 36.83 -9.86 17.05
CA GLU C 635 37.58 -9.66 15.81
C GLU C 635 38.51 -8.46 15.93
N VAL C 636 38.05 -7.38 16.55
CA VAL C 636 38.88 -6.19 16.70
C VAL C 636 40.07 -6.49 17.61
N LEU C 637 39.88 -7.34 18.62
CA LEU C 637 40.99 -7.69 19.50
C LEU C 637 41.91 -8.72 18.87
N GLU C 638 41.36 -9.62 18.04
CA GLU C 638 42.18 -10.64 17.41
C GLU C 638 43.02 -10.07 16.27
N ASN C 639 42.38 -9.29 15.38
CA ASN C 639 43.13 -8.71 14.26
C ASN C 639 44.16 -7.71 14.76
N ILE C 640 43.83 -6.94 15.79
CA ILE C 640 44.81 -6.02 16.38
C ILE C 640 46.03 -6.79 16.87
N ARG C 641 45.78 -7.87 17.64
CA ARG C 641 46.88 -8.68 18.14
C ARG C 641 47.65 -9.32 16.99
N ASP C 642 46.94 -10.04 16.11
CA ASP C 642 47.61 -10.80 15.06
C ASP C 642 48.39 -9.89 14.11
N TYR C 643 47.95 -8.65 13.95
CA TYR C 643 48.66 -7.69 13.12
C TYR C 643 49.64 -6.83 13.90
N LEU C 644 49.78 -7.05 15.20
CA LEU C 644 50.72 -6.30 16.04
C LEU C 644 51.82 -7.13 16.66
N VAL C 645 51.61 -8.43 16.88
CA VAL C 645 52.62 -9.25 17.53
C VAL C 645 52.69 -10.63 16.88
N THR C 646 51.56 -11.33 16.79
CA THR C 646 51.58 -12.72 16.36
C THR C 646 52.09 -12.84 14.92
N GLU C 647 51.49 -12.09 14.00
CA GLU C 647 51.80 -12.23 12.59
C GLU C 647 52.32 -10.92 11.99
N LYS C 648 53.34 -10.33 12.61
CA LYS C 648 53.98 -9.15 12.05
C LYS C 648 55.14 -9.58 11.16
N PRO C 649 55.10 -9.31 9.86
CA PRO C 649 56.17 -9.77 8.98
C PRO C 649 57.41 -8.90 9.08
N LEU C 650 58.57 -9.55 8.97
CA LEU C 650 59.85 -8.86 8.98
C LEU C 650 60.62 -9.03 7.67
N SER C 651 60.03 -9.68 6.67
CA SER C 651 60.68 -9.90 5.38
C SER C 651 59.63 -10.41 4.41
N PHE C 652 59.87 -10.16 3.12
CA PHE C 652 58.94 -10.65 2.10
C PHE C 652 58.86 -12.18 2.12
N GLU C 653 59.94 -12.84 2.54
CA GLU C 653 59.90 -14.29 2.71
C GLU C 653 58.90 -14.67 3.79
N GLU C 654 58.82 -13.87 4.86
CA GLU C 654 57.84 -14.12 5.91
C GLU C 654 56.44 -13.72 5.48
N CYS C 655 56.30 -12.84 4.48
CA CYS C 655 54.99 -12.54 3.92
C CYS C 655 54.49 -13.68 3.05
N ILE C 656 55.39 -14.37 2.34
CA ILE C 656 54.99 -15.50 1.52
C ILE C 656 54.44 -16.63 2.38
N MET C 657 55.10 -16.91 3.51
CA MET C 657 54.57 -17.90 4.44
C MET C 657 53.17 -17.53 4.91
N TRP C 658 52.96 -16.25 5.23
CA TRP C 658 51.63 -15.80 5.62
C TRP C 658 50.62 -16.06 4.50
N ALA C 659 50.95 -15.61 3.29
CA ALA C 659 50.05 -15.85 2.15
C ALA C 659 49.77 -17.34 1.99
N ARG C 660 50.80 -18.18 2.13
CA ARG C 660 50.61 -19.62 2.01
C ARG C 660 49.63 -20.13 3.07
N LEU C 661 49.63 -19.52 4.25
CA LEU C 661 48.68 -19.91 5.28
C LEU C 661 47.26 -19.48 4.92
N GLN C 662 47.11 -18.29 4.33
CA GLN C 662 45.79 -17.81 3.95
C GLN C 662 45.15 -18.66 2.88
N PHE C 663 45.94 -19.38 2.08
CA PHE C 663 45.39 -20.24 1.05
C PHE C 663 44.54 -21.35 1.66
N ASP C 664 45.13 -22.13 2.57
CA ASP C 664 44.40 -23.23 3.20
C ASP C 664 43.27 -22.70 4.09
N LYS C 665 43.41 -21.50 4.62
CA LYS C 665 42.41 -20.95 5.53
C LYS C 665 41.12 -20.62 4.80
N PHE C 666 41.22 -20.04 3.59
CA PHE C 666 40.05 -19.56 2.86
C PHE C 666 39.74 -20.40 1.62
N PHE C 667 40.43 -21.51 1.42
CA PHE C 667 40.15 -22.38 0.27
C PHE C 667 40.25 -23.85 0.59
N ASN C 668 40.55 -24.23 1.84
CA ASN C 668 40.67 -25.63 2.21
C ASN C 668 40.01 -25.90 3.56
N ASN C 669 40.54 -25.26 4.62
CA ASN C 669 40.03 -25.52 5.95
C ASN C 669 38.57 -25.09 6.09
N ASN C 670 38.26 -23.86 5.67
CA ASN C 670 36.88 -23.39 5.74
C ASN C 670 35.95 -24.29 4.95
N ILE C 671 36.43 -24.87 3.84
CA ILE C 671 35.59 -25.77 3.05
C ILE C 671 35.41 -27.10 3.77
N GLN C 672 36.48 -27.59 4.42
CA GLN C 672 36.36 -28.81 5.21
C GLN C 672 35.34 -28.63 6.33
N GLN C 673 35.42 -27.49 7.05
CA GLN C 673 34.47 -27.24 8.12
C GLN C 673 33.04 -27.20 7.59
N LEU C 674 32.84 -26.56 6.43
CA LEU C 674 31.50 -26.53 5.84
C LEU C 674 31.01 -27.93 5.52
N LEU C 675 31.83 -28.72 4.83
CA LEU C 675 31.44 -30.08 4.49
C LEU C 675 31.23 -30.95 5.73
N PHE C 676 31.87 -30.60 6.85
CA PHE C 676 31.68 -31.36 8.08
C PHE C 676 30.29 -31.09 8.67
N ASN C 677 29.91 -29.82 8.75
CA ASN C 677 28.59 -29.48 9.28
C ASN C 677 27.49 -29.89 8.30
N PHE C 678 27.80 -29.96 7.01
CA PHE C 678 26.85 -30.36 5.98
C PHE C 678 27.54 -31.36 5.06
N PRO C 679 27.45 -32.66 5.38
CA PRO C 679 28.13 -33.66 4.56
C PRO C 679 27.80 -33.52 3.08
N LYS C 680 28.73 -34.00 2.24
CA LYS C 680 28.56 -33.90 0.79
C LYS C 680 27.31 -34.61 0.29
N ASP C 681 26.81 -35.59 1.03
CA ASP C 681 25.63 -36.36 0.63
C ASP C 681 24.53 -36.32 1.66
N SER C 682 24.55 -35.34 2.56
CA SER C 682 23.48 -35.20 3.53
C SER C 682 22.17 -34.82 2.86
N VAL C 683 21.07 -35.10 3.55
CA VAL C 683 19.73 -34.81 3.06
C VAL C 683 19.00 -34.00 4.11
N THR C 684 17.93 -33.32 3.67
CA THR C 684 17.13 -32.51 4.56
C THR C 684 16.08 -33.41 5.25
N SER C 685 15.15 -32.78 5.97
CA SER C 685 14.09 -33.55 6.62
C SER C 685 13.23 -34.28 5.59
N THR C 686 13.01 -33.64 4.44
CA THR C 686 12.20 -34.24 3.37
C THR C 686 12.95 -35.31 2.59
N GLY C 687 14.18 -35.65 2.99
CA GLY C 687 14.96 -36.66 2.31
C GLY C 687 15.70 -36.16 1.08
N GLN C 688 15.37 -34.98 0.57
CA GLN C 688 16.05 -34.47 -0.62
C GLN C 688 17.48 -34.05 -0.28
N PRO C 689 18.39 -34.14 -1.25
CA PRO C 689 19.79 -33.81 -0.97
C PRO C 689 19.95 -32.36 -0.56
N PHE C 690 20.84 -32.12 0.41
CA PHE C 690 21.08 -30.77 0.88
C PHE C 690 21.85 -29.93 -0.14
N TRP C 691 22.72 -30.57 -0.92
CA TRP C 691 23.49 -29.87 -1.95
C TRP C 691 22.78 -30.06 -3.29
N SER C 692 21.70 -29.30 -3.47
CA SER C 692 20.94 -29.35 -4.71
C SER C 692 20.38 -27.97 -5.00
N GLY C 693 20.25 -27.66 -6.29
CA GLY C 693 19.73 -26.38 -6.71
C GLY C 693 20.75 -25.27 -6.57
N PRO C 694 20.50 -24.31 -5.66
CA PRO C 694 21.46 -23.21 -5.48
C PRO C 694 22.71 -23.60 -4.73
N LYS C 695 22.71 -24.74 -4.03
CA LYS C 695 23.86 -25.18 -3.25
C LYS C 695 24.67 -26.16 -4.08
N ARG C 696 25.98 -25.89 -4.18
CA ARG C 696 26.90 -26.68 -4.99
C ARG C 696 27.95 -27.30 -4.07
N ALA C 697 28.00 -28.62 -4.03
CA ALA C 697 28.95 -29.35 -3.21
C ALA C 697 30.36 -28.85 -3.47
N PRO C 698 31.03 -28.23 -2.50
CA PRO C 698 32.39 -27.74 -2.72
C PRO C 698 33.42 -28.84 -2.53
N THR C 699 34.65 -28.52 -2.91
CA THR C 699 35.79 -29.41 -2.72
C THR C 699 36.98 -28.60 -2.23
N PRO C 700 37.58 -28.95 -1.09
CA PRO C 700 38.72 -28.17 -0.61
C PRO C 700 39.92 -28.31 -1.54
N LEU C 701 40.68 -27.23 -1.65
CA LEU C 701 41.84 -27.19 -2.53
C LEU C 701 43.10 -27.60 -1.77
N SER C 702 43.95 -28.36 -2.45
CA SER C 702 45.28 -28.68 -1.94
C SER C 702 46.29 -27.83 -2.70
N PHE C 703 47.13 -27.11 -1.95
CA PHE C 703 48.01 -26.13 -2.57
C PHE C 703 48.88 -26.77 -3.65
N ASP C 704 48.91 -26.13 -4.82
CA ASP C 704 49.66 -26.62 -5.98
C ASP C 704 50.46 -25.45 -6.53
N ILE C 705 51.76 -25.44 -6.22
CA ILE C 705 52.62 -24.33 -6.65
C ILE C 705 52.63 -24.22 -8.18
N HIS C 706 52.41 -25.33 -8.88
CA HIS C 706 52.38 -25.35 -10.34
C HIS C 706 50.98 -25.11 -10.88
N ASN C 707 50.21 -24.22 -10.24
CA ASN C 707 48.89 -23.84 -10.70
C ASN C 707 48.82 -22.33 -10.77
N ARG C 708 48.40 -21.80 -11.91
CA ARG C 708 48.42 -20.35 -12.11
C ARG C 708 47.61 -19.64 -11.04
N GLU C 709 46.40 -20.10 -10.79
CA GLU C 709 45.54 -19.43 -9.81
C GLU C 709 46.14 -19.53 -8.41
N HIS C 710 46.70 -20.68 -8.05
CA HIS C 710 47.30 -20.85 -6.74
C HIS C 710 48.51 -19.93 -6.57
N PHE C 711 49.40 -19.92 -7.56
CA PHE C 711 50.60 -19.09 -7.47
C PHE C 711 50.24 -17.61 -7.48
N ASP C 712 49.36 -17.19 -8.39
CA ASP C 712 48.95 -15.80 -8.45
C ASP C 712 48.43 -15.32 -7.10
N PHE C 713 47.59 -16.12 -6.45
CA PHE C 713 47.06 -15.74 -5.15
C PHE C 713 48.18 -15.47 -4.15
N ILE C 714 49.21 -16.32 -4.14
CA ILE C 714 50.33 -16.14 -3.22
C ILE C 714 51.06 -14.84 -3.52
N VAL C 715 51.33 -14.58 -4.81
CA VAL C 715 52.04 -13.36 -5.19
C VAL C 715 51.26 -12.14 -4.72
N ALA C 716 49.99 -12.03 -5.16
CA ALA C 716 49.18 -10.87 -4.79
C ALA C 716 49.01 -10.79 -3.28
N ALA C 717 48.75 -11.91 -2.62
CA ALA C 717 48.54 -11.90 -1.17
C ALA C 717 49.81 -11.47 -0.45
N ALA C 718 50.97 -12.00 -0.87
CA ALA C 718 52.23 -11.63 -0.24
C ALA C 718 52.59 -10.17 -0.55
N SER C 719 52.35 -9.74 -1.79
CA SER C 719 52.66 -8.36 -2.17
C SER C 719 51.83 -7.37 -1.36
N LEU C 720 50.56 -7.70 -1.11
CA LEU C 720 49.70 -6.81 -0.34
C LEU C 720 50.08 -6.82 1.13
N TYR C 721 50.26 -8.01 1.71
CA TYR C 721 50.65 -8.08 3.11
C TYR C 721 51.96 -7.34 3.36
N ALA C 722 52.89 -7.41 2.39
CA ALA C 722 54.11 -6.62 2.50
C ALA C 722 53.81 -5.13 2.35
N PHE C 723 52.88 -4.78 1.45
CA PHE C 723 52.48 -3.38 1.31
C PHE C 723 51.90 -2.83 2.59
N ASN C 724 51.26 -3.68 3.40
CA ASN C 724 50.67 -3.22 4.65
C ASN C 724 51.74 -2.85 5.68
N TYR C 725 52.88 -3.55 5.65
CA TYR C 725 53.94 -3.34 6.63
C TYR C 725 55.17 -2.66 6.05
N GLY C 726 55.12 -2.24 4.77
CA GLY C 726 56.23 -1.53 4.17
C GLY C 726 57.41 -2.42 3.83
N LEU C 727 57.15 -3.55 3.17
CA LEU C 727 58.18 -4.46 2.72
C LEU C 727 58.14 -4.56 1.21
N LYS C 728 59.32 -4.61 0.58
CA LYS C 728 59.38 -4.70 -0.87
C LYS C 728 58.92 -6.07 -1.34
N SER C 729 58.17 -6.10 -2.44
CA SER C 729 57.67 -7.33 -3.01
C SER C 729 58.50 -7.72 -4.23
N GLU C 730 58.81 -9.01 -4.34
CA GLU C 730 59.56 -9.55 -5.46
C GLU C 730 58.63 -10.26 -6.43
N THR C 731 59.18 -10.70 -7.55
CA THR C 731 58.39 -11.32 -8.60
C THR C 731 59.01 -12.61 -9.12
N ASP C 732 60.33 -12.72 -9.04
CA ASP C 732 61.02 -13.90 -9.55
C ASP C 732 60.47 -15.14 -8.86
N PRO C 733 59.88 -16.10 -9.60
CA PRO C 733 59.32 -17.29 -8.95
C PRO C 733 60.32 -18.09 -8.13
N ALA C 734 61.62 -17.77 -8.20
CA ALA C 734 62.62 -18.53 -7.45
C ALA C 734 62.39 -18.40 -5.94
N ILE C 735 62.13 -17.18 -5.47
CA ILE C 735 61.99 -16.96 -4.03
C ILE C 735 60.72 -17.63 -3.50
N TYR C 736 59.65 -17.61 -4.29
CA TYR C 736 58.40 -18.22 -3.85
C TYR C 736 58.58 -19.74 -3.66
N GLU C 737 59.14 -20.41 -4.66
CA GLU C 737 59.38 -21.84 -4.54
C GLU C 737 60.40 -22.14 -3.45
N ARG C 738 61.33 -21.21 -3.21
CA ARG C 738 62.40 -21.47 -2.24
C ARG C 738 61.87 -21.53 -0.81
N VAL C 739 60.85 -20.74 -0.51
CA VAL C 739 60.32 -20.65 0.86
C VAL C 739 59.11 -21.55 1.01
N LEU C 740 58.35 -21.74 -0.07
CA LEU C 740 57.17 -22.59 -0.01
C LEU C 740 57.53 -24.07 -0.05
N ALA C 741 58.64 -24.44 -0.70
CA ALA C 741 59.06 -25.83 -0.73
C ALA C 741 59.31 -26.39 0.67
N GLY C 742 59.54 -25.51 1.65
CA GLY C 742 59.75 -25.95 3.02
C GLY C 742 58.64 -25.50 3.95
N TYR C 743 57.41 -25.40 3.42
CA TYR C 743 56.25 -25.00 4.21
C TYR C 743 55.54 -26.23 4.72
N ASN C 744 55.31 -26.30 6.03
CA ASN C 744 54.64 -27.43 6.66
C ASN C 744 53.24 -27.03 7.08
N PRO C 745 52.21 -27.37 6.31
CA PRO C 745 50.85 -26.93 6.65
C PRO C 745 50.38 -27.60 7.93
N PRO C 746 50.04 -26.82 8.95
CA PRO C 746 49.50 -27.42 10.19
C PRO C 746 48.26 -28.23 9.89
N PRO C 747 48.12 -29.42 10.50
CA PRO C 747 46.93 -30.22 10.24
C PRO C 747 45.66 -29.52 10.70
N PHE C 748 44.57 -29.80 10.00
CA PHE C 748 43.28 -29.23 10.33
C PHE C 748 42.24 -30.33 10.42
N ALA C 749 41.49 -30.34 11.52
CA ALA C 749 40.35 -31.25 11.69
C ALA C 749 39.12 -30.41 11.95
N PRO C 750 38.08 -30.47 11.12
CA PRO C 750 36.90 -29.61 11.35
C PRO C 750 36.24 -29.92 12.69
N LYS C 751 36.21 -28.91 13.56
CA LYS C 751 35.62 -29.05 14.89
C LYS C 751 34.12 -28.79 14.82
N SER C 752 33.45 -29.03 15.93
CA SER C 752 32.03 -28.75 16.07
C SER C 752 31.56 -29.01 17.49
N ALA C 768 27.60 -23.05 33.48
CA ALA C 768 27.74 -21.63 33.79
C ALA C 768 28.08 -20.83 32.54
N ALA C 769 27.18 -19.95 32.14
CA ALA C 769 27.37 -19.11 30.96
C ALA C 769 27.70 -17.69 31.41
N ASN C 770 28.98 -17.48 31.72
CA ASN C 770 29.45 -16.18 32.17
C ASN C 770 30.96 -16.05 31.93
N LYS C 771 31.41 -16.45 30.75
CA LYS C 771 32.82 -16.44 30.40
C LYS C 771 33.17 -15.50 29.27
N ASP C 772 32.20 -15.09 28.46
CA ASP C 772 32.50 -14.22 27.31
C ASP C 772 33.19 -12.94 27.76
N LYS C 773 32.75 -12.36 28.89
CA LYS C 773 33.34 -11.12 29.36
C LYS C 773 34.83 -11.29 29.63
N GLN C 774 35.20 -12.30 30.44
CA GLN C 774 36.60 -12.49 30.78
C GLN C 774 37.44 -12.83 29.57
N GLU C 775 36.86 -13.49 28.57
CA GLU C 775 37.63 -13.90 27.39
C GLU C 775 38.12 -12.67 26.62
N LEU C 776 37.20 -11.86 26.13
CA LEU C 776 37.59 -10.69 25.33
C LEU C 776 38.21 -9.59 26.17
N LYS C 777 38.00 -9.60 27.49
CA LYS C 777 38.68 -8.63 28.35
C LYS C 777 40.08 -9.07 28.72
N SER C 778 40.34 -10.38 28.77
CA SER C 778 41.67 -10.87 29.12
C SER C 778 42.68 -10.55 28.02
N ILE C 779 42.31 -10.82 26.77
CA ILE C 779 43.23 -10.58 25.66
C ILE C 779 43.37 -9.09 25.38
N ALA C 780 42.44 -8.26 25.84
CA ALA C 780 42.55 -6.82 25.64
C ALA C 780 43.82 -6.27 26.24
N ASP C 781 44.31 -6.88 27.32
CA ASP C 781 45.53 -6.45 27.98
C ASP C 781 46.77 -7.19 27.46
N SER C 782 46.62 -8.06 26.47
CA SER C 782 47.75 -8.83 25.95
C SER C 782 48.78 -7.96 25.23
N LEU C 783 48.53 -6.67 25.08
CA LEU C 783 49.51 -5.77 24.49
C LEU C 783 50.79 -5.75 25.32
N ARG C 793 52.53 3.43 12.67
CA ARG C 793 51.29 3.17 11.95
C ARG C 793 51.52 2.19 10.80
N LEU C 794 50.43 1.63 10.29
CA LEU C 794 50.46 0.74 9.14
C LEU C 794 49.66 1.36 8.00
N THR C 795 50.00 0.96 6.77
CA THR C 795 49.38 1.54 5.59
C THR C 795 48.23 0.66 5.14
N PRO C 796 46.98 1.12 5.19
CA PRO C 796 45.87 0.31 4.68
C PRO C 796 45.81 0.33 3.17
N ALA C 797 45.36 -0.79 2.61
CA ALA C 797 45.24 -0.94 1.16
C ALA C 797 43.88 -0.39 0.73
N GLU C 798 43.89 0.83 0.21
CA GLU C 798 42.67 1.47 -0.28
C GLU C 798 42.36 0.93 -1.67
N PHE C 799 41.28 0.16 -1.79
CA PHE C 799 40.96 -0.52 -3.04
C PHE C 799 40.99 0.46 -4.20
N GLU C 800 41.70 0.08 -5.25
CA GLU C 800 41.86 0.92 -6.44
C GLU C 800 41.78 0.00 -7.66
N LYS C 801 40.62 0.01 -8.32
CA LYS C 801 40.44 -0.81 -9.51
C LYS C 801 41.39 -0.37 -10.63
N ASP C 802 41.51 0.94 -10.85
CA ASP C 802 42.21 1.47 -12.02
C ASP C 802 43.71 1.60 -11.75
N ASP C 803 44.33 0.46 -11.48
CA ASP C 803 45.78 0.41 -11.26
C ASP C 803 46.24 -1.05 -11.22
N ASP C 804 47.10 -1.44 -12.16
CA ASP C 804 47.53 -2.82 -12.27
C ASP C 804 48.82 -3.11 -11.50
N SER C 805 49.50 -2.08 -10.99
CA SER C 805 50.73 -2.25 -10.24
C SER C 805 50.49 -2.33 -8.74
N ASN C 806 49.23 -2.33 -8.30
CA ASN C 806 48.90 -2.34 -6.88
C ASN C 806 48.52 -3.72 -6.36
N HIS C 807 48.36 -4.71 -7.25
CA HIS C 807 47.99 -6.08 -6.88
C HIS C 807 46.57 -6.20 -6.35
N HIS C 808 45.74 -5.16 -6.49
CA HIS C 808 44.40 -5.20 -5.93
C HIS C 808 43.49 -6.13 -6.72
N ILE C 809 43.44 -5.96 -8.05
CA ILE C 809 42.62 -6.83 -8.87
C ILE C 809 43.27 -8.19 -9.09
N ASP C 810 44.59 -8.28 -9.00
CA ASP C 810 45.25 -9.58 -9.05
C ASP C 810 44.74 -10.48 -7.92
N PHE C 811 44.67 -9.94 -6.71
CA PHE C 811 44.20 -10.73 -5.57
C PHE C 811 42.75 -11.13 -5.74
N ILE C 812 41.88 -10.17 -6.07
CA ILE C 812 40.46 -10.44 -6.16
C ILE C 812 40.16 -11.45 -7.25
N THR C 813 40.83 -11.33 -8.40
CA THR C 813 40.62 -12.28 -9.49
C THR C 813 41.11 -13.67 -9.10
N ALA C 814 42.25 -13.75 -8.41
CA ALA C 814 42.77 -15.05 -7.99
C ALA C 814 41.93 -15.64 -6.88
N ALA C 815 41.64 -14.85 -5.83
CA ALA C 815 40.83 -15.35 -4.73
C ALA C 815 39.46 -15.81 -5.23
N SER C 816 38.84 -15.05 -6.13
CA SER C 816 37.54 -15.43 -6.66
C SER C 816 37.62 -16.75 -7.42
N ASN C 817 38.58 -16.85 -8.36
CA ASN C 817 38.70 -18.06 -9.16
C ASN C 817 39.07 -19.26 -8.29
N LEU C 818 39.81 -19.05 -7.21
CA LEU C 818 40.12 -20.14 -6.30
C LEU C 818 38.88 -20.61 -5.55
N ARG C 819 37.96 -19.70 -5.25
CA ARG C 819 36.70 -20.08 -4.64
C ARG C 819 35.71 -20.63 -5.67
N ALA C 820 35.81 -20.17 -6.92
CA ALA C 820 34.98 -20.74 -7.98
C ALA C 820 35.35 -22.18 -8.26
N MET C 821 36.62 -22.54 -8.10
CA MET C 821 37.03 -23.94 -8.26
C MET C 821 36.50 -24.78 -7.09
N ASN C 822 36.53 -24.23 -5.87
CA ASN C 822 35.94 -24.92 -4.74
C ASN C 822 34.54 -25.39 -5.06
N TYR C 823 33.68 -24.47 -5.49
CA TYR C 823 32.27 -24.76 -5.75
C TYR C 823 31.99 -25.06 -7.22
N ASP C 824 33.02 -25.44 -7.98
CA ASP C 824 32.86 -25.85 -9.37
C ASP C 824 32.08 -24.79 -10.17
N ILE C 825 32.66 -23.60 -10.22
CA ILE C 825 32.07 -22.47 -10.93
C ILE C 825 33.06 -22.00 -11.99
N THR C 826 32.53 -21.63 -13.15
CA THR C 826 33.39 -21.19 -14.25
C THR C 826 34.16 -19.95 -13.84
N PRO C 827 35.50 -20.00 -13.79
CA PRO C 827 36.27 -18.81 -13.43
C PRO C 827 36.02 -17.67 -14.40
N ALA C 828 36.57 -16.51 -14.06
CA ALA C 828 36.45 -15.31 -14.88
C ALA C 828 37.82 -14.65 -15.01
N ASP C 829 38.08 -14.09 -16.19
CA ASP C 829 39.31 -13.38 -16.41
C ASP C 829 39.33 -12.07 -15.64
N ARG C 830 40.50 -11.42 -15.61
CA ARG C 830 40.64 -10.15 -14.91
C ARG C 830 39.75 -9.07 -15.49
N PHE C 831 39.33 -9.21 -16.75
CA PHE C 831 38.50 -8.20 -17.38
C PHE C 831 37.11 -8.16 -16.76
N LYS C 832 36.48 -9.33 -16.61
CA LYS C 832 35.15 -9.39 -16.02
C LYS C 832 35.20 -9.14 -14.52
N THR C 833 36.22 -9.67 -13.83
CA THR C 833 36.34 -9.44 -12.40
C THR C 833 36.48 -7.95 -12.09
N LYS C 834 37.32 -7.25 -12.85
CA LYS C 834 37.45 -5.81 -12.68
C LYS C 834 36.13 -5.10 -12.88
N PHE C 835 35.27 -5.63 -13.73
CA PHE C 835 33.95 -5.04 -13.95
C PHE C 835 33.04 -5.25 -12.75
N VAL C 836 33.04 -6.46 -12.19
CA VAL C 836 32.15 -6.77 -11.08
C VAL C 836 32.69 -6.22 -9.77
N ALA C 837 33.95 -6.52 -9.45
CA ALA C 837 34.51 -6.08 -8.18
C ALA C 837 34.63 -4.56 -8.10
N GLY C 838 34.79 -3.89 -9.25
CA GLY C 838 34.96 -2.46 -9.27
C GLY C 838 33.70 -1.66 -9.47
N LYS C 839 32.58 -2.33 -9.74
CA LYS C 839 31.30 -1.66 -9.96
C LYS C 839 31.37 -0.67 -11.12
N ILE C 840 32.20 -0.98 -12.12
CA ILE C 840 32.38 -0.07 -13.24
C ILE C 840 31.05 0.10 -13.97
N VAL C 841 30.71 1.35 -14.27
CA VAL C 841 29.49 1.67 -15.02
C VAL C 841 29.85 1.65 -16.50
N PRO C 842 29.29 0.73 -17.30
CA PRO C 842 29.59 0.75 -18.73
C PRO C 842 29.10 2.03 -19.39
N ALA C 843 29.98 2.63 -20.19
CA ALA C 843 29.68 3.94 -20.77
C ALA C 843 30.50 4.13 -22.04
N MET C 844 29.99 5.00 -22.90
CA MET C 844 30.72 5.43 -24.09
C MET C 844 30.17 6.79 -24.52
N CYS C 845 30.79 7.36 -25.56
CA CYS C 845 30.51 8.75 -25.92
C CYS C 845 29.14 8.91 -26.58
N THR C 846 28.65 7.87 -27.26
CA THR C 846 27.39 8.01 -28.00
C THR C 846 26.24 8.42 -27.07
N SER C 847 25.96 7.58 -26.07
CA SER C 847 24.85 7.88 -25.16
C SER C 847 25.04 9.22 -24.49
N THR C 848 26.29 9.56 -24.13
CA THR C 848 26.54 10.81 -23.43
C THR C 848 26.10 12.01 -24.24
N ALA C 849 26.41 12.03 -25.54
CA ALA C 849 26.03 13.16 -26.37
C ALA C 849 24.52 13.23 -26.54
N VAL C 850 23.86 12.08 -26.67
CA VAL C 850 22.42 12.07 -26.89
C VAL C 850 21.69 12.77 -25.75
N VAL C 851 21.99 12.40 -24.51
CA VAL C 851 21.29 13.00 -23.37
C VAL C 851 21.62 14.49 -23.26
N SER C 852 22.88 14.87 -23.56
CA SER C 852 23.25 16.28 -23.48
C SER C 852 22.41 17.12 -24.43
N GLY C 853 22.15 16.60 -25.63
CA GLY C 853 21.28 17.31 -26.56
C GLY C 853 19.86 17.39 -26.07
N LEU C 854 19.31 16.26 -25.60
CA LEU C 854 17.97 16.25 -25.05
C LEU C 854 17.84 17.24 -23.89
N VAL C 855 18.83 17.26 -23.00
CA VAL C 855 18.79 18.16 -21.84
C VAL C 855 18.69 19.61 -22.30
N CYS C 856 19.54 20.00 -23.25
CA CYS C 856 19.56 21.39 -23.69
C CYS C 856 18.29 21.76 -24.46
N LEU C 857 17.64 20.78 -25.09
CA LEU C 857 16.33 21.03 -25.68
C LEU C 857 15.30 21.35 -24.60
N GLU C 858 15.47 20.81 -23.39
CA GLU C 858 14.65 21.21 -22.26
C GLU C 858 15.15 22.51 -21.64
N LEU C 859 16.44 22.80 -21.76
CA LEU C 859 17.01 24.01 -21.19
C LEU C 859 16.32 25.25 -21.75
N VAL C 860 16.20 25.33 -23.08
CA VAL C 860 15.59 26.51 -23.70
C VAL C 860 14.15 26.67 -23.23
N LYS C 861 13.46 25.57 -22.96
CA LYS C 861 12.10 25.65 -22.45
C LYS C 861 12.07 26.37 -21.10
N LEU C 862 13.06 26.09 -20.23
CA LEU C 862 13.16 26.80 -18.96
C LEU C 862 13.43 28.29 -19.20
N VAL C 863 14.38 28.59 -20.09
CA VAL C 863 14.69 29.99 -20.39
C VAL C 863 13.45 30.72 -20.89
N ASP C 864 12.58 30.01 -21.60
CA ASP C 864 11.32 30.58 -22.07
C ASP C 864 10.29 30.71 -20.96
N GLY C 865 10.54 30.13 -19.80
CA GLY C 865 9.61 30.22 -18.69
C GLY C 865 8.30 29.50 -18.90
N LYS C 866 8.31 28.43 -19.68
CA LYS C 866 7.07 27.72 -19.99
C LYS C 866 6.41 27.21 -18.73
N LYS C 867 5.12 27.51 -18.59
CA LYS C 867 4.35 27.10 -17.41
C LYS C 867 3.44 25.91 -17.67
N LYS C 868 3.14 25.60 -18.94
CA LYS C 868 2.33 24.44 -19.25
C LYS C 868 3.20 23.18 -19.19
N ILE C 869 2.88 22.29 -18.24
CA ILE C 869 3.69 21.12 -18.02
C ILE C 869 3.75 20.23 -19.26
N GLU C 870 2.78 20.35 -20.17
CA GLU C 870 2.77 19.54 -21.37
C GLU C 870 3.86 19.93 -22.35
N GLU C 871 4.44 21.12 -22.20
CA GLU C 871 5.52 21.55 -23.10
C GLU C 871 6.84 20.89 -22.75
N TYR C 872 7.05 20.55 -21.49
CA TYR C 872 8.26 19.86 -21.08
C TYR C 872 8.16 18.37 -21.41
N LYS C 873 9.32 17.70 -21.46
CA LYS C 873 9.38 16.30 -21.84
C LYS C 873 10.53 15.62 -21.12
N ASN C 874 10.23 14.46 -20.51
CA ASN C 874 11.26 13.56 -20.02
C ASN C 874 11.61 12.58 -21.12
N GLY C 875 12.90 12.24 -21.21
CA GLY C 875 13.42 11.44 -22.31
C GLY C 875 13.95 10.10 -21.85
N PHE C 876 13.75 9.08 -22.68
CA PHE C 876 14.28 7.74 -22.44
C PHE C 876 14.65 7.13 -23.78
N PHE C 877 15.76 6.39 -23.81
CA PHE C 877 16.20 5.79 -25.07
C PHE C 877 17.14 4.63 -24.80
N ASN C 878 17.22 3.74 -25.78
CA ASN C 878 18.21 2.67 -25.80
C ASN C 878 18.73 2.57 -27.23
N LEU C 879 19.98 3.00 -27.45
CA LEU C 879 20.52 3.00 -28.81
C LEU C 879 20.73 1.58 -29.33
N ALA C 880 20.92 0.61 -28.43
CA ALA C 880 21.19 -0.76 -28.87
C ALA C 880 20.01 -1.32 -29.67
N ILE C 881 18.80 -0.83 -29.41
CA ILE C 881 17.62 -1.25 -30.16
C ILE C 881 16.96 -0.08 -30.88
N GLY C 882 17.60 1.08 -30.90
CA GLY C 882 17.03 2.23 -31.58
C GLY C 882 15.70 2.68 -31.01
N LEU C 883 15.57 2.65 -29.69
CA LEU C 883 14.32 3.02 -29.02
C LEU C 883 14.44 4.43 -28.45
N PHE C 884 13.43 5.25 -28.72
CA PHE C 884 13.28 6.56 -28.11
C PHE C 884 11.83 6.73 -27.69
N THR C 885 11.63 7.30 -26.50
CA THR C 885 10.28 7.58 -26.02
C THR C 885 10.34 8.75 -25.04
N PHE C 886 9.27 9.53 -25.02
CA PHE C 886 9.20 10.74 -24.22
C PHE C 886 7.86 10.80 -23.49
N SER C 887 7.84 11.45 -22.33
CA SER C 887 6.62 11.60 -21.56
C SER C 887 6.62 12.95 -20.86
N ASP C 888 5.43 13.52 -20.71
CA ASP C 888 5.29 14.76 -19.97
C ASP C 888 5.67 14.53 -18.50
N PRO C 889 6.33 15.49 -17.86
CA PRO C 889 6.62 15.33 -16.43
C PRO C 889 5.36 15.20 -15.60
N ILE C 890 5.51 14.59 -14.44
CA ILE C 890 4.40 14.47 -13.49
C ILE C 890 4.27 15.79 -12.73
N ALA C 891 3.05 16.29 -12.65
CA ALA C 891 2.81 17.52 -11.90
C ALA C 891 3.05 17.30 -10.42
N SER C 892 3.44 18.37 -9.73
CA SER C 892 3.62 18.28 -8.29
C SER C 892 2.27 18.09 -7.62
N PRO C 893 2.18 17.20 -6.63
CA PRO C 893 0.89 16.98 -5.97
C PRO C 893 0.42 18.23 -5.24
N LYS C 894 -0.86 18.52 -5.38
CA LYS C 894 -1.49 19.69 -4.77
C LYS C 894 -2.37 19.26 -3.60
N MET C 895 -2.75 20.25 -2.80
CA MET C 895 -3.67 20.01 -1.70
C MET C 895 -4.33 21.34 -1.35
N LYS C 896 -5.53 21.26 -0.78
CA LYS C 896 -6.31 22.44 -0.45
C LYS C 896 -6.23 22.71 1.05
N VAL C 897 -5.92 23.95 1.40
CA VAL C 897 -5.90 24.42 2.78
C VAL C 897 -6.70 25.71 2.83
N ASN C 898 -7.80 25.70 3.57
CA ASN C 898 -8.66 26.88 3.70
C ASN C 898 -9.01 27.44 2.32
N GLY C 899 -9.19 26.53 1.36
CA GLY C 899 -9.54 26.90 0.00
C GLY C 899 -8.36 27.14 -0.92
N LYS C 900 -7.19 27.49 -0.37
CA LYS C 900 -6.04 27.77 -1.22
C LYS C 900 -5.48 26.47 -1.81
N GLU C 901 -4.81 26.61 -2.94
CA GLU C 901 -4.08 25.50 -3.54
C GLU C 901 -2.65 25.54 -3.04
N ILE C 902 -2.21 24.46 -2.39
CA ILE C 902 -0.88 24.37 -1.81
C ILE C 902 -0.10 23.32 -2.57
N ASP C 903 1.16 23.65 -2.88
CA ASP C 903 2.06 22.73 -3.55
C ASP C 903 2.81 21.94 -2.48
N LYS C 904 2.55 20.63 -2.42
CA LYS C 904 3.13 19.80 -1.35
C LYS C 904 4.64 19.73 -1.42
N ILE C 905 5.24 19.97 -2.58
CA ILE C 905 6.69 19.87 -2.75
C ILE C 905 7.37 21.23 -2.60
N TRP C 906 6.81 22.27 -3.21
CA TRP C 906 7.54 23.52 -3.41
C TRP C 906 7.15 24.64 -2.46
N ASP C 907 5.97 24.58 -1.85
CA ASP C 907 5.54 25.64 -0.95
C ASP C 907 6.17 25.47 0.42
N ARG C 908 6.37 26.59 1.11
CA ARG C 908 6.86 26.59 2.47
C ARG C 908 6.51 27.94 3.10
N TYR C 909 6.57 27.99 4.43
CA TYR C 909 6.40 29.23 5.17
C TYR C 909 7.77 29.78 5.55
N ASN C 910 8.02 31.04 5.20
CA ASN C 910 9.27 31.71 5.52
C ASN C 910 9.00 32.72 6.62
N LEU C 911 9.56 32.48 7.80
CA LEU C 911 9.38 33.34 8.95
C LEU C 911 10.73 33.73 9.51
N PRO C 912 10.82 34.86 10.21
CA PRO C 912 12.07 35.21 10.91
C PRO C 912 12.23 34.38 12.17
N ASP C 913 13.28 34.63 12.94
CA ASP C 913 13.50 33.95 14.21
C ASP C 913 12.68 34.63 15.31
N CYS C 914 11.36 34.62 15.11
CA CYS C 914 10.42 35.26 16.03
C CYS C 914 10.25 34.39 17.27
N THR C 915 9.29 34.77 18.12
CA THR C 915 8.97 33.98 19.30
C THR C 915 7.90 32.95 18.97
N LEU C 916 7.83 31.91 19.79
CA LEU C 916 6.81 30.89 19.63
C LEU C 916 5.42 31.51 19.60
N GLN C 917 5.17 32.48 20.49
CA GLN C 917 3.89 33.18 20.49
C GLN C 917 3.65 33.89 19.16
N GLU C 918 4.63 34.67 18.71
CA GLU C 918 4.49 35.37 17.44
C GLU C 918 4.29 34.40 16.28
N LEU C 919 4.92 33.22 16.35
CA LEU C 919 4.71 32.22 15.31
C LEU C 919 3.28 31.70 15.32
N ILE C 920 2.72 31.49 16.52
CA ILE C 920 1.35 31.00 16.62
C ILE C 920 0.38 32.07 16.17
N ASP C 921 0.58 33.32 16.62
CA ASP C 921 -0.31 34.40 16.22
C ASP C 921 -0.24 34.65 14.72
N TYR C 922 0.94 34.47 14.11
CA TYR C 922 1.04 34.64 12.66
C TYR C 922 0.15 33.63 11.93
N PHE C 923 0.28 32.35 12.28
CA PHE C 923 -0.48 31.32 11.56
C PHE C 923 -1.98 31.47 11.76
N GLN C 924 -2.42 32.02 12.90
CA GLN C 924 -3.84 32.18 13.13
C GLN C 924 -4.41 33.38 12.37
N LYS C 925 -3.74 34.53 12.46
CA LYS C 925 -4.27 35.75 11.88
C LYS C 925 -4.02 35.83 10.38
N GLU C 926 -2.85 35.39 9.93
CA GLU C 926 -2.48 35.53 8.52
C GLU C 926 -2.83 34.30 7.68
N GLU C 927 -2.80 33.11 8.27
CA GLU C 927 -3.01 31.87 7.52
C GLU C 927 -4.31 31.16 7.87
N GLY C 928 -5.01 31.59 8.92
CA GLY C 928 -6.22 30.90 9.33
C GLY C 928 -5.97 29.51 9.87
N LEU C 929 -4.85 29.30 10.56
CA LEU C 929 -4.44 27.98 11.02
C LEU C 929 -4.11 28.03 12.50
N GLU C 930 -4.62 27.05 13.25
CA GLU C 930 -4.29 26.90 14.67
C GLU C 930 -3.18 25.86 14.79
N VAL C 931 -1.99 26.31 15.17
CA VAL C 931 -0.87 25.40 15.34
C VAL C 931 -1.18 24.45 16.49
N THR C 932 -1.15 23.15 16.20
CA THR C 932 -1.36 22.12 17.22
C THR C 932 -0.08 21.43 17.63
N MET C 933 0.88 21.29 16.71
CA MET C 933 2.16 20.69 17.04
C MET C 933 3.25 21.38 16.22
N LEU C 934 4.42 21.55 16.84
CA LEU C 934 5.56 22.19 16.19
C LEU C 934 6.80 21.40 16.59
N SER C 935 7.56 20.93 15.61
CA SER C 935 8.69 20.05 15.88
C SER C 935 9.88 20.43 15.01
N SER C 936 11.07 20.30 15.60
CA SER C 936 12.33 20.39 14.88
C SER C 936 12.91 18.98 14.82
N GLY C 937 12.93 18.38 13.64
CA GLY C 937 13.31 16.99 13.53
C GLY C 937 12.32 16.12 14.29
N VAL C 938 12.85 15.20 15.11
CA VAL C 938 12.01 14.35 15.94
C VAL C 938 11.72 14.98 17.30
N SER C 939 12.16 16.20 17.55
CA SER C 939 11.96 16.86 18.82
C SER C 939 10.69 17.71 18.76
N LEU C 940 9.79 17.48 19.72
CA LEU C 940 8.57 18.27 19.81
C LEU C 940 8.87 19.58 20.54
N LEU C 941 8.62 20.70 19.87
CA LEU C 941 8.86 22.01 20.46
C LEU C 941 7.65 22.55 21.19
N TYR C 942 6.45 22.25 20.70
CA TYR C 942 5.23 22.84 21.24
C TYR C 942 4.04 22.04 20.74
N ALA C 943 3.05 21.88 21.61
CA ALA C 943 1.78 21.28 21.24
C ALA C 943 0.69 21.97 22.03
N ASN C 944 -0.41 22.33 21.35
CA ASN C 944 -1.46 23.09 22.01
C ASN C 944 -2.25 22.27 23.02
N PHE C 945 -2.01 20.96 23.11
CA PHE C 945 -2.64 20.13 24.12
C PHE C 945 -1.75 19.89 25.33
N GLN C 946 -0.56 20.49 25.36
CA GLN C 946 0.31 20.39 26.52
C GLN C 946 -0.26 21.21 27.68
N PRO C 947 0.13 20.90 28.91
CA PRO C 947 -0.32 21.70 30.04
C PRO C 947 0.12 23.15 29.86
N PRO C 948 -0.65 24.09 30.43
CA PRO C 948 -0.29 25.51 30.25
C PRO C 948 0.96 25.93 31.00
N LYS C 949 1.53 25.06 31.84
CA LYS C 949 2.76 25.42 32.54
C LYS C 949 3.98 25.32 31.63
N LYS C 950 3.95 24.40 30.66
CA LYS C 950 5.03 24.29 29.69
C LYS C 950 4.99 25.41 28.66
N LEU C 951 3.78 25.90 28.35
CA LEU C 951 3.66 26.99 27.39
C LEU C 951 3.97 28.34 28.00
N ALA C 952 3.76 28.50 29.30
CA ALA C 952 3.92 29.81 29.94
C ALA C 952 5.34 30.32 29.80
N GLU C 953 6.33 29.42 29.86
CA GLU C 953 7.74 29.82 29.80
C GLU C 953 8.38 29.52 28.46
N ARG C 954 7.65 28.92 27.52
CA ARG C 954 8.17 28.66 26.18
C ARG C 954 7.61 29.60 25.13
N LEU C 955 6.40 30.11 25.34
CA LEU C 955 5.81 31.03 24.36
C LEU C 955 6.70 32.24 24.10
N PRO C 956 7.23 32.95 25.11
CA PRO C 956 8.04 34.14 24.83
C PRO C 956 9.44 33.83 24.30
N LEU C 957 9.84 32.56 24.25
CA LEU C 957 11.15 32.20 23.72
C LEU C 957 11.19 32.37 22.20
N LYS C 958 12.38 32.66 21.69
CA LYS C 958 12.58 32.67 20.26
C LYS C 958 12.72 31.24 19.74
N ILE C 959 12.29 31.04 18.49
CA ILE C 959 12.27 29.70 17.91
C ILE C 959 13.65 29.05 18.04
N SER C 960 14.70 29.81 17.74
CA SER C 960 16.06 29.29 17.90
C SER C 960 16.34 28.95 19.36
N GLU C 961 15.97 29.85 20.28
CA GLU C 961 16.12 29.56 21.70
C GLU C 961 15.32 28.33 22.10
N LEU C 962 14.13 28.17 21.51
CA LEU C 962 13.29 27.02 21.83
C LEU C 962 13.93 25.72 21.36
N VAL C 963 14.48 25.70 20.15
CA VAL C 963 15.15 24.50 19.65
C VAL C 963 16.33 24.14 20.55
N GLU C 964 17.06 25.15 21.04
CA GLU C 964 18.22 24.89 21.88
C GLU C 964 17.79 24.30 23.21
N GLN C 965 16.75 24.84 23.83
CA GLN C 965 16.31 24.35 25.13
C GLN C 965 15.76 22.93 25.02
N ILE C 966 14.99 22.63 23.97
CA ILE C 966 14.37 21.32 23.85
C ILE C 966 15.42 20.26 23.54
N THR C 967 16.26 20.52 22.53
CA THR C 967 17.27 19.55 22.13
C THR C 967 18.44 19.47 23.11
N LYS C 968 18.53 20.39 24.07
CA LYS C 968 19.68 20.45 24.97
C LYS C 968 20.98 20.53 24.18
N LYS C 969 20.93 21.17 23.02
CA LYS C 969 22.06 21.25 22.10
C LYS C 969 22.06 22.63 21.46
N LYS C 970 23.18 23.34 21.59
CA LYS C 970 23.26 24.69 21.07
C LYS C 970 23.36 24.68 19.55
N LEU C 971 22.84 25.73 18.93
CA LEU C 971 22.89 25.87 17.48
C LEU C 971 24.26 26.36 17.05
N GLU C 972 24.90 25.62 16.15
CA GLU C 972 26.19 26.02 15.64
C GLU C 972 26.07 27.35 14.90
N PRO C 973 27.04 28.26 15.04
CA PRO C 973 26.85 29.61 14.48
C PRO C 973 26.74 29.66 12.97
N PHE C 974 27.30 28.69 12.25
CA PHE C 974 27.34 28.78 10.79
C PHE C 974 26.02 28.39 10.13
N ARG C 975 25.00 28.01 10.91
CA ARG C 975 23.72 27.64 10.33
C ARG C 975 22.90 28.88 10.04
N LYS C 976 22.33 28.96 8.83
CA LYS C 976 21.61 30.14 8.39
C LYS C 976 20.10 30.00 8.50
N HIS C 977 19.57 28.77 8.51
CA HIS C 977 18.14 28.56 8.54
C HIS C 977 17.79 27.34 9.39
N LEU C 978 16.50 27.17 9.63
CA LEU C 978 15.98 26.14 10.54
C LEU C 978 14.67 25.64 9.97
N VAL C 979 14.61 24.34 9.66
CA VAL C 979 13.43 23.73 9.06
C VAL C 979 12.58 23.11 10.15
N LEU C 980 11.30 23.50 10.20
CA LEU C 980 10.36 22.98 11.17
C LEU C 980 9.15 22.38 10.46
N GLU C 981 8.51 21.43 11.12
CA GLU C 981 7.26 20.84 10.66
C GLU C 981 6.16 21.18 11.65
N ILE C 982 4.95 21.35 11.15
CA ILE C 982 3.81 21.71 11.99
C ILE C 982 2.62 20.83 11.68
N CYS C 983 1.80 20.60 12.70
CA CYS C 983 0.43 20.17 12.55
C CYS C 983 -0.46 21.31 13.01
N CYS C 984 -1.63 21.43 12.38
CA CYS C 984 -2.53 22.52 12.73
C CYS C 984 -3.93 22.19 12.27
N ASP C 985 -4.89 22.97 12.77
CA ASP C 985 -6.28 22.88 12.36
C ASP C 985 -6.59 24.01 11.41
N ASP C 986 -7.46 23.73 10.43
CA ASP C 986 -7.88 24.74 9.48
C ASP C 986 -9.00 25.59 10.10
N ALA C 987 -9.61 26.46 9.30
CA ALA C 987 -10.63 27.37 9.81
C ALA C 987 -11.85 26.63 10.34
N ASN C 988 -12.05 25.38 9.97
CA ASN C 988 -13.16 24.59 10.47
C ASN C 988 -12.80 23.80 11.72
N GLY C 989 -11.55 23.85 12.17
CA GLY C 989 -11.11 23.08 13.32
C GLY C 989 -10.66 21.67 12.99
N GLU C 990 -10.45 21.35 11.73
CA GLU C 990 -10.07 20.02 11.30
C GLU C 990 -8.58 19.95 10.98
N ASP C 991 -7.95 18.86 11.40
CA ASP C 991 -6.54 18.65 11.11
C ASP C 991 -6.29 18.76 9.61
N VAL C 992 -5.16 19.35 9.24
CA VAL C 992 -4.85 19.62 7.84
C VAL C 992 -3.34 19.54 7.65
N GLU C 993 -2.92 19.02 6.51
CA GLU C 993 -1.51 18.96 6.18
C GLU C 993 -1.08 20.29 5.56
N VAL C 994 0.05 20.82 6.00
CA VAL C 994 0.52 22.12 5.54
C VAL C 994 2.01 22.03 5.23
N PRO C 995 2.52 22.96 4.42
CA PRO C 995 3.95 22.94 4.09
C PRO C 995 4.83 23.15 5.30
N PHE C 996 6.12 22.91 5.12
CA PHE C 996 7.09 23.07 6.18
C PHE C 996 7.43 24.54 6.39
N ILE C 997 8.07 24.83 7.52
CA ILE C 997 8.46 26.18 7.90
C ILE C 997 9.97 26.32 7.73
N CYS C 998 10.39 27.48 7.24
CA CYS C 998 11.80 27.82 7.15
C CYS C 998 12.04 29.09 7.95
N ILE C 999 12.78 28.96 9.04
CA ILE C 999 13.12 30.10 9.90
C ILE C 999 14.42 30.69 9.40
N LYS C 1000 14.41 31.98 9.10
CA LYS C 1000 15.61 32.71 8.69
C LYS C 1000 16.31 33.19 9.96
N LEU C 1001 17.37 32.50 10.34
CA LEU C 1001 18.13 32.87 11.53
C LEU C 1001 18.98 34.11 11.26
N MET D 1 -9.45 -6.81 -23.62
CA MET D 1 -8.61 -6.51 -24.82
C MET D 1 -7.15 -6.77 -24.52
N GLN D 2 -6.29 -6.49 -25.50
CA GLN D 2 -4.87 -6.80 -25.42
C GLN D 2 -4.05 -5.53 -25.63
N ILE D 3 -2.92 -5.45 -24.94
CA ILE D 3 -1.97 -4.35 -25.08
C ILE D 3 -0.56 -4.91 -24.95
N PHE D 4 0.42 -4.12 -25.35
CA PHE D 4 1.81 -4.53 -25.37
C PHE D 4 2.66 -3.51 -24.64
N VAL D 5 3.53 -3.99 -23.75
CA VAL D 5 4.41 -3.13 -22.96
C VAL D 5 5.84 -3.48 -23.34
N LYS D 6 6.53 -2.56 -23.99
CA LYS D 6 7.91 -2.76 -24.41
C LYS D 6 8.85 -2.03 -23.46
N THR D 7 9.89 -2.73 -23.00
CA THR D 7 10.81 -2.21 -22.02
C THR D 7 12.03 -1.58 -22.71
N LEU D 8 12.92 -1.00 -21.89
CA LEU D 8 14.13 -0.39 -22.42
C LEU D 8 15.12 -1.41 -22.95
N THR D 9 14.97 -2.69 -22.58
CA THR D 9 15.90 -3.72 -22.99
C THR D 9 15.40 -4.55 -24.16
N GLY D 10 14.26 -4.17 -24.75
CA GLY D 10 13.75 -4.86 -25.91
C GLY D 10 12.76 -5.96 -25.64
N LYS D 11 12.36 -6.15 -24.38
CA LYS D 11 11.37 -7.16 -24.05
C LYS D 11 9.97 -6.64 -24.33
N THR D 12 9.08 -7.56 -24.70
CA THR D 12 7.69 -7.23 -25.01
C THR D 12 6.78 -8.06 -24.12
N ILE D 13 5.98 -7.39 -23.29
CA ILE D 13 5.05 -8.02 -22.38
C ILE D 13 3.65 -7.80 -22.90
N THR D 14 2.90 -8.90 -23.07
CA THR D 14 1.52 -8.84 -23.52
C THR D 14 0.59 -8.99 -22.31
N LEU D 15 -0.42 -8.12 -22.23
CA LEU D 15 -1.33 -8.09 -21.09
C LEU D 15 -2.76 -8.18 -21.59
N GLU D 16 -3.59 -8.88 -20.81
CA GLU D 16 -5.03 -8.94 -21.05
C GLU D 16 -5.71 -7.97 -20.09
N VAL D 17 -6.28 -6.90 -20.62
CA VAL D 17 -6.82 -5.81 -19.81
C VAL D 17 -8.16 -5.37 -20.40
N GLU D 18 -8.84 -4.52 -19.64
CA GLU D 18 -10.06 -3.86 -20.08
C GLU D 18 -9.87 -2.35 -19.95
N SER D 19 -10.56 -1.60 -20.82
CA SER D 19 -10.42 -0.15 -20.81
C SER D 19 -10.78 0.46 -19.47
N SER D 20 -11.60 -0.22 -18.67
CA SER D 20 -12.00 0.29 -17.36
C SER D 20 -11.03 -0.06 -16.25
N ASP D 21 -10.07 -0.95 -16.50
CA ASP D 21 -9.11 -1.32 -15.47
C ASP D 21 -8.35 -0.09 -14.98
N THR D 22 -8.10 -0.04 -13.68
CA THR D 22 -7.30 1.03 -13.11
C THR D 22 -5.83 0.83 -13.46
N ILE D 23 -5.09 1.94 -13.44
CA ILE D 23 -3.64 1.86 -13.63
C ILE D 23 -3.02 0.94 -12.58
N ASP D 24 -3.51 1.03 -11.35
CA ASP D 24 -3.00 0.17 -10.28
C ASP D 24 -3.16 -1.30 -10.64
N ASN D 25 -4.31 -1.67 -11.20
CA ASN D 25 -4.55 -3.05 -11.59
C ASN D 25 -3.62 -3.49 -12.71
N VAL D 26 -3.29 -2.58 -13.63
CA VAL D 26 -2.38 -2.91 -14.72
C VAL D 26 -0.97 -3.10 -14.20
N LYS D 27 -0.50 -2.18 -13.35
CA LYS D 27 0.80 -2.36 -12.72
C LYS D 27 0.86 -3.65 -11.94
N SER D 28 -0.25 -4.04 -11.31
CA SER D 28 -0.30 -5.31 -10.59
C SER D 28 -0.06 -6.48 -11.53
N LYS D 29 -0.65 -6.44 -12.73
CA LYS D 29 -0.42 -7.50 -13.71
C LYS D 29 1.04 -7.55 -14.14
N ILE D 30 1.66 -6.38 -14.31
CA ILE D 30 3.07 -6.34 -14.69
C ILE D 30 3.95 -6.84 -13.55
N GLN D 31 3.53 -6.62 -12.30
CA GLN D 31 4.31 -7.12 -11.18
C GLN D 31 4.27 -8.64 -11.11
N ASP D 32 3.13 -9.24 -11.48
CA ASP D 32 3.03 -10.69 -11.44
C ASP D 32 3.89 -11.35 -12.52
N LYS D 33 4.05 -10.69 -13.67
CA LYS D 33 4.80 -11.26 -14.77
C LYS D 33 6.29 -10.96 -14.69
N GLU D 34 6.67 -9.72 -14.34
CA GLU D 34 8.06 -9.31 -14.34
C GLU D 34 8.66 -9.14 -12.96
N GLY D 35 7.84 -9.05 -11.92
CA GLY D 35 8.35 -8.85 -10.57
C GLY D 35 8.77 -7.43 -10.27
N ILE D 36 8.37 -6.47 -11.08
CA ILE D 36 8.72 -5.07 -10.86
C ILE D 36 7.66 -4.48 -9.93
N PRO D 37 8.03 -3.93 -8.77
CA PRO D 37 7.05 -3.27 -7.91
C PRO D 37 6.35 -2.16 -8.65
N PRO D 38 5.03 -1.99 -8.44
CA PRO D 38 4.32 -0.90 -9.13
C PRO D 38 4.94 0.47 -8.90
N ASP D 39 5.43 0.76 -7.69
CA ASP D 39 6.03 2.06 -7.41
C ASP D 39 7.21 2.36 -8.32
N GLN D 40 7.84 1.33 -8.89
CA GLN D 40 9.00 1.51 -9.75
C GLN D 40 8.67 1.39 -11.23
N GLN D 41 7.40 1.16 -11.57
CA GLN D 41 7.00 1.07 -12.96
C GLN D 41 6.73 2.47 -13.52
N ARG D 42 7.37 2.77 -14.65
CA ARG D 42 7.18 4.03 -15.36
C ARG D 42 6.63 3.68 -16.73
N LEU D 43 5.30 3.73 -16.85
CA LEU D 43 4.60 3.36 -18.07
C LEU D 43 4.24 4.61 -18.85
N ILE D 44 4.54 4.60 -20.14
CA ILE D 44 4.29 5.74 -21.02
C ILE D 44 3.40 5.29 -22.17
N PHE D 45 2.40 6.11 -22.50
CA PHE D 45 1.53 5.86 -23.64
C PHE D 45 1.21 7.17 -24.32
N ALA D 46 1.53 7.27 -25.61
CA ALA D 46 1.26 8.48 -26.39
C ALA D 46 1.80 9.72 -25.69
N GLY D 47 3.01 9.60 -25.16
CA GLY D 47 3.69 10.73 -24.56
C GLY D 47 3.24 11.11 -23.16
N LYS D 48 2.47 10.28 -22.48
CA LYS D 48 2.00 10.60 -21.14
C LYS D 48 2.26 9.43 -20.20
N GLN D 49 2.72 9.74 -19.00
CA GLN D 49 3.08 8.73 -18.02
C GLN D 49 1.86 8.36 -17.19
N LEU D 50 1.58 7.06 -17.12
CA LEU D 50 0.39 6.58 -16.43
C LEU D 50 0.54 6.75 -14.93
N GLU D 51 -0.48 7.32 -14.29
CA GLU D 51 -0.44 7.63 -12.86
C GLU D 51 -1.44 6.76 -12.10
N ASP D 52 -1.05 6.35 -10.91
CA ASP D 52 -1.95 5.58 -10.05
C ASP D 52 -3.20 6.39 -9.75
N GLY D 53 -4.30 5.68 -9.52
CA GLY D 53 -5.57 6.31 -9.22
C GLY D 53 -6.44 6.60 -10.43
N ARG D 54 -5.93 6.39 -11.63
CA ARG D 54 -6.66 6.64 -12.86
C ARG D 54 -6.90 5.32 -13.58
N THR D 55 -7.58 5.41 -14.72
CA THR D 55 -7.92 4.23 -15.52
C THR D 55 -7.24 4.33 -16.89
N LEU D 56 -7.21 3.19 -17.59
CA LEU D 56 -6.66 3.18 -18.94
C LEU D 56 -7.46 4.08 -19.86
N SER D 57 -8.79 4.14 -19.67
CA SER D 57 -9.63 4.95 -20.54
C SER D 57 -9.28 6.43 -20.41
N ASP D 58 -8.79 6.86 -19.25
CA ASP D 58 -8.41 8.26 -19.09
C ASP D 58 -7.31 8.65 -20.08
N TYR D 59 -6.48 7.71 -20.49
CA TYR D 59 -5.41 7.96 -21.45
C TYR D 59 -5.76 7.52 -22.86
N ASN D 60 -7.03 7.19 -23.11
CA ASN D 60 -7.47 6.77 -24.45
C ASN D 60 -6.72 5.53 -24.93
N ILE D 61 -6.48 4.60 -24.02
CA ILE D 61 -5.85 3.33 -24.39
C ILE D 61 -6.92 2.40 -24.93
N GLN D 62 -6.71 1.90 -26.14
CA GLN D 62 -7.71 1.11 -26.85
C GLN D 62 -7.10 -0.23 -27.27
N LYS D 63 -7.73 -0.89 -28.24
CA LYS D 63 -7.34 -2.23 -28.62
C LYS D 63 -5.90 -2.27 -29.13
N GLU D 64 -5.10 -3.14 -28.54
CA GLU D 64 -3.73 -3.40 -28.97
C GLU D 64 -2.92 -2.10 -29.06
N SER D 65 -2.95 -1.33 -27.97
CA SER D 65 -2.07 -0.19 -27.84
C SER D 65 -0.70 -0.66 -27.37
N THR D 66 0.31 0.18 -27.59
CA THR D 66 1.69 -0.13 -27.21
C THR D 66 2.18 0.89 -26.19
N LEU D 67 2.67 0.39 -25.06
CA LEU D 67 3.22 1.22 -24.00
C LEU D 67 4.71 0.97 -23.86
N HIS D 68 5.37 1.86 -23.13
CA HIS D 68 6.80 1.77 -22.86
C HIS D 68 7.03 1.72 -21.36
N LEU D 69 7.87 0.79 -20.93
CA LEU D 69 8.23 0.61 -19.51
C LEU D 69 9.69 1.00 -19.39
N VAL D 70 9.95 2.18 -18.82
CA VAL D 70 11.26 2.80 -18.87
C VAL D 70 11.84 2.91 -17.46
N LEU D 71 13.11 3.30 -17.39
CA LEU D 71 13.82 3.43 -16.14
C LEU D 71 14.72 4.66 -16.19
N ARG D 72 15.12 5.12 -15.01
CA ARG D 72 16.11 6.17 -14.88
C ARG D 72 17.48 5.55 -14.65
N LEU D 73 18.52 6.23 -15.14
CA LEU D 73 19.87 5.71 -15.12
C LEU D 73 20.79 6.68 -14.39
N CYS D 74 21.86 6.14 -13.80
CA CYS D 74 22.69 6.91 -12.87
C CYS D 74 24.11 7.11 -13.36
N GLY D 75 24.42 6.72 -14.60
CA GLY D 75 25.74 6.95 -15.13
C GLY D 75 25.85 8.29 -15.85
N GLY D 76 27.09 8.75 -16.02
CA GLY D 76 27.34 9.99 -16.71
C GLY D 76 28.66 10.62 -16.35
MG MG E . -24.20 -12.43 22.27
MG MG F . -25.51 -15.12 26.84
P1 POP G . -22.86 -11.84 25.40
O1 POP G . -22.44 -10.46 25.86
O2 POP G . -23.10 -11.82 23.91
O3 POP G . -21.80 -12.86 25.73
O POP G . -24.21 -12.27 26.15
P2 POP G . -25.62 -12.48 25.39
O4 POP G . -26.47 -13.37 26.26
O5 POP G . -26.32 -11.15 25.20
O6 POP G . -25.36 -13.16 24.07
P1 POP H . -7.50 -1.72 28.61
O1 POP H . -8.40 -1.43 29.79
O2 POP H . -8.34 -1.88 27.37
O3 POP H . -6.72 -2.99 28.87
O POP H . -6.47 -0.49 28.41
P2 POP H . -6.82 1.00 28.93
O4 POP H . -8.02 1.54 28.20
O5 POP H . -7.12 0.95 30.42
O6 POP H . -5.63 1.90 28.69
S SO4 I . -39.40 -26.66 2.40
O1 SO4 I . -40.25 -26.83 1.22
O2 SO4 I . -39.83 -27.58 3.44
O3 SO4 I . -39.50 -25.29 2.87
O4 SO4 I . -38.02 -26.96 2.03
S SO4 J . -11.98 24.85 30.23
O1 SO4 J . -12.02 24.16 31.52
O2 SO4 J . -13.19 25.63 30.06
O3 SO4 J . -10.82 25.74 30.20
O4 SO4 J . -11.85 23.86 29.17
S SO4 K . -8.95 -2.73 37.52
O1 SO4 K . -9.66 -1.50 37.19
O2 SO4 K . -9.92 -3.80 37.74
O3 SO4 K . -8.08 -3.10 36.41
O4 SO4 K . -8.16 -2.54 38.73
S SO4 L . -23.63 14.66 45.00
O1 SO4 L . -25.01 14.19 45.01
O2 SO4 L . -23.43 15.62 46.08
O3 SO4 L . -23.35 15.31 43.71
O4 SO4 L . -22.72 13.53 45.18
S SO4 M . 21.29 -4.18 14.22
O1 SO4 M . 20.11 -3.37 13.96
O2 SO4 M . 21.17 -4.81 15.54
O3 SO4 M . 21.41 -5.22 13.20
O4 SO4 M . 22.47 -3.33 14.20
C1 EDO N . -4.22 -10.70 35.31
O1 EDO N . -3.21 -11.08 34.38
C2 EDO N . -5.59 -10.79 34.66
O2 EDO N . -5.75 -9.73 33.71
S JZU O . -26.58 -9.90 22.52
N1 JZU O . -32.70 -17.76 18.00
C2 JZU O . -33.14 -17.03 19.03
N3 JZU O . -32.33 -16.24 19.77
C4 JZU O . -31.01 -16.14 19.48
C5 JZU O . -30.48 -16.86 18.43
C6 JZU O . -31.40 -17.72 17.64
N6 JZU O . -30.96 -18.46 16.60
N7 JZU O . -29.16 -16.58 18.37
C8 JZU O . -28.88 -15.71 19.36
N9 JZU O . -30.01 -15.44 20.04
C1' JZU O . -30.14 -14.54 21.21
N18 JZU O . -26.57 -9.21 21.16
C2' JZU O . -29.04 -14.84 22.21
O2' JZU O . -29.45 -15.88 23.10
O2S JZU O . -25.35 -10.71 22.65
C3' JZU O . -28.84 -13.52 22.93
O3' JZU O . -29.58 -13.49 24.15
O3S JZU O . -26.61 -8.87 23.58
C4' JZU O . -29.39 -12.46 21.97
O4' JZU O . -29.99 -13.16 20.87
C5' JZU O . -28.31 -11.51 21.46
N5' JZU O . -27.80 -10.79 22.63
MG MG P . 31.92 7.71 -12.65
MG MG Q . 37.66 8.92 -11.89
P1 POP R . 34.75 6.22 -14.28
O1 POP R . 33.37 6.51 -13.72
O2 POP R . 34.61 5.86 -15.74
O3 POP R . 35.38 5.08 -13.52
O POP R . 35.64 7.54 -14.10
P2 POP R . 34.96 8.97 -13.80
O4 POP R . 34.00 8.80 -12.65
O5 POP R . 34.22 9.46 -15.03
O6 POP R . 36.04 9.96 -13.41
S SO4 S . 20.99 16.17 3.17
O1 SO4 S . 20.16 17.10 2.39
O2 SO4 S . 20.14 15.39 4.07
O3 SO4 S . 21.69 15.28 2.27
O4 SO4 S . 21.95 16.94 3.96
S SO4 T . 22.32 25.38 7.38
O1 SO4 T . 21.63 26.64 7.66
O2 SO4 T . 21.70 24.30 8.13
O3 SO4 T . 22.23 25.10 5.94
O4 SO4 T . 23.73 25.50 7.76
C1 EDO U . 33.62 -9.35 -24.33
O1 EDO U . 34.60 -9.16 -23.31
C2 EDO U . 34.15 -10.33 -25.37
O2 EDO U . 33.17 -10.52 -26.41
S JZU V . 31.01 9.91 -15.39
N1 JZU V . 29.98 16.40 -6.57
C2 JZU V . 30.65 16.81 -7.67
N3 JZU V . 30.97 15.97 -8.68
C4 JZU V . 30.62 14.65 -8.63
C5 JZU V . 29.91 14.17 -7.54
C6 JZU V . 29.58 15.12 -6.45
N6 JZU V . 28.91 14.70 -5.36
N7 JZU V . 29.68 12.85 -7.75
C8 JZU V . 30.24 12.54 -8.95
N9 JZU V . 30.79 13.64 -9.49
C1' JZU V . 31.51 13.72 -10.78
N18 JZU V . 29.50 9.97 -15.52
C2' JZU V . 32.62 12.69 -10.82
O2' JZU V . 33.84 13.26 -10.33
O2S JZU V . 31.40 8.64 -14.71
C3' JZU V . 32.73 12.30 -12.27
O3' JZU V . 33.83 12.99 -12.88
O3S JZU V . 31.61 9.96 -16.75
C4' JZU V . 31.42 12.76 -12.90
O4' JZU V . 30.66 13.40 -11.88
C5' JZU V . 30.66 11.59 -13.48
N5' JZU V . 31.49 11.09 -14.56
#